data_4QGD
# 
_entry.id   4QGD 
# 
_audit_conform.dict_name       mmcif_pdbx.dic 
_audit_conform.dict_version    5.397 
_audit_conform.dict_location   http://mmcif.pdb.org/dictionaries/ascii/mmcif_pdbx.dic 
# 
loop_
_database_2.database_id 
_database_2.database_code 
_database_2.pdbx_database_accession 
_database_2.pdbx_DOI 
PDB   4QGD         pdb_00004qgd 10.2210/pdb4qgd/pdb 
RCSB  RCSB086020   ?            ?                   
WWPDB D_1000086020 ?            ?                   
# 
loop_
_pdbx_audit_revision_history.ordinal 
_pdbx_audit_revision_history.data_content_type 
_pdbx_audit_revision_history.major_revision 
_pdbx_audit_revision_history.minor_revision 
_pdbx_audit_revision_history.revision_date 
1 'Structure model' 1 0 2014-06-18 
2 'Structure model' 1 1 2015-01-28 
3 'Structure model' 1 2 2023-11-08 
4 'Structure model' 1 3 2024-10-30 
# 
_pdbx_audit_revision_details.ordinal             1 
_pdbx_audit_revision_details.revision_ordinal    1 
_pdbx_audit_revision_details.data_content_type   'Structure model' 
_pdbx_audit_revision_details.provider            repository 
_pdbx_audit_revision_details.type                'Initial release' 
_pdbx_audit_revision_details.description         ? 
_pdbx_audit_revision_details.details             ? 
# 
loop_
_pdbx_audit_revision_group.ordinal 
_pdbx_audit_revision_group.revision_ordinal 
_pdbx_audit_revision_group.data_content_type 
_pdbx_audit_revision_group.group 
1 2 'Structure model' 'Database references'    
2 2 'Structure model' 'Structure summary'      
3 3 'Structure model' 'Data collection'        
4 3 'Structure model' 'Database references'    
5 3 'Structure model' 'Derived calculations'   
6 3 'Structure model' 'Refinement description' 
7 4 'Structure model' 'Structure summary'      
# 
loop_
_pdbx_audit_revision_category.ordinal 
_pdbx_audit_revision_category.revision_ordinal 
_pdbx_audit_revision_category.data_content_type 
_pdbx_audit_revision_category.category 
1 3 'Structure model' chem_comp_atom                
2 3 'Structure model' chem_comp_bond                
3 3 'Structure model' database_2                    
4 3 'Structure model' pdbx_initial_refinement_model 
5 3 'Structure model' struct_site                   
6 4 'Structure model' pdbx_entry_details            
7 4 'Structure model' pdbx_modification_feature     
# 
loop_
_pdbx_audit_revision_item.ordinal 
_pdbx_audit_revision_item.revision_ordinal 
_pdbx_audit_revision_item.data_content_type 
_pdbx_audit_revision_item.item 
1 3 'Structure model' '_database_2.pdbx_DOI'                
2 3 'Structure model' '_database_2.pdbx_database_accession' 
3 3 'Structure model' '_struct_site.pdbx_auth_asym_id'      
4 3 'Structure model' '_struct_site.pdbx_auth_comp_id'      
5 3 'Structure model' '_struct_site.pdbx_auth_seq_id'       
# 
_pdbx_database_status.status_code                     REL 
_pdbx_database_status.entry_id                        4QGD 
_pdbx_database_status.recvd_initial_deposition_date   2014-05-22 
_pdbx_database_status.deposit_site                    RCSB 
_pdbx_database_status.process_site                    PDBJ 
_pdbx_database_status.methods_development_category    ? 
_pdbx_database_status.status_code_sf                  REL 
_pdbx_database_status.status_code_mr                  ? 
_pdbx_database_status.SG_entry                        ? 
_pdbx_database_status.status_code_cs                  ? 
_pdbx_database_status.pdb_format_compatible           Y 
_pdbx_database_status.status_code_nmr_data            ? 
# 
loop_
_pdbx_database_related.db_name 
_pdbx_database_related.db_id 
_pdbx_database_related.details 
_pdbx_database_related.content_type 
PDB 1FB2 . unspecified 
PDB 4QEM . unspecified 
PDB 4QER . unspecified 
PDB 4QF7 . unspecified 
PDB 4QF8 . unspecified 
# 
loop_
_audit_author.name 
_audit_author.pdbx_ordinal 
'Shukla, P.K.' 1 
'Sinha, M.'    2 
'Kaur, P.'     3 
'Sharma, S.'   4 
'Singh, T.P.'  5 
# 
_citation.id                        primary 
_citation.title                     'Structures and binding studies of the complexes of phospholipase A2 with five inhibitors' 
_citation.journal_abbrev            Biochim.Biophys.Acta 
_citation.journal_volume            1854 
_citation.page_first                269 
_citation.page_last                 277 
_citation.year                      2015 
_citation.journal_id_ASTM           BBACAQ 
_citation.country                   NE 
_citation.journal_id_ISSN           0006-3002 
_citation.journal_id_CSD            0113 
_citation.book_publisher            ? 
_citation.pdbx_database_id_PubMed   25541253 
_citation.pdbx_database_id_DOI      10.1016/j.bbapap.2014.12.017 
# 
loop_
_citation_author.citation_id 
_citation_author.name 
_citation_author.ordinal 
_citation_author.identifier_ORCID 
primary 'Shukla, P.K.' 1 ? 
primary 'Gautam, L.'   2 ? 
primary 'Sinha, M.'    3 ? 
primary 'Kaur, P.'     4 ? 
primary 'Sharma, S.'   5 ? 
primary 'Singh, T.P.'  6 ? 
# 
loop_
_entity.id 
_entity.type 
_entity.src_method 
_entity.pdbx_description 
_entity.formula_weight 
_entity.pdbx_number_of_molecules 
_entity.pdbx_ec 
_entity.pdbx_mutation 
_entity.pdbx_fragment 
_entity.details 
1 polymer     nat 'Phospholipase A2 VRV-PL-VIIIa'                          13629.767 1   3.1.1.4 ? ? ? 
2 non-polymer syn '3-{3-[(DIMETHYLAMINO)METHYL]-1H-INDOL-7-YL}PROPAN-1-OL' 232.321   1   ?       ? ? ? 
3 water       nat water                                                    18.015    153 ?       ? ? ? 
# 
_entity_poly.entity_id                      1 
_entity_poly.type                           'polypeptide(L)' 
_entity_poly.nstd_linkage                   no 
_entity_poly.nstd_monomer                   no 
_entity_poly.pdbx_seq_one_letter_code       
;SLLEFGKMILEETGKLAIPSYSSYGCYCGWGGKGTPKDATDRCCFVHDCCYGNLPDCNPKSDRYKYKRVNGAIVCEKGTS
CENRICECDKAAAICFRQNLNTYSKKYMLYPDFLCKGELKC
;
_entity_poly.pdbx_seq_one_letter_code_can   
;SLLEFGKMILEETGKLAIPSYSSYGCYCGWGGKGTPKDATDRCCFVHDCCYGNLPDCNPKSDRYKYKRVNGAIVCEKGTS
CENRICECDKAAAICFRQNLNTYSKKYMLYPDFLCKGELKC
;
_entity_poly.pdbx_strand_id                 A 
_entity_poly.pdbx_target_identifier         ? 
# 
loop_
_pdbx_entity_nonpoly.entity_id 
_pdbx_entity_nonpoly.name 
_pdbx_entity_nonpoly.comp_id 
2 '3-{3-[(DIMETHYLAMINO)METHYL]-1H-INDOL-7-YL}PROPAN-1-OL' PZZ 
3 water                                                    HOH 
# 
loop_
_entity_poly_seq.entity_id 
_entity_poly_seq.num 
_entity_poly_seq.mon_id 
_entity_poly_seq.hetero 
1 1   SER n 
1 2   LEU n 
1 3   LEU n 
1 4   GLU n 
1 5   PHE n 
1 6   GLY n 
1 7   LYS n 
1 8   MET n 
1 9   ILE n 
1 10  LEU n 
1 11  GLU n 
1 12  GLU n 
1 13  THR n 
1 14  GLY n 
1 15  LYS n 
1 16  LEU n 
1 17  ALA n 
1 18  ILE n 
1 19  PRO n 
1 20  SER n 
1 21  TYR n 
1 22  SER n 
1 23  SER n 
1 24  TYR n 
1 25  GLY n 
1 26  CYS n 
1 27  TYR n 
1 28  CYS n 
1 29  GLY n 
1 30  TRP n 
1 31  GLY n 
1 32  GLY n 
1 33  LYS n 
1 34  GLY n 
1 35  THR n 
1 36  PRO n 
1 37  LYS n 
1 38  ASP n 
1 39  ALA n 
1 40  THR n 
1 41  ASP n 
1 42  ARG n 
1 43  CYS n 
1 44  CYS n 
1 45  PHE n 
1 46  VAL n 
1 47  HIS n 
1 48  ASP n 
1 49  CYS n 
1 50  CYS n 
1 51  TYR n 
1 52  GLY n 
1 53  ASN n 
1 54  LEU n 
1 55  PRO n 
1 56  ASP n 
1 57  CYS n 
1 58  ASN n 
1 59  PRO n 
1 60  LYS n 
1 61  SER n 
1 62  ASP n 
1 63  ARG n 
1 64  TYR n 
1 65  LYS n 
1 66  TYR n 
1 67  LYS n 
1 68  ARG n 
1 69  VAL n 
1 70  ASN n 
1 71  GLY n 
1 72  ALA n 
1 73  ILE n 
1 74  VAL n 
1 75  CYS n 
1 76  GLU n 
1 77  LYS n 
1 78  GLY n 
1 79  THR n 
1 80  SER n 
1 81  CYS n 
1 82  GLU n 
1 83  ASN n 
1 84  ARG n 
1 85  ILE n 
1 86  CYS n 
1 87  GLU n 
1 88  CYS n 
1 89  ASP n 
1 90  LYS n 
1 91  ALA n 
1 92  ALA n 
1 93  ALA n 
1 94  ILE n 
1 95  CYS n 
1 96  PHE n 
1 97  ARG n 
1 98  GLN n 
1 99  ASN n 
1 100 LEU n 
1 101 ASN n 
1 102 THR n 
1 103 TYR n 
1 104 SER n 
1 105 LYS n 
1 106 LYS n 
1 107 TYR n 
1 108 MET n 
1 109 LEU n 
1 110 TYR n 
1 111 PRO n 
1 112 ASP n 
1 113 PHE n 
1 114 LEU n 
1 115 CYS n 
1 116 LYS n 
1 117 GLY n 
1 118 GLU n 
1 119 LEU n 
1 120 LYS n 
1 121 CYS n 
# 
_entity_src_nat.entity_id                  1 
_entity_src_nat.pdbx_src_id                1 
_entity_src_nat.pdbx_alt_source_flag       sample 
_entity_src_nat.pdbx_beg_seq_num           ? 
_entity_src_nat.pdbx_end_seq_num           ? 
_entity_src_nat.common_name                ? 
_entity_src_nat.pdbx_organism_scientific   'Daboia russellii pulchella' 
_entity_src_nat.pdbx_ncbi_taxonomy_id      97228 
_entity_src_nat.genus                      ? 
_entity_src_nat.species                    ? 
_entity_src_nat.strain                     ? 
_entity_src_nat.tissue                     ? 
_entity_src_nat.tissue_fraction            ? 
_entity_src_nat.pdbx_secretion             ? 
_entity_src_nat.pdbx_fragment              ? 
_entity_src_nat.pdbx_variant               ? 
_entity_src_nat.pdbx_cell_line             ? 
_entity_src_nat.pdbx_atcc                  ? 
_entity_src_nat.pdbx_cellular_location     ? 
_entity_src_nat.pdbx_organ                 ? 
_entity_src_nat.pdbx_organelle             ? 
_entity_src_nat.pdbx_cell                  ? 
_entity_src_nat.pdbx_plasmid_name          ? 
_entity_src_nat.pdbx_plasmid_details       ? 
_entity_src_nat.details                    ? 
# 
loop_
_chem_comp.id 
_chem_comp.type 
_chem_comp.mon_nstd_flag 
_chem_comp.name 
_chem_comp.pdbx_synonyms 
_chem_comp.formula 
_chem_comp.formula_weight 
ALA 'L-peptide linking' y ALANINE                                                  ? 'C3 H7 N O2'     89.093  
ARG 'L-peptide linking' y ARGININE                                                 ? 'C6 H15 N4 O2 1' 175.209 
ASN 'L-peptide linking' y ASPARAGINE                                               ? 'C4 H8 N2 O3'    132.118 
ASP 'L-peptide linking' y 'ASPARTIC ACID'                                          ? 'C4 H7 N O4'     133.103 
CYS 'L-peptide linking' y CYSTEINE                                                 ? 'C3 H7 N O2 S'   121.158 
GLN 'L-peptide linking' y GLUTAMINE                                                ? 'C5 H10 N2 O3'   146.144 
GLU 'L-peptide linking' y 'GLUTAMIC ACID'                                          ? 'C5 H9 N O4'     147.129 
GLY 'peptide linking'   y GLYCINE                                                  ? 'C2 H5 N O2'     75.067  
HIS 'L-peptide linking' y HISTIDINE                                                ? 'C6 H10 N3 O2 1' 156.162 
HOH non-polymer         . WATER                                                    ? 'H2 O'           18.015  
ILE 'L-peptide linking' y ISOLEUCINE                                               ? 'C6 H13 N O2'    131.173 
LEU 'L-peptide linking' y LEUCINE                                                  ? 'C6 H13 N O2'    131.173 
LYS 'L-peptide linking' y LYSINE                                                   ? 'C6 H15 N2 O2 1' 147.195 
MET 'L-peptide linking' y METHIONINE                                               ? 'C5 H11 N O2 S'  149.211 
PHE 'L-peptide linking' y PHENYLALANINE                                            ? 'C9 H11 N O2'    165.189 
PRO 'L-peptide linking' y PROLINE                                                  ? 'C5 H9 N O2'     115.130 
PZZ non-polymer         . '3-{3-[(DIMETHYLAMINO)METHYL]-1H-INDOL-7-YL}PROPAN-1-OL' ? 'C14 H20 N2 O'   232.321 
SER 'L-peptide linking' y SERINE                                                   ? 'C3 H7 N O3'     105.093 
THR 'L-peptide linking' y THREONINE                                                ? 'C4 H9 N O3'     119.119 
TRP 'L-peptide linking' y TRYPTOPHAN                                               ? 'C11 H12 N2 O2'  204.225 
TYR 'L-peptide linking' y TYROSINE                                                 ? 'C9 H11 N O3'    181.189 
VAL 'L-peptide linking' y VALINE                                                   ? 'C5 H11 N O2'    117.146 
# 
loop_
_pdbx_poly_seq_scheme.asym_id 
_pdbx_poly_seq_scheme.entity_id 
_pdbx_poly_seq_scheme.seq_id 
_pdbx_poly_seq_scheme.mon_id 
_pdbx_poly_seq_scheme.ndb_seq_num 
_pdbx_poly_seq_scheme.pdb_seq_num 
_pdbx_poly_seq_scheme.auth_seq_num 
_pdbx_poly_seq_scheme.pdb_mon_id 
_pdbx_poly_seq_scheme.auth_mon_id 
_pdbx_poly_seq_scheme.pdb_strand_id 
_pdbx_poly_seq_scheme.pdb_ins_code 
_pdbx_poly_seq_scheme.hetero 
A 1 1   SER 1   1   1   SER SER A . n 
A 1 2   LEU 2   2   2   LEU LEU A . n 
A 1 3   LEU 3   3   3   LEU LEU A . n 
A 1 4   GLU 4   4   4   GLU GLU A . n 
A 1 5   PHE 5   5   5   PHE PHE A . n 
A 1 6   GLY 6   6   6   GLY GLY A . n 
A 1 7   LYS 7   7   7   LYS LYS A . n 
A 1 8   MET 8   8   8   MET MET A . n 
A 1 9   ILE 9   9   9   ILE ILE A . n 
A 1 10  LEU 10  10  10  LEU LEU A . n 
A 1 11  GLU 11  11  11  GLU GLU A . n 
A 1 12  GLU 12  12  12  GLU GLU A . n 
A 1 13  THR 13  13  13  THR THR A . n 
A 1 14  GLY 14  14  14  GLY GLY A . n 
A 1 15  LYS 15  16  16  LYS LYS A . n 
A 1 16  LEU 16  17  17  LEU LEU A . n 
A 1 17  ALA 17  18  18  ALA ALA A . n 
A 1 18  ILE 18  19  19  ILE ILE A . n 
A 1 19  PRO 19  20  20  PRO PRO A . n 
A 1 20  SER 20  21  21  SER SER A . n 
A 1 21  TYR 21  22  22  TYR TYR A . n 
A 1 22  SER 22  23  23  SER SER A . n 
A 1 23  SER 23  24  24  SER SER A . n 
A 1 24  TYR 24  25  25  TYR TYR A . n 
A 1 25  GLY 25  26  26  GLY GLY A . n 
A 1 26  CYS 26  27  27  CYS CYS A . n 
A 1 27  TYR 27  28  28  TYR TYR A . n 
A 1 28  CYS 28  29  29  CYS CYS A . n 
A 1 29  GLY 29  30  30  GLY GLY A . n 
A 1 30  TRP 30  31  31  TRP TRP A . n 
A 1 31  GLY 31  32  32  GLY GLY A . n 
A 1 32  GLY 32  33  33  GLY GLY A . n 
A 1 33  LYS 33  34  34  LYS LYS A . n 
A 1 34  GLY 34  35  35  GLY GLY A . n 
A 1 35  THR 35  36  36  THR THR A . n 
A 1 36  PRO 36  37  37  PRO PRO A . n 
A 1 37  LYS 37  38  38  LYS LYS A . n 
A 1 38  ASP 38  39  39  ASP ASP A . n 
A 1 39  ALA 39  40  40  ALA ALA A . n 
A 1 40  THR 40  41  41  THR THR A . n 
A 1 41  ASP 41  42  42  ASP ASP A . n 
A 1 42  ARG 42  43  43  ARG ARG A . n 
A 1 43  CYS 43  44  44  CYS CYS A . n 
A 1 44  CYS 44  45  45  CYS CYS A . n 
A 1 45  PHE 45  46  46  PHE PHE A . n 
A 1 46  VAL 46  47  47  VAL VAL A . n 
A 1 47  HIS 47  48  48  HIS HIS A . n 
A 1 48  ASP 48  49  49  ASP ASP A . n 
A 1 49  CYS 49  50  50  CYS CYS A . n 
A 1 50  CYS 50  51  51  CYS CYS A . n 
A 1 51  TYR 51  52  52  TYR TYR A . n 
A 1 52  GLY 52  53  53  GLY GLY A . n 
A 1 53  ASN 53  54  54  ASN ASN A . n 
A 1 54  LEU 54  55  55  LEU LEU A . n 
A 1 55  PRO 55  56  56  PRO PRO A . n 
A 1 56  ASP 56  59  59  ASP ASP A . n 
A 1 57  CYS 57  61  61  CYS CYS A . n 
A 1 58  ASN 58  67  67  ASN ASN A . n 
A 1 59  PRO 59  68  68  PRO PRO A . n 
A 1 60  LYS 60  69  69  LYS LYS A . n 
A 1 61  SER 61  70  70  SER SER A . n 
A 1 62  ASP 62  71  71  ASP ASP A . n 
A 1 63  ARG 63  72  72  ARG ARG A . n 
A 1 64  TYR 64  73  73  TYR TYR A . n 
A 1 65  LYS 65  74  74  LYS LYS A . n 
A 1 66  TYR 66  75  75  TYR TYR A . n 
A 1 67  LYS 67  76  76  LYS LYS A . n 
A 1 68  ARG 68  77  77  ARG ARG A . n 
A 1 69  VAL 69  78  78  VAL VAL A . n 
A 1 70  ASN 70  79  79  ASN ASN A . n 
A 1 71  GLY 71  80  80  GLY GLY A . n 
A 1 72  ALA 72  81  81  ALA ALA A . n 
A 1 73  ILE 73  82  82  ILE ILE A . n 
A 1 74  VAL 74  83  83  VAL VAL A . n 
A 1 75  CYS 75  84  84  CYS CYS A . n 
A 1 76  GLU 76  85  85  GLU GLU A . n 
A 1 77  LYS 77  86  86  LYS LYS A . n 
A 1 78  GLY 78  88  88  GLY GLY A . n 
A 1 79  THR 79  89  89  THR THR A . n 
A 1 80  SER 80  90  90  SER SER A . n 
A 1 81  CYS 81  91  91  CYS CYS A . n 
A 1 82  GLU 82  92  92  GLU GLU A . n 
A 1 83  ASN 83  93  93  ASN ASN A . n 
A 1 84  ARG 84  94  94  ARG ARG A . n 
A 1 85  ILE 85  95  95  ILE ILE A . n 
A 1 86  CYS 86  96  96  CYS CYS A . n 
A 1 87  GLU 87  97  97  GLU GLU A . n 
A 1 88  CYS 88  98  98  CYS CYS A . n 
A 1 89  ASP 89  99  99  ASP ASP A . n 
A 1 90  LYS 90  100 100 LYS LYS A . n 
A 1 91  ALA 91  101 101 ALA ALA A . n 
A 1 92  ALA 92  102 102 ALA ALA A . n 
A 1 93  ALA 93  103 103 ALA ALA A . n 
A 1 94  ILE 94  104 104 ILE ILE A . n 
A 1 95  CYS 95  105 105 CYS CYS A . n 
A 1 96  PHE 96  106 106 PHE PHE A . n 
A 1 97  ARG 97  107 107 ARG ARG A . n 
A 1 98  GLN 98  108 108 GLN GLN A . n 
A 1 99  ASN 99  109 109 ASN ASN A . n 
A 1 100 LEU 100 110 110 LEU LEU A . n 
A 1 101 ASN 101 111 111 ASN ASN A . n 
A 1 102 THR 102 112 112 THR THR A . n 
A 1 103 TYR 103 113 113 TYR TYR A . n 
A 1 104 SER 104 114 114 SER SER A . n 
A 1 105 LYS 105 115 115 LYS LYS A . n 
A 1 106 LYS 106 116 116 LYS LYS A . n 
A 1 107 TYR 107 117 117 TYR TYR A . n 
A 1 108 MET 108 118 118 MET MET A . n 
A 1 109 LEU 109 119 119 LEU LEU A . n 
A 1 110 TYR 110 120 120 TYR TYR A . n 
A 1 111 PRO 111 121 121 PRO PRO A . n 
A 1 112 ASP 112 122 122 ASP ASP A . n 
A 1 113 PHE 113 124 124 PHE PHE A . n 
A 1 114 LEU 114 125 125 LEU LEU A . n 
A 1 115 CYS 115 126 126 CYS CYS A . n 
A 1 116 LYS 116 127 127 LYS LYS A . n 
A 1 117 GLY 117 128 128 GLY GLY A . n 
A 1 118 GLU 118 129 129 GLU GLU A . n 
A 1 119 LEU 119 130 130 LEU LEU A . n 
A 1 120 LYS 120 131 131 LYS LYS A . n 
A 1 121 CYS 121 133 133 CYS CYS A . n 
# 
loop_
_pdbx_nonpoly_scheme.asym_id 
_pdbx_nonpoly_scheme.entity_id 
_pdbx_nonpoly_scheme.mon_id 
_pdbx_nonpoly_scheme.ndb_seq_num 
_pdbx_nonpoly_scheme.pdb_seq_num 
_pdbx_nonpoly_scheme.auth_seq_num 
_pdbx_nonpoly_scheme.pdb_mon_id 
_pdbx_nonpoly_scheme.auth_mon_id 
_pdbx_nonpoly_scheme.pdb_strand_id 
_pdbx_nonpoly_scheme.pdb_ins_code 
B 2 PZZ 1   201 1   PZZ PZZ A . 
C 3 HOH 1   301 1   HOH HOH A . 
C 3 HOH 2   302 2   HOH HOH A . 
C 3 HOH 3   303 3   HOH HOH A . 
C 3 HOH 4   304 5   HOH HOH A . 
C 3 HOH 5   305 6   HOH HOH A . 
C 3 HOH 6   306 8   HOH HOH A . 
C 3 HOH 7   307 9   HOH HOH A . 
C 3 HOH 8   308 10  HOH HOH A . 
C 3 HOH 9   309 11  HOH HOH A . 
C 3 HOH 10  310 12  HOH HOH A . 
C 3 HOH 11  311 13  HOH HOH A . 
C 3 HOH 12  312 14  HOH HOH A . 
C 3 HOH 13  313 15  HOH HOH A . 
C 3 HOH 14  314 16  HOH HOH A . 
C 3 HOH 15  315 17  HOH HOH A . 
C 3 HOH 16  316 18  HOH HOH A . 
C 3 HOH 17  317 19  HOH HOH A . 
C 3 HOH 18  318 20  HOH HOH A . 
C 3 HOH 19  319 21  HOH HOH A . 
C 3 HOH 20  320 22  HOH HOH A . 
C 3 HOH 21  321 23  HOH HOH A . 
C 3 HOH 22  322 24  HOH HOH A . 
C 3 HOH 23  323 25  HOH HOH A . 
C 3 HOH 24  324 26  HOH HOH A . 
C 3 HOH 25  325 27  HOH HOH A . 
C 3 HOH 26  326 28  HOH HOH A . 
C 3 HOH 27  327 29  HOH HOH A . 
C 3 HOH 28  328 30  HOH HOH A . 
C 3 HOH 29  329 31  HOH HOH A . 
C 3 HOH 30  330 32  HOH HOH A . 
C 3 HOH 31  331 33  HOH HOH A . 
C 3 HOH 32  332 34  HOH HOH A . 
C 3 HOH 33  333 35  HOH HOH A . 
C 3 HOH 34  334 36  HOH HOH A . 
C 3 HOH 35  335 37  HOH HOH A . 
C 3 HOH 36  336 38  HOH HOH A . 
C 3 HOH 37  337 39  HOH HOH A . 
C 3 HOH 38  338 40  HOH HOH A . 
C 3 HOH 39  339 41  HOH HOH A . 
C 3 HOH 40  340 42  HOH HOH A . 
C 3 HOH 41  341 43  HOH HOH A . 
C 3 HOH 42  342 44  HOH HOH A . 
C 3 HOH 43  343 45  HOH HOH A . 
C 3 HOH 44  344 46  HOH HOH A . 
C 3 HOH 45  345 47  HOH HOH A . 
C 3 HOH 46  346 48  HOH HOH A . 
C 3 HOH 47  347 49  HOH HOH A . 
C 3 HOH 48  348 50  HOH HOH A . 
C 3 HOH 49  349 51  HOH HOH A . 
C 3 HOH 50  350 52  HOH HOH A . 
C 3 HOH 51  351 53  HOH HOH A . 
C 3 HOH 52  352 54  HOH HOH A . 
C 3 HOH 53  353 55  HOH HOH A . 
C 3 HOH 54  354 56  HOH HOH A . 
C 3 HOH 55  355 57  HOH HOH A . 
C 3 HOH 56  356 58  HOH HOH A . 
C 3 HOH 57  357 59  HOH HOH A . 
C 3 HOH 58  358 61  HOH HOH A . 
C 3 HOH 59  359 62  HOH HOH A . 
C 3 HOH 60  360 64  HOH HOH A . 
C 3 HOH 61  361 65  HOH HOH A . 
C 3 HOH 62  362 66  HOH HOH A . 
C 3 HOH 63  363 67  HOH HOH A . 
C 3 HOH 64  364 68  HOH HOH A . 
C 3 HOH 65  365 69  HOH HOH A . 
C 3 HOH 66  366 71  HOH HOH A . 
C 3 HOH 67  367 72  HOH HOH A . 
C 3 HOH 68  368 73  HOH HOH A . 
C 3 HOH 69  369 75  HOH HOH A . 
C 3 HOH 70  370 76  HOH HOH A . 
C 3 HOH 71  371 77  HOH HOH A . 
C 3 HOH 72  372 78  HOH HOH A . 
C 3 HOH 73  373 79  HOH HOH A . 
C 3 HOH 74  374 82  HOH HOH A . 
C 3 HOH 75  375 83  HOH HOH A . 
C 3 HOH 76  376 84  HOH HOH A . 
C 3 HOH 77  377 85  HOH HOH A . 
C 3 HOH 78  378 86  HOH HOH A . 
C 3 HOH 79  379 87  HOH HOH A . 
C 3 HOH 80  380 88  HOH HOH A . 
C 3 HOH 81  381 89  HOH HOH A . 
C 3 HOH 82  382 91  HOH HOH A . 
C 3 HOH 83  383 93  HOH HOH A . 
C 3 HOH 84  384 94  HOH HOH A . 
C 3 HOH 85  385 95  HOH HOH A . 
C 3 HOH 86  386 96  HOH HOH A . 
C 3 HOH 87  387 97  HOH HOH A . 
C 3 HOH 88  388 98  HOH HOH A . 
C 3 HOH 89  389 99  HOH HOH A . 
C 3 HOH 90  390 100 HOH HOH A . 
C 3 HOH 91  391 101 HOH HOH A . 
C 3 HOH 92  392 102 HOH HOH A . 
C 3 HOH 93  393 103 HOH HOH A . 
C 3 HOH 94  394 104 HOH HOH A . 
C 3 HOH 95  395 105 HOH HOH A . 
C 3 HOH 96  396 106 HOH HOH A . 
C 3 HOH 97  397 108 HOH HOH A . 
C 3 HOH 98  398 109 HOH HOH A . 
C 3 HOH 99  399 110 HOH HOH A . 
C 3 HOH 100 400 111 HOH HOH A . 
C 3 HOH 101 401 112 HOH HOH A . 
C 3 HOH 102 402 113 HOH HOH A . 
C 3 HOH 103 403 114 HOH HOH A . 
C 3 HOH 104 404 115 HOH HOH A . 
C 3 HOH 105 405 116 HOH HOH A . 
C 3 HOH 106 406 117 HOH HOH A . 
C 3 HOH 107 407 118 HOH HOH A . 
C 3 HOH 108 408 119 HOH HOH A . 
C 3 HOH 109 409 120 HOH HOH A . 
C 3 HOH 110 410 121 HOH HOH A . 
C 3 HOH 111 411 122 HOH HOH A . 
C 3 HOH 112 412 123 HOH HOH A . 
C 3 HOH 113 413 124 HOH HOH A . 
C 3 HOH 114 414 125 HOH HOH A . 
C 3 HOH 115 415 126 HOH HOH A . 
C 3 HOH 116 416 127 HOH HOH A . 
C 3 HOH 117 417 128 HOH HOH A . 
C 3 HOH 118 418 129 HOH HOH A . 
C 3 HOH 119 419 130 HOH HOH A . 
C 3 HOH 120 420 131 HOH HOH A . 
C 3 HOH 121 421 132 HOH HOH A . 
C 3 HOH 122 422 134 HOH HOH A . 
C 3 HOH 123 423 136 HOH HOH A . 
C 3 HOH 124 424 137 HOH HOH A . 
C 3 HOH 125 425 138 HOH HOH A . 
C 3 HOH 126 426 139 HOH HOH A . 
C 3 HOH 127 427 140 HOH HOH A . 
C 3 HOH 128 428 141 HOH HOH A . 
C 3 HOH 129 429 142 HOH HOH A . 
C 3 HOH 130 430 143 HOH HOH A . 
C 3 HOH 131 431 144 HOH HOH A . 
C 3 HOH 132 432 146 HOH HOH A . 
C 3 HOH 133 433 148 HOH HOH A . 
C 3 HOH 134 434 149 HOH HOH A . 
C 3 HOH 135 435 150 HOH HOH A . 
C 3 HOH 136 436 153 HOH HOH A . 
C 3 HOH 137 437 154 HOH HOH A . 
C 3 HOH 138 438 155 HOH HOH A . 
C 3 HOH 139 439 156 HOH HOH A . 
C 3 HOH 140 440 158 HOH HOH A . 
C 3 HOH 141 441 159 HOH HOH A . 
C 3 HOH 142 442 160 HOH HOH A . 
C 3 HOH 143 443 161 HOH HOH A . 
C 3 HOH 144 444 162 HOH HOH A . 
C 3 HOH 145 445 163 HOH HOH A . 
C 3 HOH 146 446 164 HOH HOH A . 
C 3 HOH 147 447 165 HOH HOH A . 
C 3 HOH 148 448 166 HOH HOH A . 
C 3 HOH 149 449 167 HOH HOH A . 
C 3 HOH 150 450 168 HOH HOH A . 
C 3 HOH 151 451 169 HOH HOH A . 
C 3 HOH 152 452 171 HOH HOH A . 
C 3 HOH 153 453 174 HOH HOH A . 
# 
loop_
_software.name 
_software.classification 
_software.version 
_software.citation_id 
_software.pdbx_ordinal 
HKL-2000  'data collection' .        ? 1 
AMoRE     phasing           .        ? 2 
REFMAC    refinement        5.6.0117 ? 3 
HKL-2000  'data reduction'  .        ? 4 
SCALEPACK 'data scaling'    .        ? 5 
# 
_cell.entry_id           4QGD 
_cell.length_a           51.572 
_cell.length_b           51.572 
_cell.length_c           48.097 
_cell.angle_alpha        90.00 
_cell.angle_beta         90.00 
_cell.angle_gamma        90.00 
_cell.Z_PDB              4 
_cell.pdbx_unique_axis   ? 
_cell.length_a_esd       ? 
_cell.length_b_esd       ? 
_cell.length_c_esd       ? 
_cell.angle_alpha_esd    ? 
_cell.angle_beta_esd     ? 
_cell.angle_gamma_esd    ? 
# 
_symmetry.entry_id                         4QGD 
_symmetry.space_group_name_H-M             'P 43' 
_symmetry.pdbx_full_space_group_name_H-M   ? 
_symmetry.cell_setting                     ? 
_symmetry.Int_Tables_number                78 
_symmetry.space_group_name_Hall            ? 
# 
_exptl.entry_id          4QGD 
_exptl.method            'X-RAY DIFFRACTION' 
_exptl.crystals_number   1 
# 
_exptl_crystal.id                    1 
_exptl_crystal.density_meas          ? 
_exptl_crystal.density_Matthews      2.35 
_exptl_crystal.density_percent_sol   47.58 
_exptl_crystal.description           ? 
_exptl_crystal.F_000                 ? 
_exptl_crystal.preparation           ? 
# 
_exptl_crystal_grow.crystal_id      1 
_exptl_crystal_grow.method          'VAPOR DIFFUSION, HANGING DROP' 
_exptl_crystal_grow.temp            298 
_exptl_crystal_grow.temp_details    ? 
_exptl_crystal_grow.pH              6.5 
_exptl_crystal_grow.pdbx_details    'Ammonium acetate, PEG 4000, pH 6.5, VAPOR DIFFUSION, HANGING DROP, temperature 298K' 
_exptl_crystal_grow.pdbx_pH_range   . 
# 
_diffrn.id                     1 
_diffrn.ambient_temp           77 
_diffrn.ambient_temp_details   ? 
_diffrn.crystal_id             1 
# 
_diffrn_detector.diffrn_id              1 
_diffrn_detector.detector               CCD 
_diffrn_detector.type                   MARRESEARCH 
_diffrn_detector.pdbx_collection_date   2014-02-24 
_diffrn_detector.details                mirror 
# 
_diffrn_radiation.diffrn_id                        1 
_diffrn_radiation.wavelength_id                    1 
_diffrn_radiation.pdbx_monochromatic_or_laue_m_l   M 
_diffrn_radiation.monochromator                    Graphite 
_diffrn_radiation.pdbx_diffrn_protocol             'SINGLE WAVELENGTH' 
_diffrn_radiation.pdbx_scattering_type             x-ray 
# 
_diffrn_radiation_wavelength.id           1 
_diffrn_radiation_wavelength.wavelength   0.97 
_diffrn_radiation_wavelength.wt           1.0 
# 
_diffrn_source.diffrn_id                   1 
_diffrn_source.source                      SYNCHROTRON 
_diffrn_source.type                        'ESRF BEAMLINE BM14' 
_diffrn_source.pdbx_synchrotron_site       ESRF 
_diffrn_source.pdbx_synchrotron_beamline   BM14 
_diffrn_source.pdbx_wavelength             ? 
_diffrn_source.pdbx_wavelength_list        0.97 
# 
_reflns.entry_id                     4QGD 
_reflns.observed_criterion_sigma_I   0.0 
_reflns.observed_criterion_sigma_F   0.0 
_reflns.d_resolution_low             50 
_reflns.d_resolution_high            1.80 
_reflns.number_obs                   10857 
_reflns.number_all                   ? 
_reflns.percent_possible_obs         93.4 
_reflns.pdbx_Rmerge_I_obs            0.080 
_reflns.pdbx_Rsym_value              ? 
_reflns.pdbx_netI_over_sigmaI        ? 
_reflns.B_iso_Wilson_estimate        36.9 
_reflns.pdbx_redundancy              ? 
_reflns.R_free_details               ? 
_reflns.limit_h_max                  ? 
_reflns.limit_h_min                  ? 
_reflns.limit_k_max                  ? 
_reflns.limit_k_min                  ? 
_reflns.limit_l_max                  ? 
_reflns.limit_l_min                  ? 
_reflns.observed_criterion_F_max     ? 
_reflns.observed_criterion_F_min     ? 
_reflns.pdbx_chi_squared             ? 
_reflns.pdbx_scaling_rejects         ? 
_reflns.pdbx_ordinal                 1 
_reflns.pdbx_diffrn_id               1 
# 
_reflns_shell.d_res_high                  1.80 
_reflns_shell.d_res_low                   1.85 
_reflns_shell.percent_possible_all        91.5 
_reflns_shell.Rmerge_I_obs                0.188 
_reflns_shell.pdbx_Rsym_value             ? 
_reflns_shell.meanI_over_sigI_obs         3.3 
_reflns_shell.pdbx_redundancy             ? 
_reflns_shell.percent_possible_obs        ? 
_reflns_shell.number_unique_all           ? 
_reflns_shell.number_measured_all         ? 
_reflns_shell.number_measured_obs         ? 
_reflns_shell.number_unique_obs           ? 
_reflns_shell.pdbx_chi_squared            ? 
_reflns_shell.pdbx_rejects                ? 
_reflns_shell.pdbx_netI_over_sigmaI_obs   ? 
_reflns_shell.number_possible             ? 
_reflns_shell.Rmerge_F_all                ? 
_reflns_shell.Rmerge_F_obs                ? 
_reflns_shell.Rmerge_I_all                ? 
_reflns_shell.meanI_over_sigI_all         ? 
_reflns_shell.pdbx_Rrim_I_all             ? 
_reflns_shell.pdbx_Rpim_I_all             ? 
_reflns_shell.pdbx_ordinal                1 
_reflns_shell.pdbx_diffrn_id              1 
# 
_refine.entry_id                                 4QGD 
_refine.ls_number_reflns_obs                     10341 
_refine.ls_number_reflns_all                     10857 
_refine.pdbx_ls_sigma_I                          0.0 
_refine.pdbx_ls_sigma_F                          0.0 
_refine.pdbx_data_cutoff_high_absF               ? 
_refine.pdbx_data_cutoff_low_absF                ? 
_refine.pdbx_data_cutoff_high_rms_absF           ? 
_refine.ls_d_res_low                             35.174 
_refine.ls_d_res_high                            1.80 
_refine.ls_percent_reflns_obs                    91.50 
_refine.ls_R_factor_obs                          0.19793 
_refine.ls_R_factor_all                          0.19793 
_refine.ls_R_factor_R_work                       0.19547 
_refine.ls_R_factor_R_free                       0.24780 
_refine.ls_R_factor_R_free_error                 ? 
_refine.ls_R_factor_R_free_error_details         ? 
_refine.ls_percent_reflns_R_free                 4.7 
_refine.ls_number_reflns_R_free                  514 
_refine.ls_number_parameters                     ? 
_refine.ls_number_restraints                     ? 
_refine.occupancy_min                            ? 
_refine.occupancy_max                            ? 
_refine.correlation_coeff_Fo_to_Fc               0.952 
_refine.correlation_coeff_Fo_to_Fc_free          0.906 
_refine.B_iso_mean                               28.764 
_refine.aniso_B[1][1]                            -0.07 
_refine.aniso_B[2][2]                            -0.07 
_refine.aniso_B[3][3]                            0.14 
_refine.aniso_B[1][2]                            -0.00 
_refine.aniso_B[1][3]                            -0.00 
_refine.aniso_B[2][3]                            -0.00 
_refine.solvent_model_details                    MASK 
_refine.solvent_model_param_ksol                 ? 
_refine.solvent_model_param_bsol                 ? 
_refine.pdbx_solvent_vdw_probe_radii             1.20 
_refine.pdbx_solvent_ion_probe_radii             0.80 
_refine.pdbx_solvent_shrinkage_radii             0.80 
_refine.pdbx_ls_cross_valid_method               THROUGHOUT 
_refine.details                                  'HYDROGENS HAVE BEEN USED IF PRESENT IN THE INPUT' 
_refine.pdbx_starting_model                      1FB2 
_refine.pdbx_method_to_determine_struct          'MOLECULAR REPLACEMENT' 
_refine.pdbx_isotropic_thermal_model             ? 
_refine.pdbx_stereochemistry_target_values       'MAXIMUM LIKELIHOOD' 
_refine.pdbx_stereochem_target_val_spec_case     ? 
_refine.pdbx_R_Free_selection_details            RANDOM 
_refine.pdbx_overall_ESU_R                       0.162 
_refine.pdbx_overall_ESU_R_Free                  0.154 
_refine.overall_SU_ML                            0.102 
_refine.pdbx_overall_phase_error                 ? 
_refine.overall_SU_B                             3.400 
_refine.overall_SU_R_Cruickshank_DPI             ? 
_refine.ls_redundancy_reflns_obs                 ? 
_refine.B_iso_min                                ? 
_refine.B_iso_max                                ? 
_refine.overall_SU_R_free                        ? 
_refine.ls_wR_factor_R_free                      ? 
_refine.ls_wR_factor_R_work                      ? 
_refine.overall_FOM_free_R_set                   ? 
_refine.overall_FOM_work_R_set                   ? 
_refine.pdbx_diffrn_id                           1 
_refine.pdbx_refine_id                           'X-RAY DIFFRACTION' 
_refine.pdbx_TLS_residual_ADP_flag               ? 
_refine.pdbx_overall_SU_R_free_Cruickshank_DPI   ? 
_refine.pdbx_overall_SU_R_Blow_DPI               ? 
_refine.pdbx_overall_SU_R_free_Blow_DPI          ? 
# 
_refine_hist.pdbx_refine_id                   'X-RAY DIFFRACTION' 
_refine_hist.cycle_id                         LAST 
_refine_hist.pdbx_number_atoms_protein        943 
_refine_hist.pdbx_number_atoms_nucleic_acid   0 
_refine_hist.pdbx_number_atoms_ligand         17 
_refine_hist.number_atoms_solvent             153 
_refine_hist.number_atoms_total               1113 
_refine_hist.d_res_high                       1.80 
_refine_hist.d_res_low                        35.174 
# 
loop_
_refine_ls_restr.type 
_refine_ls_restr.dev_ideal 
_refine_ls_restr.dev_ideal_target 
_refine_ls_restr.weight 
_refine_ls_restr.number 
_refine_ls_restr.pdbx_restraint_function 
_refine_ls_restr.pdbx_refine_id 
r_bond_refined_d       0.021  0.020  ? 981  ? 'X-RAY DIFFRACTION' 
r_angle_refined_deg    1.900  1.998  ? 1309 ? 'X-RAY DIFFRACTION' 
r_dihedral_angle_1_deg 4.874  5.000  ? 113  ? 'X-RAY DIFFRACTION' 
r_dihedral_angle_2_deg 39.782 23.902 ? 41   ? 'X-RAY DIFFRACTION' 
r_dihedral_angle_3_deg 15.182 15.000 ? 174  ? 'X-RAY DIFFRACTION' 
r_dihedral_angle_4_deg 4.126  15.000 ? 5    ? 'X-RAY DIFFRACTION' 
r_chiral_restr         0.143  0.200  ? 133  ? 'X-RAY DIFFRACTION' 
r_gen_planes_refined   0.012  0.021  ? 708  ? 'X-RAY DIFFRACTION' 
# 
_refine_ls_shell.pdbx_refine_id                   'X-RAY DIFFRACTION' 
_refine_ls_shell.pdbx_total_number_of_bins_used   20 
_refine_ls_shell.d_res_high                       1.798 
_refine_ls_shell.d_res_low                        1.845 
_refine_ls_shell.number_reflns_R_work             730 
_refine_ls_shell.R_factor_R_work                  0.269 
_refine_ls_shell.percent_reflns_obs               91.26 
_refine_ls_shell.R_factor_R_free                  0.345 
_refine_ls_shell.R_factor_R_free_error            ? 
_refine_ls_shell.percent_reflns_R_free            ? 
_refine_ls_shell.number_reflns_R_free             43 
_refine_ls_shell.number_reflns_all                ? 
_refine_ls_shell.R_factor_all                     ? 
_refine_ls_shell.number_reflns_obs                ? 
_refine_ls_shell.redundancy_reflns_obs            ? 
# 
_struct.entry_id                  4QGD 
_struct.title                     
'Crystal Structure of the Complex of Phospholipase A2 with Gramine derivative at 1.80 A Resolution' 
_struct.pdbx_model_details        ? 
_struct.pdbx_CASP_flag            ? 
_struct.pdbx_model_type_details   ? 
# 
_struct_keywords.entry_id        4QGD 
_struct_keywords.pdbx_keywords   'HYDROLASE/HYDROLASE INHIBITOR' 
_struct_keywords.text            'HYDROLASE-HYDROLASE INHIBITOR complex' 
# 
loop_
_struct_asym.id 
_struct_asym.pdbx_blank_PDB_chainid_flag 
_struct_asym.pdbx_modified 
_struct_asym.entity_id 
_struct_asym.details 
A N N 1 ? 
B N N 2 ? 
C N N 3 ? 
# 
_struct_ref.id                         1 
_struct_ref.db_name                    UNP 
_struct_ref.db_code                    D0VX11_9SAUR 
_struct_ref.pdbx_db_accession          D0VX11 
_struct_ref.entity_id                  1 
_struct_ref.pdbx_seq_one_letter_code   
;SLLEFGKMILEETGKLAIPSYSSYGCYCGWGGKGTPKDATDRCCFVHDCCYGNLPDCNPKSDRYKYKRVNGAIVCEKGTS
CENRICECDKAAAICFRQNLNTYSKKYMLYPDFLCKGELKC
;
_struct_ref.pdbx_align_begin           1 
_struct_ref.pdbx_db_isoform            ? 
# 
_struct_ref_seq.align_id                      1 
_struct_ref_seq.ref_id                        1 
_struct_ref_seq.pdbx_PDB_id_code              4QGD 
_struct_ref_seq.pdbx_strand_id                A 
_struct_ref_seq.seq_align_beg                 1 
_struct_ref_seq.pdbx_seq_align_beg_ins_code   ? 
_struct_ref_seq.seq_align_end                 121 
_struct_ref_seq.pdbx_seq_align_end_ins_code   ? 
_struct_ref_seq.pdbx_db_accession             D0VX11 
_struct_ref_seq.db_align_beg                  1 
_struct_ref_seq.pdbx_db_align_beg_ins_code    ? 
_struct_ref_seq.db_align_end                  121 
_struct_ref_seq.pdbx_db_align_end_ins_code    ? 
_struct_ref_seq.pdbx_auth_seq_align_beg       1 
_struct_ref_seq.pdbx_auth_seq_align_end       133 
# 
_pdbx_struct_assembly.id                   1 
_pdbx_struct_assembly.details              author_and_software_defined_assembly 
_pdbx_struct_assembly.method_details       PISA 
_pdbx_struct_assembly.oligomeric_details   monomeric 
_pdbx_struct_assembly.oligomeric_count     1 
# 
_pdbx_struct_assembly_gen.assembly_id       1 
_pdbx_struct_assembly_gen.oper_expression   1 
_pdbx_struct_assembly_gen.asym_id_list      A,B,C 
# 
_pdbx_struct_oper_list.id                   1 
_pdbx_struct_oper_list.type                 'identity operation' 
_pdbx_struct_oper_list.name                 1_555 
_pdbx_struct_oper_list.symmetry_operation   x,y,z 
_pdbx_struct_oper_list.matrix[1][1]         1.0000000000 
_pdbx_struct_oper_list.matrix[1][2]         0.0000000000 
_pdbx_struct_oper_list.matrix[1][3]         0.0000000000 
_pdbx_struct_oper_list.vector[1]            0.0000000000 
_pdbx_struct_oper_list.matrix[2][1]         0.0000000000 
_pdbx_struct_oper_list.matrix[2][2]         1.0000000000 
_pdbx_struct_oper_list.matrix[2][3]         0.0000000000 
_pdbx_struct_oper_list.vector[2]            0.0000000000 
_pdbx_struct_oper_list.matrix[3][1]         0.0000000000 
_pdbx_struct_oper_list.matrix[3][2]         0.0000000000 
_pdbx_struct_oper_list.matrix[3][3]         1.0000000000 
_pdbx_struct_oper_list.vector[3]            0.0000000000 
# 
_struct_biol.id        1 
_struct_biol.details   ? 
# 
loop_
_struct_conf.conf_type_id 
_struct_conf.id 
_struct_conf.pdbx_PDB_helix_id 
_struct_conf.beg_label_comp_id 
_struct_conf.beg_label_asym_id 
_struct_conf.beg_label_seq_id 
_struct_conf.pdbx_beg_PDB_ins_code 
_struct_conf.end_label_comp_id 
_struct_conf.end_label_asym_id 
_struct_conf.end_label_seq_id 
_struct_conf.pdbx_end_PDB_ins_code 
_struct_conf.beg_auth_comp_id 
_struct_conf.beg_auth_asym_id 
_struct_conf.beg_auth_seq_id 
_struct_conf.end_auth_comp_id 
_struct_conf.end_auth_asym_id 
_struct_conf.end_auth_seq_id 
_struct_conf.pdbx_PDB_helix_class 
_struct_conf.details 
_struct_conf.pdbx_PDB_helix_length 
HELX_P HELX_P1 1 SER A 1   ? GLY A 14  ? SER A 1   GLY A 14  1 ? 14 
HELX_P HELX_P2 2 LEU A 16  ? TYR A 21  ? LEU A 17  TYR A 22  1 ? 6  
HELX_P HELX_P3 3 ASP A 38  ? ASN A 53  ? ASP A 39  ASN A 54  1 ? 16 
HELX_P HELX_P4 4 THR A 79  ? ASN A 99  ? THR A 89  ASN A 109 1 ? 21 
HELX_P HELX_P5 5 LEU A 100 ? TYR A 103 ? LEU A 110 TYR A 113 5 ? 4  
HELX_P HELX_P6 6 SER A 104 ? MET A 108 ? SER A 114 MET A 118 5 ? 5  
HELX_P HELX_P7 7 PRO A 111 ? CYS A 115 ? PRO A 121 CYS A 126 5 ? 5  
# 
_struct_conf_type.id          HELX_P 
_struct_conf_type.criteria    ? 
_struct_conf_type.reference   ? 
# 
loop_
_struct_conn.id 
_struct_conn.conn_type_id 
_struct_conn.pdbx_leaving_atom_flag 
_struct_conn.pdbx_PDB_id 
_struct_conn.ptnr1_label_asym_id 
_struct_conn.ptnr1_label_comp_id 
_struct_conn.ptnr1_label_seq_id 
_struct_conn.ptnr1_label_atom_id 
_struct_conn.pdbx_ptnr1_label_alt_id 
_struct_conn.pdbx_ptnr1_PDB_ins_code 
_struct_conn.pdbx_ptnr1_standard_comp_id 
_struct_conn.ptnr1_symmetry 
_struct_conn.ptnr2_label_asym_id 
_struct_conn.ptnr2_label_comp_id 
_struct_conn.ptnr2_label_seq_id 
_struct_conn.ptnr2_label_atom_id 
_struct_conn.pdbx_ptnr2_label_alt_id 
_struct_conn.pdbx_ptnr2_PDB_ins_code 
_struct_conn.ptnr1_auth_asym_id 
_struct_conn.ptnr1_auth_comp_id 
_struct_conn.ptnr1_auth_seq_id 
_struct_conn.ptnr2_auth_asym_id 
_struct_conn.ptnr2_auth_comp_id 
_struct_conn.ptnr2_auth_seq_id 
_struct_conn.ptnr2_symmetry 
_struct_conn.pdbx_ptnr3_label_atom_id 
_struct_conn.pdbx_ptnr3_label_seq_id 
_struct_conn.pdbx_ptnr3_label_comp_id 
_struct_conn.pdbx_ptnr3_label_asym_id 
_struct_conn.pdbx_ptnr3_label_alt_id 
_struct_conn.pdbx_ptnr3_PDB_ins_code 
_struct_conn.details 
_struct_conn.pdbx_dist_value 
_struct_conn.pdbx_value_order 
_struct_conn.pdbx_role 
disulf1 disulf ? ? A CYS 26 SG ? ? ? 1_555 A CYS 115 SG ? ? A CYS 27 A CYS 126 1_555 ? ? ? ? ? ? ? 2.035 ? ? 
disulf2 disulf ? ? A CYS 28 SG ? ? ? 1_555 A CYS 44  SG ? ? A CYS 29 A CYS 45  1_555 ? ? ? ? ? ? ? 2.001 ? ? 
disulf3 disulf ? ? A CYS 43 SG ? ? ? 1_555 A CYS 95  SG ? ? A CYS 44 A CYS 105 1_555 ? ? ? ? ? ? ? 2.002 ? ? 
disulf4 disulf ? ? A CYS 49 SG ? ? ? 1_555 A CYS 121 SG ? ? A CYS 50 A CYS 133 1_555 ? ? ? ? ? ? ? 2.083 ? ? 
disulf5 disulf ? ? A CYS 50 SG ? ? ? 1_555 A CYS 88  SG ? ? A CYS 51 A CYS 98  1_555 ? ? ? ? ? ? ? 2.037 ? ? 
disulf6 disulf ? ? A CYS 57 SG ? ? ? 1_555 A CYS 81  SG ? ? A CYS 61 A CYS 91  1_555 ? ? ? ? ? ? ? 2.047 ? ? 
disulf7 disulf ? ? A CYS 75 SG ? ? ? 1_555 A CYS 86  SG ? ? A CYS 84 A CYS 96  1_555 ? ? ? ? ? ? ? 2.040 ? ? 
# 
_struct_conn_type.id          disulf 
_struct_conn_type.criteria    ? 
_struct_conn_type.reference   ? 
# 
loop_
_pdbx_modification_feature.ordinal 
_pdbx_modification_feature.label_comp_id 
_pdbx_modification_feature.label_asym_id 
_pdbx_modification_feature.label_seq_id 
_pdbx_modification_feature.label_alt_id 
_pdbx_modification_feature.modified_residue_label_comp_id 
_pdbx_modification_feature.modified_residue_label_asym_id 
_pdbx_modification_feature.modified_residue_label_seq_id 
_pdbx_modification_feature.modified_residue_label_alt_id 
_pdbx_modification_feature.auth_comp_id 
_pdbx_modification_feature.auth_asym_id 
_pdbx_modification_feature.auth_seq_id 
_pdbx_modification_feature.PDB_ins_code 
_pdbx_modification_feature.symmetry 
_pdbx_modification_feature.modified_residue_auth_comp_id 
_pdbx_modification_feature.modified_residue_auth_asym_id 
_pdbx_modification_feature.modified_residue_auth_seq_id 
_pdbx_modification_feature.modified_residue_PDB_ins_code 
_pdbx_modification_feature.modified_residue_symmetry 
_pdbx_modification_feature.comp_id_linking_atom 
_pdbx_modification_feature.modified_residue_id_linking_atom 
_pdbx_modification_feature.modified_residue_id 
_pdbx_modification_feature.ref_pcm_id 
_pdbx_modification_feature.ref_comp_id 
_pdbx_modification_feature.type 
_pdbx_modification_feature.category 
1 CYS A 26 ? CYS A 115 ? CYS A 27 ? 1_555 CYS A 126 ? 1_555 SG SG . . . None 'Disulfide bridge' 
2 CYS A 28 ? CYS A 44  ? CYS A 29 ? 1_555 CYS A 45  ? 1_555 SG SG . . . None 'Disulfide bridge' 
3 CYS A 43 ? CYS A 95  ? CYS A 44 ? 1_555 CYS A 105 ? 1_555 SG SG . . . None 'Disulfide bridge' 
4 CYS A 49 ? CYS A 121 ? CYS A 50 ? 1_555 CYS A 133 ? 1_555 SG SG . . . None 'Disulfide bridge' 
5 CYS A 50 ? CYS A 88  ? CYS A 51 ? 1_555 CYS A 98  ? 1_555 SG SG . . . None 'Disulfide bridge' 
6 CYS A 57 ? CYS A 81  ? CYS A 61 ? 1_555 CYS A 91  ? 1_555 SG SG . . . None 'Disulfide bridge' 
7 CYS A 75 ? CYS A 86  ? CYS A 84 ? 1_555 CYS A 96  ? 1_555 SG SG . . . None 'Disulfide bridge' 
# 
_struct_mon_prot_cis.pdbx_id                1 
_struct_mon_prot_cis.label_comp_id          ILE 
_struct_mon_prot_cis.label_seq_id           18 
_struct_mon_prot_cis.label_asym_id          A 
_struct_mon_prot_cis.label_alt_id           . 
_struct_mon_prot_cis.pdbx_PDB_ins_code      ? 
_struct_mon_prot_cis.auth_comp_id           ILE 
_struct_mon_prot_cis.auth_seq_id            19 
_struct_mon_prot_cis.auth_asym_id           A 
_struct_mon_prot_cis.pdbx_label_comp_id_2   PRO 
_struct_mon_prot_cis.pdbx_label_seq_id_2    19 
_struct_mon_prot_cis.pdbx_label_asym_id_2   A 
_struct_mon_prot_cis.pdbx_PDB_ins_code_2    ? 
_struct_mon_prot_cis.pdbx_auth_comp_id_2    PRO 
_struct_mon_prot_cis.pdbx_auth_seq_id_2     20 
_struct_mon_prot_cis.pdbx_auth_asym_id_2    A 
_struct_mon_prot_cis.pdbx_PDB_model_num     1 
_struct_mon_prot_cis.pdbx_omega_angle       17.58 
# 
_struct_sheet.id               A 
_struct_sheet.type             ? 
_struct_sheet.number_strands   2 
_struct_sheet.details          ? 
# 
_struct_sheet_order.sheet_id     A 
_struct_sheet_order.range_id_1   1 
_struct_sheet_order.range_id_2   2 
_struct_sheet_order.offset       ? 
_struct_sheet_order.sense        anti-parallel 
# 
loop_
_struct_sheet_range.sheet_id 
_struct_sheet_range.id 
_struct_sheet_range.beg_label_comp_id 
_struct_sheet_range.beg_label_asym_id 
_struct_sheet_range.beg_label_seq_id 
_struct_sheet_range.pdbx_beg_PDB_ins_code 
_struct_sheet_range.end_label_comp_id 
_struct_sheet_range.end_label_asym_id 
_struct_sheet_range.end_label_seq_id 
_struct_sheet_range.pdbx_end_PDB_ins_code 
_struct_sheet_range.beg_auth_comp_id 
_struct_sheet_range.beg_auth_asym_id 
_struct_sheet_range.beg_auth_seq_id 
_struct_sheet_range.end_auth_comp_id 
_struct_sheet_range.end_auth_asym_id 
_struct_sheet_range.end_auth_seq_id 
A 1 TYR A 66 ? ARG A 68 ? TYR A 75 ARG A 77 
A 2 ILE A 73 ? CYS A 75 ? ILE A 82 CYS A 84 
# 
_pdbx_struct_sheet_hbond.sheet_id                A 
_pdbx_struct_sheet_hbond.range_id_1              1 
_pdbx_struct_sheet_hbond.range_id_2              2 
_pdbx_struct_sheet_hbond.range_1_label_atom_id   N 
_pdbx_struct_sheet_hbond.range_1_label_comp_id   LYS 
_pdbx_struct_sheet_hbond.range_1_label_asym_id   A 
_pdbx_struct_sheet_hbond.range_1_label_seq_id    67 
_pdbx_struct_sheet_hbond.range_1_PDB_ins_code    ? 
_pdbx_struct_sheet_hbond.range_1_auth_atom_id    N 
_pdbx_struct_sheet_hbond.range_1_auth_comp_id    LYS 
_pdbx_struct_sheet_hbond.range_1_auth_asym_id    A 
_pdbx_struct_sheet_hbond.range_1_auth_seq_id     76 
_pdbx_struct_sheet_hbond.range_2_label_atom_id   O 
_pdbx_struct_sheet_hbond.range_2_label_comp_id   VAL 
_pdbx_struct_sheet_hbond.range_2_label_asym_id   A 
_pdbx_struct_sheet_hbond.range_2_label_seq_id    74 
_pdbx_struct_sheet_hbond.range_2_PDB_ins_code    ? 
_pdbx_struct_sheet_hbond.range_2_auth_atom_id    O 
_pdbx_struct_sheet_hbond.range_2_auth_comp_id    VAL 
_pdbx_struct_sheet_hbond.range_2_auth_asym_id    A 
_pdbx_struct_sheet_hbond.range_2_auth_seq_id     83 
# 
_struct_site.id                   AC1 
_struct_site.pdbx_evidence_code   Software 
_struct_site.pdbx_auth_asym_id    A 
_struct_site.pdbx_auth_comp_id    PZZ 
_struct_site.pdbx_auth_seq_id     201 
_struct_site.pdbx_auth_ins_code   ? 
_struct_site.pdbx_num_residues    10 
_struct_site.details              'BINDING SITE FOR RESIDUE PZZ A 201' 
# 
loop_
_struct_site_gen.id 
_struct_site_gen.site_id 
_struct_site_gen.pdbx_num_res 
_struct_site_gen.label_comp_id 
_struct_site_gen.label_asym_id 
_struct_site_gen.label_seq_id 
_struct_site_gen.pdbx_auth_ins_code 
_struct_site_gen.auth_comp_id 
_struct_site_gen.auth_asym_id 
_struct_site_gen.auth_seq_id 
_struct_site_gen.label_atom_id 
_struct_site_gen.label_alt_id 
_struct_site_gen.symmetry 
_struct_site_gen.details 
1  AC1 10 LEU A 2  ? LEU A 2   . ? 1_555 ? 
2  AC1 10 LEU A 3  ? LEU A 3   . ? 1_555 ? 
3  AC1 10 PHE A 5  ? PHE A 5   . ? 1_555 ? 
4  AC1 10 GLY A 6  ? GLY A 6   . ? 1_555 ? 
5  AC1 10 ALA A 17 ? ALA A 18  . ? 1_555 ? 
6  AC1 10 ILE A 18 ? ILE A 19  . ? 1_555 ? 
7  AC1 10 TYR A 21 ? TYR A 22  . ? 1_555 ? 
8  AC1 10 CYS A 28 ? CYS A 29  . ? 1_555 ? 
9  AC1 10 GLY A 29 ? GLY A 30  . ? 1_555 ? 
10 AC1 10 HOH C .  ? HOH A 330 . ? 1_555 ? 
# 
_pdbx_entry_details.entry_id                   4QGD 
_pdbx_entry_details.compound_details           ? 
_pdbx_entry_details.source_details             ? 
_pdbx_entry_details.nonpolymer_details         ? 
_pdbx_entry_details.sequence_details           ? 
_pdbx_entry_details.has_ligand_of_interest     ? 
_pdbx_entry_details.has_protein_modification   Y 
# 
_pdbx_validate_rmsd_bond.id                        1 
_pdbx_validate_rmsd_bond.PDB_model_num             1 
_pdbx_validate_rmsd_bond.auth_atom_id_1            C 
_pdbx_validate_rmsd_bond.auth_asym_id_1            A 
_pdbx_validate_rmsd_bond.auth_comp_id_1            ASP 
_pdbx_validate_rmsd_bond.auth_seq_id_1             122 
_pdbx_validate_rmsd_bond.PDB_ins_code_1            ? 
_pdbx_validate_rmsd_bond.label_alt_id_1            ? 
_pdbx_validate_rmsd_bond.auth_atom_id_2            N 
_pdbx_validate_rmsd_bond.auth_asym_id_2            A 
_pdbx_validate_rmsd_bond.auth_comp_id_2            PHE 
_pdbx_validate_rmsd_bond.auth_seq_id_2             124 
_pdbx_validate_rmsd_bond.PDB_ins_code_2            ? 
_pdbx_validate_rmsd_bond.label_alt_id_2            ? 
_pdbx_validate_rmsd_bond.bond_value                1.486 
_pdbx_validate_rmsd_bond.bond_target_value         1.336 
_pdbx_validate_rmsd_bond.bond_deviation            0.150 
_pdbx_validate_rmsd_bond.bond_standard_deviation   0.023 
_pdbx_validate_rmsd_bond.linker_flag               Y 
# 
_pdbx_validate_torsion.id              1 
_pdbx_validate_torsion.PDB_model_num   1 
_pdbx_validate_torsion.auth_comp_id    ASN 
_pdbx_validate_torsion.auth_asym_id    A 
_pdbx_validate_torsion.auth_seq_id     79 
_pdbx_validate_torsion.PDB_ins_code    ? 
_pdbx_validate_torsion.label_alt_id    ? 
_pdbx_validate_torsion.phi             -152.01 
_pdbx_validate_torsion.psi             40.13 
# 
loop_
_chem_comp_atom.comp_id 
_chem_comp_atom.atom_id 
_chem_comp_atom.type_symbol 
_chem_comp_atom.pdbx_aromatic_flag 
_chem_comp_atom.pdbx_stereo_config 
_chem_comp_atom.pdbx_ordinal 
ALA N    N N N 1   
ALA CA   C N S 2   
ALA C    C N N 3   
ALA O    O N N 4   
ALA CB   C N N 5   
ALA OXT  O N N 6   
ALA H    H N N 7   
ALA H2   H N N 8   
ALA HA   H N N 9   
ALA HB1  H N N 10  
ALA HB2  H N N 11  
ALA HB3  H N N 12  
ALA HXT  H N N 13  
ARG N    N N N 14  
ARG CA   C N S 15  
ARG C    C N N 16  
ARG O    O N N 17  
ARG CB   C N N 18  
ARG CG   C N N 19  
ARG CD   C N N 20  
ARG NE   N N N 21  
ARG CZ   C N N 22  
ARG NH1  N N N 23  
ARG NH2  N N N 24  
ARG OXT  O N N 25  
ARG H    H N N 26  
ARG H2   H N N 27  
ARG HA   H N N 28  
ARG HB2  H N N 29  
ARG HB3  H N N 30  
ARG HG2  H N N 31  
ARG HG3  H N N 32  
ARG HD2  H N N 33  
ARG HD3  H N N 34  
ARG HE   H N N 35  
ARG HH11 H N N 36  
ARG HH12 H N N 37  
ARG HH21 H N N 38  
ARG HH22 H N N 39  
ARG HXT  H N N 40  
ASN N    N N N 41  
ASN CA   C N S 42  
ASN C    C N N 43  
ASN O    O N N 44  
ASN CB   C N N 45  
ASN CG   C N N 46  
ASN OD1  O N N 47  
ASN ND2  N N N 48  
ASN OXT  O N N 49  
ASN H    H N N 50  
ASN H2   H N N 51  
ASN HA   H N N 52  
ASN HB2  H N N 53  
ASN HB3  H N N 54  
ASN HD21 H N N 55  
ASN HD22 H N N 56  
ASN HXT  H N N 57  
ASP N    N N N 58  
ASP CA   C N S 59  
ASP C    C N N 60  
ASP O    O N N 61  
ASP CB   C N N 62  
ASP CG   C N N 63  
ASP OD1  O N N 64  
ASP OD2  O N N 65  
ASP OXT  O N N 66  
ASP H    H N N 67  
ASP H2   H N N 68  
ASP HA   H N N 69  
ASP HB2  H N N 70  
ASP HB3  H N N 71  
ASP HD2  H N N 72  
ASP HXT  H N N 73  
CYS N    N N N 74  
CYS CA   C N R 75  
CYS C    C N N 76  
CYS O    O N N 77  
CYS CB   C N N 78  
CYS SG   S N N 79  
CYS OXT  O N N 80  
CYS H    H N N 81  
CYS H2   H N N 82  
CYS HA   H N N 83  
CYS HB2  H N N 84  
CYS HB3  H N N 85  
CYS HG   H N N 86  
CYS HXT  H N N 87  
GLN N    N N N 88  
GLN CA   C N S 89  
GLN C    C N N 90  
GLN O    O N N 91  
GLN CB   C N N 92  
GLN CG   C N N 93  
GLN CD   C N N 94  
GLN OE1  O N N 95  
GLN NE2  N N N 96  
GLN OXT  O N N 97  
GLN H    H N N 98  
GLN H2   H N N 99  
GLN HA   H N N 100 
GLN HB2  H N N 101 
GLN HB3  H N N 102 
GLN HG2  H N N 103 
GLN HG3  H N N 104 
GLN HE21 H N N 105 
GLN HE22 H N N 106 
GLN HXT  H N N 107 
GLU N    N N N 108 
GLU CA   C N S 109 
GLU C    C N N 110 
GLU O    O N N 111 
GLU CB   C N N 112 
GLU CG   C N N 113 
GLU CD   C N N 114 
GLU OE1  O N N 115 
GLU OE2  O N N 116 
GLU OXT  O N N 117 
GLU H    H N N 118 
GLU H2   H N N 119 
GLU HA   H N N 120 
GLU HB2  H N N 121 
GLU HB3  H N N 122 
GLU HG2  H N N 123 
GLU HG3  H N N 124 
GLU HE2  H N N 125 
GLU HXT  H N N 126 
GLY N    N N N 127 
GLY CA   C N N 128 
GLY C    C N N 129 
GLY O    O N N 130 
GLY OXT  O N N 131 
GLY H    H N N 132 
GLY H2   H N N 133 
GLY HA2  H N N 134 
GLY HA3  H N N 135 
GLY HXT  H N N 136 
HIS N    N N N 137 
HIS CA   C N S 138 
HIS C    C N N 139 
HIS O    O N N 140 
HIS CB   C N N 141 
HIS CG   C Y N 142 
HIS ND1  N Y N 143 
HIS CD2  C Y N 144 
HIS CE1  C Y N 145 
HIS NE2  N Y N 146 
HIS OXT  O N N 147 
HIS H    H N N 148 
HIS H2   H N N 149 
HIS HA   H N N 150 
HIS HB2  H N N 151 
HIS HB3  H N N 152 
HIS HD1  H N N 153 
HIS HD2  H N N 154 
HIS HE1  H N N 155 
HIS HE2  H N N 156 
HIS HXT  H N N 157 
HOH O    O N N 158 
HOH H1   H N N 159 
HOH H2   H N N 160 
ILE N    N N N 161 
ILE CA   C N S 162 
ILE C    C N N 163 
ILE O    O N N 164 
ILE CB   C N S 165 
ILE CG1  C N N 166 
ILE CG2  C N N 167 
ILE CD1  C N N 168 
ILE OXT  O N N 169 
ILE H    H N N 170 
ILE H2   H N N 171 
ILE HA   H N N 172 
ILE HB   H N N 173 
ILE HG12 H N N 174 
ILE HG13 H N N 175 
ILE HG21 H N N 176 
ILE HG22 H N N 177 
ILE HG23 H N N 178 
ILE HD11 H N N 179 
ILE HD12 H N N 180 
ILE HD13 H N N 181 
ILE HXT  H N N 182 
LEU N    N N N 183 
LEU CA   C N S 184 
LEU C    C N N 185 
LEU O    O N N 186 
LEU CB   C N N 187 
LEU CG   C N N 188 
LEU CD1  C N N 189 
LEU CD2  C N N 190 
LEU OXT  O N N 191 
LEU H    H N N 192 
LEU H2   H N N 193 
LEU HA   H N N 194 
LEU HB2  H N N 195 
LEU HB3  H N N 196 
LEU HG   H N N 197 
LEU HD11 H N N 198 
LEU HD12 H N N 199 
LEU HD13 H N N 200 
LEU HD21 H N N 201 
LEU HD22 H N N 202 
LEU HD23 H N N 203 
LEU HXT  H N N 204 
LYS N    N N N 205 
LYS CA   C N S 206 
LYS C    C N N 207 
LYS O    O N N 208 
LYS CB   C N N 209 
LYS CG   C N N 210 
LYS CD   C N N 211 
LYS CE   C N N 212 
LYS NZ   N N N 213 
LYS OXT  O N N 214 
LYS H    H N N 215 
LYS H2   H N N 216 
LYS HA   H N N 217 
LYS HB2  H N N 218 
LYS HB3  H N N 219 
LYS HG2  H N N 220 
LYS HG3  H N N 221 
LYS HD2  H N N 222 
LYS HD3  H N N 223 
LYS HE2  H N N 224 
LYS HE3  H N N 225 
LYS HZ1  H N N 226 
LYS HZ2  H N N 227 
LYS HZ3  H N N 228 
LYS HXT  H N N 229 
MET N    N N N 230 
MET CA   C N S 231 
MET C    C N N 232 
MET O    O N N 233 
MET CB   C N N 234 
MET CG   C N N 235 
MET SD   S N N 236 
MET CE   C N N 237 
MET OXT  O N N 238 
MET H    H N N 239 
MET H2   H N N 240 
MET HA   H N N 241 
MET HB2  H N N 242 
MET HB3  H N N 243 
MET HG2  H N N 244 
MET HG3  H N N 245 
MET HE1  H N N 246 
MET HE2  H N N 247 
MET HE3  H N N 248 
MET HXT  H N N 249 
PHE N    N N N 250 
PHE CA   C N S 251 
PHE C    C N N 252 
PHE O    O N N 253 
PHE CB   C N N 254 
PHE CG   C Y N 255 
PHE CD1  C Y N 256 
PHE CD2  C Y N 257 
PHE CE1  C Y N 258 
PHE CE2  C Y N 259 
PHE CZ   C Y N 260 
PHE OXT  O N N 261 
PHE H    H N N 262 
PHE H2   H N N 263 
PHE HA   H N N 264 
PHE HB2  H N N 265 
PHE HB3  H N N 266 
PHE HD1  H N N 267 
PHE HD2  H N N 268 
PHE HE1  H N N 269 
PHE HE2  H N N 270 
PHE HZ   H N N 271 
PHE HXT  H N N 272 
PRO N    N N N 273 
PRO CA   C N S 274 
PRO C    C N N 275 
PRO O    O N N 276 
PRO CB   C N N 277 
PRO CG   C N N 278 
PRO CD   C N N 279 
PRO OXT  O N N 280 
PRO H    H N N 281 
PRO HA   H N N 282 
PRO HB2  H N N 283 
PRO HB3  H N N 284 
PRO HG2  H N N 285 
PRO HG3  H N N 286 
PRO HD2  H N N 287 
PRO HD3  H N N 288 
PRO HXT  H N N 289 
PZZ C2   C Y N 290 
PZZ C3   C Y N 291 
PZZ N1   N Y N 292 
PZZ C4   C Y N 293 
PZZ C5   C Y N 294 
PZZ C6   C Y N 295 
PZZ C7   C Y N 296 
PZZ C8   C Y N 297 
PZZ C9   C Y N 298 
PZZ C10  C N N 299 
PZZ N11  N N N 300 
PZZ C12  C N N 301 
PZZ C13  C N N 302 
PZZ C14  C N N 303 
PZZ C15  C N N 304 
PZZ C16  C N N 305 
PZZ O17  O N N 306 
PZZ H2   H N N 307 
PZZ HN1  H N N 308 
PZZ H4   H N N 309 
PZZ H5   H N N 310 
PZZ H6   H N N 311 
PZZ H101 H N N 312 
PZZ H102 H N N 313 
PZZ H121 H N N 314 
PZZ H122 H N N 315 
PZZ H123 H N N 316 
PZZ H131 H N N 317 
PZZ H132 H N N 318 
PZZ H133 H N N 319 
PZZ H141 H N N 320 
PZZ H142 H N N 321 
PZZ H151 H N N 322 
PZZ H152 H N N 323 
PZZ H161 H N N 324 
PZZ H162 H N N 325 
PZZ HO17 H N N 326 
SER N    N N N 327 
SER CA   C N S 328 
SER C    C N N 329 
SER O    O N N 330 
SER CB   C N N 331 
SER OG   O N N 332 
SER OXT  O N N 333 
SER H    H N N 334 
SER H2   H N N 335 
SER HA   H N N 336 
SER HB2  H N N 337 
SER HB3  H N N 338 
SER HG   H N N 339 
SER HXT  H N N 340 
THR N    N N N 341 
THR CA   C N S 342 
THR C    C N N 343 
THR O    O N N 344 
THR CB   C N R 345 
THR OG1  O N N 346 
THR CG2  C N N 347 
THR OXT  O N N 348 
THR H    H N N 349 
THR H2   H N N 350 
THR HA   H N N 351 
THR HB   H N N 352 
THR HG1  H N N 353 
THR HG21 H N N 354 
THR HG22 H N N 355 
THR HG23 H N N 356 
THR HXT  H N N 357 
TRP N    N N N 358 
TRP CA   C N S 359 
TRP C    C N N 360 
TRP O    O N N 361 
TRP CB   C N N 362 
TRP CG   C Y N 363 
TRP CD1  C Y N 364 
TRP CD2  C Y N 365 
TRP NE1  N Y N 366 
TRP CE2  C Y N 367 
TRP CE3  C Y N 368 
TRP CZ2  C Y N 369 
TRP CZ3  C Y N 370 
TRP CH2  C Y N 371 
TRP OXT  O N N 372 
TRP H    H N N 373 
TRP H2   H N N 374 
TRP HA   H N N 375 
TRP HB2  H N N 376 
TRP HB3  H N N 377 
TRP HD1  H N N 378 
TRP HE1  H N N 379 
TRP HE3  H N N 380 
TRP HZ2  H N N 381 
TRP HZ3  H N N 382 
TRP HH2  H N N 383 
TRP HXT  H N N 384 
TYR N    N N N 385 
TYR CA   C N S 386 
TYR C    C N N 387 
TYR O    O N N 388 
TYR CB   C N N 389 
TYR CG   C Y N 390 
TYR CD1  C Y N 391 
TYR CD2  C Y N 392 
TYR CE1  C Y N 393 
TYR CE2  C Y N 394 
TYR CZ   C Y N 395 
TYR OH   O N N 396 
TYR OXT  O N N 397 
TYR H    H N N 398 
TYR H2   H N N 399 
TYR HA   H N N 400 
TYR HB2  H N N 401 
TYR HB3  H N N 402 
TYR HD1  H N N 403 
TYR HD2  H N N 404 
TYR HE1  H N N 405 
TYR HE2  H N N 406 
TYR HH   H N N 407 
TYR HXT  H N N 408 
VAL N    N N N 409 
VAL CA   C N S 410 
VAL C    C N N 411 
VAL O    O N N 412 
VAL CB   C N N 413 
VAL CG1  C N N 414 
VAL CG2  C N N 415 
VAL OXT  O N N 416 
VAL H    H N N 417 
VAL H2   H N N 418 
VAL HA   H N N 419 
VAL HB   H N N 420 
VAL HG11 H N N 421 
VAL HG12 H N N 422 
VAL HG13 H N N 423 
VAL HG21 H N N 424 
VAL HG22 H N N 425 
VAL HG23 H N N 426 
VAL HXT  H N N 427 
# 
loop_
_chem_comp_bond.comp_id 
_chem_comp_bond.atom_id_1 
_chem_comp_bond.atom_id_2 
_chem_comp_bond.value_order 
_chem_comp_bond.pdbx_aromatic_flag 
_chem_comp_bond.pdbx_stereo_config 
_chem_comp_bond.pdbx_ordinal 
ALA N   CA   sing N N 1   
ALA N   H    sing N N 2   
ALA N   H2   sing N N 3   
ALA CA  C    sing N N 4   
ALA CA  CB   sing N N 5   
ALA CA  HA   sing N N 6   
ALA C   O    doub N N 7   
ALA C   OXT  sing N N 8   
ALA CB  HB1  sing N N 9   
ALA CB  HB2  sing N N 10  
ALA CB  HB3  sing N N 11  
ALA OXT HXT  sing N N 12  
ARG N   CA   sing N N 13  
ARG N   H    sing N N 14  
ARG N   H2   sing N N 15  
ARG CA  C    sing N N 16  
ARG CA  CB   sing N N 17  
ARG CA  HA   sing N N 18  
ARG C   O    doub N N 19  
ARG C   OXT  sing N N 20  
ARG CB  CG   sing N N 21  
ARG CB  HB2  sing N N 22  
ARG CB  HB3  sing N N 23  
ARG CG  CD   sing N N 24  
ARG CG  HG2  sing N N 25  
ARG CG  HG3  sing N N 26  
ARG CD  NE   sing N N 27  
ARG CD  HD2  sing N N 28  
ARG CD  HD3  sing N N 29  
ARG NE  CZ   sing N N 30  
ARG NE  HE   sing N N 31  
ARG CZ  NH1  sing N N 32  
ARG CZ  NH2  doub N N 33  
ARG NH1 HH11 sing N N 34  
ARG NH1 HH12 sing N N 35  
ARG NH2 HH21 sing N N 36  
ARG NH2 HH22 sing N N 37  
ARG OXT HXT  sing N N 38  
ASN N   CA   sing N N 39  
ASN N   H    sing N N 40  
ASN N   H2   sing N N 41  
ASN CA  C    sing N N 42  
ASN CA  CB   sing N N 43  
ASN CA  HA   sing N N 44  
ASN C   O    doub N N 45  
ASN C   OXT  sing N N 46  
ASN CB  CG   sing N N 47  
ASN CB  HB2  sing N N 48  
ASN CB  HB3  sing N N 49  
ASN CG  OD1  doub N N 50  
ASN CG  ND2  sing N N 51  
ASN ND2 HD21 sing N N 52  
ASN ND2 HD22 sing N N 53  
ASN OXT HXT  sing N N 54  
ASP N   CA   sing N N 55  
ASP N   H    sing N N 56  
ASP N   H2   sing N N 57  
ASP CA  C    sing N N 58  
ASP CA  CB   sing N N 59  
ASP CA  HA   sing N N 60  
ASP C   O    doub N N 61  
ASP C   OXT  sing N N 62  
ASP CB  CG   sing N N 63  
ASP CB  HB2  sing N N 64  
ASP CB  HB3  sing N N 65  
ASP CG  OD1  doub N N 66  
ASP CG  OD2  sing N N 67  
ASP OD2 HD2  sing N N 68  
ASP OXT HXT  sing N N 69  
CYS N   CA   sing N N 70  
CYS N   H    sing N N 71  
CYS N   H2   sing N N 72  
CYS CA  C    sing N N 73  
CYS CA  CB   sing N N 74  
CYS CA  HA   sing N N 75  
CYS C   O    doub N N 76  
CYS C   OXT  sing N N 77  
CYS CB  SG   sing N N 78  
CYS CB  HB2  sing N N 79  
CYS CB  HB3  sing N N 80  
CYS SG  HG   sing N N 81  
CYS OXT HXT  sing N N 82  
GLN N   CA   sing N N 83  
GLN N   H    sing N N 84  
GLN N   H2   sing N N 85  
GLN CA  C    sing N N 86  
GLN CA  CB   sing N N 87  
GLN CA  HA   sing N N 88  
GLN C   O    doub N N 89  
GLN C   OXT  sing N N 90  
GLN CB  CG   sing N N 91  
GLN CB  HB2  sing N N 92  
GLN CB  HB3  sing N N 93  
GLN CG  CD   sing N N 94  
GLN CG  HG2  sing N N 95  
GLN CG  HG3  sing N N 96  
GLN CD  OE1  doub N N 97  
GLN CD  NE2  sing N N 98  
GLN NE2 HE21 sing N N 99  
GLN NE2 HE22 sing N N 100 
GLN OXT HXT  sing N N 101 
GLU N   CA   sing N N 102 
GLU N   H    sing N N 103 
GLU N   H2   sing N N 104 
GLU CA  C    sing N N 105 
GLU CA  CB   sing N N 106 
GLU CA  HA   sing N N 107 
GLU C   O    doub N N 108 
GLU C   OXT  sing N N 109 
GLU CB  CG   sing N N 110 
GLU CB  HB2  sing N N 111 
GLU CB  HB3  sing N N 112 
GLU CG  CD   sing N N 113 
GLU CG  HG2  sing N N 114 
GLU CG  HG3  sing N N 115 
GLU CD  OE1  doub N N 116 
GLU CD  OE2  sing N N 117 
GLU OE2 HE2  sing N N 118 
GLU OXT HXT  sing N N 119 
GLY N   CA   sing N N 120 
GLY N   H    sing N N 121 
GLY N   H2   sing N N 122 
GLY CA  C    sing N N 123 
GLY CA  HA2  sing N N 124 
GLY CA  HA3  sing N N 125 
GLY C   O    doub N N 126 
GLY C   OXT  sing N N 127 
GLY OXT HXT  sing N N 128 
HIS N   CA   sing N N 129 
HIS N   H    sing N N 130 
HIS N   H2   sing N N 131 
HIS CA  C    sing N N 132 
HIS CA  CB   sing N N 133 
HIS CA  HA   sing N N 134 
HIS C   O    doub N N 135 
HIS C   OXT  sing N N 136 
HIS CB  CG   sing N N 137 
HIS CB  HB2  sing N N 138 
HIS CB  HB3  sing N N 139 
HIS CG  ND1  sing Y N 140 
HIS CG  CD2  doub Y N 141 
HIS ND1 CE1  doub Y N 142 
HIS ND1 HD1  sing N N 143 
HIS CD2 NE2  sing Y N 144 
HIS CD2 HD2  sing N N 145 
HIS CE1 NE2  sing Y N 146 
HIS CE1 HE1  sing N N 147 
HIS NE2 HE2  sing N N 148 
HIS OXT HXT  sing N N 149 
HOH O   H1   sing N N 150 
HOH O   H2   sing N N 151 
ILE N   CA   sing N N 152 
ILE N   H    sing N N 153 
ILE N   H2   sing N N 154 
ILE CA  C    sing N N 155 
ILE CA  CB   sing N N 156 
ILE CA  HA   sing N N 157 
ILE C   O    doub N N 158 
ILE C   OXT  sing N N 159 
ILE CB  CG1  sing N N 160 
ILE CB  CG2  sing N N 161 
ILE CB  HB   sing N N 162 
ILE CG1 CD1  sing N N 163 
ILE CG1 HG12 sing N N 164 
ILE CG1 HG13 sing N N 165 
ILE CG2 HG21 sing N N 166 
ILE CG2 HG22 sing N N 167 
ILE CG2 HG23 sing N N 168 
ILE CD1 HD11 sing N N 169 
ILE CD1 HD12 sing N N 170 
ILE CD1 HD13 sing N N 171 
ILE OXT HXT  sing N N 172 
LEU N   CA   sing N N 173 
LEU N   H    sing N N 174 
LEU N   H2   sing N N 175 
LEU CA  C    sing N N 176 
LEU CA  CB   sing N N 177 
LEU CA  HA   sing N N 178 
LEU C   O    doub N N 179 
LEU C   OXT  sing N N 180 
LEU CB  CG   sing N N 181 
LEU CB  HB2  sing N N 182 
LEU CB  HB3  sing N N 183 
LEU CG  CD1  sing N N 184 
LEU CG  CD2  sing N N 185 
LEU CG  HG   sing N N 186 
LEU CD1 HD11 sing N N 187 
LEU CD1 HD12 sing N N 188 
LEU CD1 HD13 sing N N 189 
LEU CD2 HD21 sing N N 190 
LEU CD2 HD22 sing N N 191 
LEU CD2 HD23 sing N N 192 
LEU OXT HXT  sing N N 193 
LYS N   CA   sing N N 194 
LYS N   H    sing N N 195 
LYS N   H2   sing N N 196 
LYS CA  C    sing N N 197 
LYS CA  CB   sing N N 198 
LYS CA  HA   sing N N 199 
LYS C   O    doub N N 200 
LYS C   OXT  sing N N 201 
LYS CB  CG   sing N N 202 
LYS CB  HB2  sing N N 203 
LYS CB  HB3  sing N N 204 
LYS CG  CD   sing N N 205 
LYS CG  HG2  sing N N 206 
LYS CG  HG3  sing N N 207 
LYS CD  CE   sing N N 208 
LYS CD  HD2  sing N N 209 
LYS CD  HD3  sing N N 210 
LYS CE  NZ   sing N N 211 
LYS CE  HE2  sing N N 212 
LYS CE  HE3  sing N N 213 
LYS NZ  HZ1  sing N N 214 
LYS NZ  HZ2  sing N N 215 
LYS NZ  HZ3  sing N N 216 
LYS OXT HXT  sing N N 217 
MET N   CA   sing N N 218 
MET N   H    sing N N 219 
MET N   H2   sing N N 220 
MET CA  C    sing N N 221 
MET CA  CB   sing N N 222 
MET CA  HA   sing N N 223 
MET C   O    doub N N 224 
MET C   OXT  sing N N 225 
MET CB  CG   sing N N 226 
MET CB  HB2  sing N N 227 
MET CB  HB3  sing N N 228 
MET CG  SD   sing N N 229 
MET CG  HG2  sing N N 230 
MET CG  HG3  sing N N 231 
MET SD  CE   sing N N 232 
MET CE  HE1  sing N N 233 
MET CE  HE2  sing N N 234 
MET CE  HE3  sing N N 235 
MET OXT HXT  sing N N 236 
PHE N   CA   sing N N 237 
PHE N   H    sing N N 238 
PHE N   H2   sing N N 239 
PHE CA  C    sing N N 240 
PHE CA  CB   sing N N 241 
PHE CA  HA   sing N N 242 
PHE C   O    doub N N 243 
PHE C   OXT  sing N N 244 
PHE CB  CG   sing N N 245 
PHE CB  HB2  sing N N 246 
PHE CB  HB3  sing N N 247 
PHE CG  CD1  doub Y N 248 
PHE CG  CD2  sing Y N 249 
PHE CD1 CE1  sing Y N 250 
PHE CD1 HD1  sing N N 251 
PHE CD2 CE2  doub Y N 252 
PHE CD2 HD2  sing N N 253 
PHE CE1 CZ   doub Y N 254 
PHE CE1 HE1  sing N N 255 
PHE CE2 CZ   sing Y N 256 
PHE CE2 HE2  sing N N 257 
PHE CZ  HZ   sing N N 258 
PHE OXT HXT  sing N N 259 
PRO N   CA   sing N N 260 
PRO N   CD   sing N N 261 
PRO N   H    sing N N 262 
PRO CA  C    sing N N 263 
PRO CA  CB   sing N N 264 
PRO CA  HA   sing N N 265 
PRO C   O    doub N N 266 
PRO C   OXT  sing N N 267 
PRO CB  CG   sing N N 268 
PRO CB  HB2  sing N N 269 
PRO CB  HB3  sing N N 270 
PRO CG  CD   sing N N 271 
PRO CG  HG2  sing N N 272 
PRO CG  HG3  sing N N 273 
PRO CD  HD2  sing N N 274 
PRO CD  HD3  sing N N 275 
PRO OXT HXT  sing N N 276 
PZZ C2  N1   sing Y N 277 
PZZ C2  C3   doub Y N 278 
PZZ C2  H2   sing N N 279 
PZZ C3  C8   sing Y N 280 
PZZ C3  C10  sing N N 281 
PZZ N1  C9   sing Y N 282 
PZZ N1  HN1  sing N N 283 
PZZ C4  C5   doub Y N 284 
PZZ C4  C8   sing Y N 285 
PZZ C4  H4   sing N N 286 
PZZ C5  C6   sing Y N 287 
PZZ C5  H5   sing N N 288 
PZZ C6  C7   doub Y N 289 
PZZ C6  H6   sing N N 290 
PZZ C7  C14  sing N N 291 
PZZ C7  C9   sing Y N 292 
PZZ C8  C9   doub Y N 293 
PZZ C10 N11  sing N N 294 
PZZ C10 H101 sing N N 295 
PZZ C10 H102 sing N N 296 
PZZ N11 C12  sing N N 297 
PZZ N11 C13  sing N N 298 
PZZ C12 H121 sing N N 299 
PZZ C12 H122 sing N N 300 
PZZ C12 H123 sing N N 301 
PZZ C13 H131 sing N N 302 
PZZ C13 H132 sing N N 303 
PZZ C13 H133 sing N N 304 
PZZ C14 C15  sing N N 305 
PZZ C14 H141 sing N N 306 
PZZ C14 H142 sing N N 307 
PZZ C15 C16  sing N N 308 
PZZ C15 H151 sing N N 309 
PZZ C15 H152 sing N N 310 
PZZ C16 O17  sing N N 311 
PZZ C16 H161 sing N N 312 
PZZ C16 H162 sing N N 313 
PZZ O17 HO17 sing N N 314 
SER N   CA   sing N N 315 
SER N   H    sing N N 316 
SER N   H2   sing N N 317 
SER CA  C    sing N N 318 
SER CA  CB   sing N N 319 
SER CA  HA   sing N N 320 
SER C   O    doub N N 321 
SER C   OXT  sing N N 322 
SER CB  OG   sing N N 323 
SER CB  HB2  sing N N 324 
SER CB  HB3  sing N N 325 
SER OG  HG   sing N N 326 
SER OXT HXT  sing N N 327 
THR N   CA   sing N N 328 
THR N   H    sing N N 329 
THR N   H2   sing N N 330 
THR CA  C    sing N N 331 
THR CA  CB   sing N N 332 
THR CA  HA   sing N N 333 
THR C   O    doub N N 334 
THR C   OXT  sing N N 335 
THR CB  OG1  sing N N 336 
THR CB  CG2  sing N N 337 
THR CB  HB   sing N N 338 
THR OG1 HG1  sing N N 339 
THR CG2 HG21 sing N N 340 
THR CG2 HG22 sing N N 341 
THR CG2 HG23 sing N N 342 
THR OXT HXT  sing N N 343 
TRP N   CA   sing N N 344 
TRP N   H    sing N N 345 
TRP N   H2   sing N N 346 
TRP CA  C    sing N N 347 
TRP CA  CB   sing N N 348 
TRP CA  HA   sing N N 349 
TRP C   O    doub N N 350 
TRP C   OXT  sing N N 351 
TRP CB  CG   sing N N 352 
TRP CB  HB2  sing N N 353 
TRP CB  HB3  sing N N 354 
TRP CG  CD1  doub Y N 355 
TRP CG  CD2  sing Y N 356 
TRP CD1 NE1  sing Y N 357 
TRP CD1 HD1  sing N N 358 
TRP CD2 CE2  doub Y N 359 
TRP CD2 CE3  sing Y N 360 
TRP NE1 CE2  sing Y N 361 
TRP NE1 HE1  sing N N 362 
TRP CE2 CZ2  sing Y N 363 
TRP CE3 CZ3  doub Y N 364 
TRP CE3 HE3  sing N N 365 
TRP CZ2 CH2  doub Y N 366 
TRP CZ2 HZ2  sing N N 367 
TRP CZ3 CH2  sing Y N 368 
TRP CZ3 HZ3  sing N N 369 
TRP CH2 HH2  sing N N 370 
TRP OXT HXT  sing N N 371 
TYR N   CA   sing N N 372 
TYR N   H    sing N N 373 
TYR N   H2   sing N N 374 
TYR CA  C    sing N N 375 
TYR CA  CB   sing N N 376 
TYR CA  HA   sing N N 377 
TYR C   O    doub N N 378 
TYR C   OXT  sing N N 379 
TYR CB  CG   sing N N 380 
TYR CB  HB2  sing N N 381 
TYR CB  HB3  sing N N 382 
TYR CG  CD1  doub Y N 383 
TYR CG  CD2  sing Y N 384 
TYR CD1 CE1  sing Y N 385 
TYR CD1 HD1  sing N N 386 
TYR CD2 CE2  doub Y N 387 
TYR CD2 HD2  sing N N 388 
TYR CE1 CZ   doub Y N 389 
TYR CE1 HE1  sing N N 390 
TYR CE2 CZ   sing Y N 391 
TYR CE2 HE2  sing N N 392 
TYR CZ  OH   sing N N 393 
TYR OH  HH   sing N N 394 
TYR OXT HXT  sing N N 395 
VAL N   CA   sing N N 396 
VAL N   H    sing N N 397 
VAL N   H2   sing N N 398 
VAL CA  C    sing N N 399 
VAL CA  CB   sing N N 400 
VAL CA  HA   sing N N 401 
VAL C   O    doub N N 402 
VAL C   OXT  sing N N 403 
VAL CB  CG1  sing N N 404 
VAL CB  CG2  sing N N 405 
VAL CB  HB   sing N N 406 
VAL CG1 HG11 sing N N 407 
VAL CG1 HG12 sing N N 408 
VAL CG1 HG13 sing N N 409 
VAL CG2 HG21 sing N N 410 
VAL CG2 HG22 sing N N 411 
VAL CG2 HG23 sing N N 412 
VAL OXT HXT  sing N N 413 
# 
_pdbx_initial_refinement_model.id               1 
_pdbx_initial_refinement_model.entity_id_list   ? 
_pdbx_initial_refinement_model.type             'experimental model' 
_pdbx_initial_refinement_model.source_name      PDB 
_pdbx_initial_refinement_model.accession_code   1FB2 
_pdbx_initial_refinement_model.details          ? 
# 
_atom_sites.entry_id                    4QGD 
_atom_sites.fract_transf_matrix[1][1]   -0.00436695 
_atom_sites.fract_transf_matrix[1][2]   -0.00783589 
_atom_sites.fract_transf_matrix[1][3]   -0.01719013 
_atom_sites.fract_transf_matrix[2][1]   -0.01854047 
_atom_sites.fract_transf_matrix[2][2]   0.00516466 
_atom_sites.fract_transf_matrix[2][3]   0.00235574 
_atom_sites.fract_transf_matrix[3][1]   0.00388875 
_atom_sites.fract_transf_matrix[3][2]   0.01819350 
_atom_sites.fract_transf_matrix[3][3]   -0.00928116 
_atom_sites.fract_transf_vector[1]      -0.339648 
_atom_sites.fract_transf_vector[2]      0.028314 
_atom_sites.fract_transf_vector[3]      0.008045 
# 
loop_
_atom_type.symbol 
C 
N 
O 
S 
# 
loop_
_atom_site.group_PDB 
_atom_site.id 
_atom_site.type_symbol 
_atom_site.label_atom_id 
_atom_site.label_alt_id 
_atom_site.label_comp_id 
_atom_site.label_asym_id 
_atom_site.label_entity_id 
_atom_site.label_seq_id 
_atom_site.pdbx_PDB_ins_code 
_atom_site.Cartn_x 
_atom_site.Cartn_y 
_atom_site.Cartn_z 
_atom_site.occupancy 
_atom_site.B_iso_or_equiv 
_atom_site.pdbx_formal_charge 
_atom_site.auth_seq_id 
_atom_site.auth_comp_id 
_atom_site.auth_asym_id 
_atom_site.auth_atom_id 
_atom_site.pdbx_PDB_model_num 
ATOM   1    N N   . SER A 1 1   ? -9.770  3.704   -4.644  1.00 18.51  ? 1   SER A N   1 
ATOM   2    C CA  . SER A 1 1   ? -9.356  5.138   -4.573  1.00 20.95  ? 1   SER A CA  1 
ATOM   3    C C   . SER A 1 1   ? -8.510  5.327   -3.348  1.00 25.09  ? 1   SER A C   1 
ATOM   4    O O   . SER A 1 1   ? -8.541  4.501   -2.453  1.00 23.20  ? 1   SER A O   1 
ATOM   5    C CB  . SER A 1 1   ? -10.579 6.057   -4.471  1.00 24.37  ? 1   SER A CB  1 
ATOM   6    O OG  . SER A 1 1   ? -11.291 5.824   -3.274  1.00 24.64  ? 1   SER A OG  1 
ATOM   7    N N   . LEU A 1 2   ? -7.735  6.412   -3.318  1.00 27.64  ? 2   LEU A N   1 
ATOM   8    C CA  . LEU A 1 2   ? -6.860  6.733   -2.195  1.00 31.03  ? 2   LEU A CA  1 
ATOM   9    C C   . LEU A 1 2   ? -7.546  6.734   -0.846  1.00 30.62  ? 2   LEU A C   1 
ATOM   10   O O   . LEU A 1 2   ? -7.037  6.138   0.098   1.00 31.70  ? 2   LEU A O   1 
ATOM   11   C CB  . LEU A 1 2   ? -6.126  8.056   -2.434  1.00 35.91  ? 2   LEU A CB  1 
ATOM   12   C CG  . LEU A 1 2   ? -4.657  8.066   -1.943  1.00 40.44  ? 2   LEU A CG  1 
ATOM   13   C CD1 . LEU A 1 2   ? -3.979  6.692   -1.864  1.00 44.46  ? 2   LEU A CD1 1 
ATOM   14   C CD2 . LEU A 1 2   ? -3.804  8.959   -2.822  1.00 41.19  ? 2   LEU A CD2 1 
ATOM   15   N N   . LEU A 1 3   ? -8.709  7.406   -0.756  1.00 34.32  ? 3   LEU A N   1 
ATOM   16   C CA  . LEU A 1 3   ? -9.530  7.363   0.452   1.00 31.91  ? 3   LEU A CA  1 
ATOM   17   C C   . LEU A 1 3   ? -10.029 5.968   0.934   1.00 29.55  ? 3   LEU A C   1 
ATOM   18   O O   . LEU A 1 3   ? -9.933  5.653   2.137   1.00 24.55  ? 3   LEU A O   1 
ATOM   19   C CB  . LEU A 1 3   ? -10.690 8.401   0.364   1.00 38.17  ? 3   LEU A CB  1 
ATOM   20   C CG  . LEU A 1 3   ? -10.068 9.812   0.557   1.00 40.77  ? 3   LEU A CG  1 
ATOM   21   C CD1 . LEU A 1 3   ? -10.676 10.917  -0.309  1.00 41.87  ? 3   LEU A CD1 1 
ATOM   22   C CD2 . LEU A 1 3   ? -10.123 10.189  2.039   1.00 36.65  ? 3   LEU A CD2 1 
ATOM   23   N N   . GLU A 1 4   ? -10.502 5.129   -0.001  1.00 26.88  ? 4   GLU A N   1 
ATOM   24   C CA  . GLU A 1 4   ? -10.857 3.753   0.323   1.00 23.86  ? 4   GLU A CA  1 
ATOM   25   C C   . GLU A 1 4   ? -9.668  2.946   0.819   1.00 21.44  ? 4   GLU A C   1 
ATOM   26   O O   . GLU A 1 4   ? -9.839  2.205   1.748   1.00 24.02  ? 4   GLU A O   1 
ATOM   27   C CB  . GLU A 1 4   ? -11.246 2.980   -0.926  1.00 26.13  ? 4   GLU A CB  1 
ATOM   28   C CG  . GLU A 1 4   ? -12.568 3.310   -1.454  1.00 34.46  ? 4   GLU A CG  1 
ATOM   29   C CD  . GLU A 1 4   ? -12.931 2.344   -2.531  1.00 35.41  ? 4   GLU A CD  1 
ATOM   30   O OE1 . GLU A 1 4   ? -12.223 2.338   -3.553  1.00 27.07  ? 4   GLU A OE1 1 
ATOM   31   O OE2 . GLU A 1 4   ? -13.943 1.625   -2.363  1.00 39.30  ? 4   GLU A OE2 1 
ATOM   32   N N   . PHE A 1 5   ? -8.500  3.031   0.169   1.00 19.66  ? 5   PHE A N   1 
ATOM   33   C CA  . PHE A 1 5   ? -7.314  2.302   0.571   1.00 18.66  ? 5   PHE A CA  1 
ATOM   34   C C   . PHE A 1 5   ? -6.948  2.795   1.998   1.00 20.66  ? 5   PHE A C   1 
ATOM   35   O O   . PHE A 1 5   ? -6.409  2.040   2.794   1.00 21.78  ? 5   PHE A O   1 
ATOM   36   C CB  . PHE A 1 5   ? -6.153  2.673   -0.399  1.00 17.73  ? 5   PHE A CB  1 
ATOM   37   C CG  . PHE A 1 5   ? -4.817  1.939   -0.129  1.00 17.57  ? 5   PHE A CG  1 
ATOM   38   C CD1 . PHE A 1 5   ? -4.809  0.590   0.394   1.00 15.35  ? 5   PHE A CD1 1 
ATOM   39   C CD2 . PHE A 1 5   ? -3.572  2.591   -0.362  1.00 15.63  ? 5   PHE A CD2 1 
ATOM   40   C CE1 . PHE A 1 5   ? -3.582  -0.062  0.579   1.00 15.02  ? 5   PHE A CE1 1 
ATOM   41   C CE2 . PHE A 1 5   ? -2.362  1.955   -0.164  1.00 14.43  ? 5   PHE A CE2 1 
ATOM   42   C CZ  . PHE A 1 5   ? -2.340  0.606   0.302   1.00 14.07  ? 5   PHE A CZ  1 
ATOM   43   N N   . GLY A 1 6   ? -7.178  4.063   2.281   1.00 21.58  ? 6   GLY A N   1 
ATOM   44   C CA  . GLY A 1 6   ? -6.844  4.558   3.625   1.00 23.45  ? 6   GLY A CA  1 
ATOM   45   C C   . GLY A 1 6   ? -7.713  3.918   4.680   1.00 22.57  ? 6   GLY A C   1 
ATOM   46   O O   . GLY A 1 6   ? -7.254  3.632   5.812   1.00 23.58  ? 6   GLY A O   1 
ATOM   47   N N   . LYS A 1 7   ? -8.992  3.734   4.334   1.00 23.31  ? 7   LYS A N   1 
ATOM   48   C CA  . LYS A 1 7   ? -9.978  3.044   5.238   1.00 27.79  ? 7   LYS A CA  1 
ATOM   49   C C   . LYS A 1 7   ? -9.671  1.555   5.447   1.00 26.58  ? 7   LYS A C   1 
ATOM   50   O O   . LYS A 1 7   ? -9.758  1.035   6.571   1.00 23.38  ? 7   LYS A O   1 
ATOM   51   C CB  . LYS A 1 7   ? -11.409 3.302   4.795   1.00 29.27  ? 7   LYS A CB  1 
ATOM   52   C CG  . LYS A 1 7   ? -12.494 2.685   5.635   1.00 36.28  ? 7   LYS A CG  1 
ATOM   53   C CD  . LYS A 1 7   ? -13.695 3.642   5.776   1.00 40.19  ? 7   LYS A CD  1 
ATOM   54   C CE  . LYS A 1 7   ? -13.871 4.519   4.546   1.00 49.21  ? 7   LYS A CE  1 
ATOM   55   N NZ  . LYS A 1 7   ? -14.061 3.688   3.318   1.00 55.44  ? 7   LYS A NZ  1 
ATOM   56   N N   . MET A 1 8   ? -9.278  0.908   4.372   1.00 23.00  ? 8   MET A N   1 
ATOM   57   C CA  . MET A 1 8   ? -8.900  -0.459  4.397   1.00 21.17  ? 8   MET A CA  1 
ATOM   58   C C   . MET A 1 8   ? -7.672  -0.608  5.312   1.00 21.46  ? 8   MET A C   1 
ATOM   59   O O   . MET A 1 8   ? -7.625  -1.554  6.121   1.00 22.32  ? 8   MET A O   1 
ATOM   60   C CB  . MET A 1 8   ? -8.589  -0.929  2.961   1.00 21.18  ? 8   MET A CB  1 
ATOM   61   C CG  . MET A 1 8   ? -8.456  -2.412  2.809   1.00 20.98  ? 8   MET A CG  1 
ATOM   62   S SD  . MET A 1 8   ? -7.902  -2.932  1.165   1.00 19.53  ? 8   MET A SD  1 
ATOM   63   C CE  . MET A 1 8   ? -9.409  -2.924  0.195   1.00 19.19  ? 8   MET A CE  1 
ATOM   64   N N   . ILE A 1 9   ? -6.691  0.310   5.205   1.00 19.42  ? 9   ILE A N   1 
ATOM   65   C CA  . ILE A 1 9   ? -5.487  0.237   6.090   1.00 19.43  ? 9   ILE A CA  1 
ATOM   66   C C   . ILE A 1 9   ? -5.852  0.452   7.578   1.00 20.17  ? 9   ILE A C   1 
ATOM   67   O O   . ILE A 1 9   ? -5.326  -0.242  8.455   1.00 18.80  ? 9   ILE A O   1 
ATOM   68   C CB  . ILE A 1 9   ? -4.441  1.257   5.707   1.00 23.57  ? 9   ILE A CB  1 
ATOM   69   C CG1 . ILE A 1 9   ? -3.873  0.910   4.326   1.00 22.47  ? 9   ILE A CG1 1 
ATOM   70   C CG2 . ILE A 1 9   ? -3.315  1.371   6.764   1.00 20.18  ? 9   ILE A CG2 1 
ATOM   71   C CD1 . ILE A 1 9   ? -3.098  2.069   3.696   1.00 24.71  ? 9   ILE A CD1 1 
ATOM   72   N N   . LEU A 1 10  ? -6.720  1.436   7.856   1.00 20.33  ? 10  LEU A N   1 
ATOM   73   C CA  . LEU A 1 10  ? -7.157  1.667   9.240   1.00 20.17  ? 10  LEU A CA  1 
ATOM   74   C C   . LEU A 1 10  ? -7.882  0.500   9.814   1.00 21.61  ? 10  LEU A C   1 
ATOM   75   O O   . LEU A 1 10  ? -7.661  0.149   10.934  1.00 21.28  ? 10  LEU A O   1 
ATOM   76   C CB  . LEU A 1 10  ? -8.066  2.921   9.293   1.00 22.67  ? 10  LEU A CB  1 
ATOM   77   C CG  . LEU A 1 10  ? -8.678  3.334   10.662  1.00 22.17  ? 10  LEU A CG  1 
ATOM   78   C CD1 . LEU A 1 10  ? -7.616  3.670   11.683  1.00 23.44  ? 10  LEU A CD1 1 
ATOM   79   C CD2 . LEU A 1 10  ? -9.593  4.538   10.491  1.00 22.65  ? 10  LEU A CD2 1 
ATOM   80   N N   . GLU A 1 11  ? -8.753  -0.152  9.043   1.00 21.69  ? 11  GLU A N   1 
ATOM   81   C CA  . GLU A 1 11  ? -9.493  -1.330  9.537   1.00 23.51  ? 11  GLU A CA  1 
ATOM   82   C C   . GLU A 1 11  ? -8.535  -2.441  9.890   1.00 22.09  ? 11  GLU A C   1 
ATOM   83   O O   . GLU A 1 11  ? -8.616  -3.050  10.955  1.00 23.31  ? 11  GLU A O   1 
ATOM   84   C CB  . GLU A 1 11  ? -10.412 -1.869  8.449   1.00 25.03  ? 11  GLU A CB  1 
ATOM   85   C CG  . GLU A 1 11  ? -11.570 -0.971  8.098   1.00 26.93  ? 11  GLU A CG  1 
ATOM   86   C CD  . GLU A 1 11  ? -12.429 -1.508  6.935   1.00 30.97  ? 11  GLU A CD  1 
ATOM   87   O OE1 . GLU A 1 11  ? -11.902 -2.247  6.023   1.00 26.35  ? 11  GLU A OE1 1 
ATOM   88   O OE2 . GLU A 1 11  ? -13.636 -1.152  6.910   1.00 28.12  ? 11  GLU A OE2 1 
ATOM   89   N N   . GLU A 1 12  ? -7.618  -2.720  8.972   1.00 23.79  ? 12  GLU A N   1 
ATOM   90   C CA  . GLU A 1 12  ? -6.602  -3.795  9.212   1.00 24.42  ? 12  GLU A CA  1 
ATOM   91   C C   . GLU A 1 12  ? -5.635  -3.507  10.384  1.00 23.66  ? 12  GLU A C   1 
ATOM   92   O O   . GLU A 1 12  ? -5.344  -4.404  11.142  1.00 23.90  ? 12  GLU A O   1 
ATOM   93   C CB  . GLU A 1 12  ? -5.742  -4.039  8.007   1.00 24.96  ? 12  GLU A CB  1 
ATOM   94   C CG  . GLU A 1 12  ? -6.494  -4.736  6.882   1.00 27.87  ? 12  GLU A CG  1 
ATOM   95   C CD  . GLU A 1 12  ? -6.890  -6.134  7.229   1.00 25.97  ? 12  GLU A CD  1 
ATOM   96   O OE1 . GLU A 1 12  ? -5.991  -6.928  7.593   1.00 29.53  ? 12  GLU A OE1 1 
ATOM   97   O OE2 . GLU A 1 12  ? -8.083  -6.466  7.132   1.00 31.44  ? 12  GLU A OE2 1 
ATOM   98   N N   . THR A 1 13  ? -5.098  -2.313  10.433  1.00 22.42  ? 13  THR A N   1 
ATOM   99   C CA  . THR A 1 13  ? -4.050  -1.981  11.379  1.00 25.24  ? 13  THR A CA  1 
ATOM   100  C C   . THR A 1 13  ? -4.461  -1.233  12.643  1.00 24.70  ? 13  THR A C   1 
ATOM   101  O O   . THR A 1 13  ? -3.803  -1.375  13.651  1.00 26.49  ? 13  THR A O   1 
ATOM   102  C CB  . THR A 1 13  ? -2.940  -1.169  10.677  1.00 22.63  ? 13  THR A CB  1 
ATOM   103  O OG1 . THR A 1 13  ? -3.450  0.057   10.213  1.00 23.75  ? 13  THR A OG1 1 
ATOM   104  C CG2 . THR A 1 13  ? -2.357  -1.936  9.462   1.00 26.62  ? 13  THR A CG2 1 
ATOM   105  N N   . GLY A 1 14  ? -5.480  -0.374  12.570  1.00 25.13  ? 14  GLY A N   1 
ATOM   106  C CA  . GLY A 1 14  ? -5.864  0.483   13.680  1.00 25.21  ? 14  GLY A CA  1 
ATOM   107  C C   . GLY A 1 14  ? -5.133  1.812   13.570  1.00 28.48  ? 14  GLY A C   1 
ATOM   108  O O   . GLY A 1 14  ? -5.233  2.748   14.430  1.00 30.89  ? 14  GLY A O   1 
ATOM   109  N N   . LYS A 1 15  ? -4.125  1.957   12.532  1.00 27.78  ? 16  LYS A N   1 
ATOM   110  C CA  . LYS A 1 15  ? -3.309  3.175   12.248  1.00 24.86  ? 16  LYS A CA  1 
ATOM   111  C C   . LYS A 1 15  ? -3.923  3.926   11.085  1.00 24.52  ? 16  LYS A C   1 
ATOM   112  O O   . LYS A 1 15  ? -4.348  3.323   10.084  1.00 20.84  ? 16  LYS A O   1 
ATOM   113  C CB  . LYS A 1 15  ? -1.864  2.761   11.895  1.00 25.58  ? 16  LYS A CB  1 
ATOM   114  C CG  . LYS A 1 15  ? -1.089  2.101   13.017  1.00 26.85  ? 16  LYS A CG  1 
ATOM   115  C CD  . LYS A 1 15  ? 0.335   1.847   12.522  1.00 27.09  ? 16  LYS A CD  1 
ATOM   116  C CE  . LYS A 1 15  ? 1.251   1.484   13.669  1.00 26.49  ? 16  LYS A CE  1 
ATOM   117  N NZ  . LYS A 1 15  ? 1.604   2.712   14.432  1.00 30.92  ? 16  LYS A NZ  1 
ATOM   118  N N   . LEU A 1 16  ? -4.029  5.235   11.217  1.00 26.54  ? 17  LEU A N   1 
ATOM   119  C CA  . LEU A 1 16  ? -4.476  6.086   10.124  1.00 26.87  ? 17  LEU A CA  1 
ATOM   120  C C   . LEU A 1 16  ? -3.424  6.040   9.022   1.00 27.15  ? 17  LEU A C   1 
ATOM   121  O O   . LEU A 1 16  ? -2.239  6.312   9.303   1.00 26.61  ? 17  LEU A O   1 
ATOM   122  C CB  . LEU A 1 16  ? -4.617  7.504   10.623  1.00 27.16  ? 17  LEU A CB  1 
ATOM   123  C CG  . LEU A 1 16  ? -5.607  7.669   11.775  1.00 28.40  ? 17  LEU A CG  1 
ATOM   124  C CD1 . LEU A 1 16  ? -5.511  9.114   12.291  1.00 30.84  ? 17  LEU A CD1 1 
ATOM   125  C CD2 . LEU A 1 16  ? -6.993  7.304   11.271  1.00 24.76  ? 17  LEU A CD2 1 
ATOM   126  N N   . ALA A 1 17  ? -3.863  5.781   7.773   1.00 23.31  ? 18  ALA A N   1 
ATOM   127  C CA  . ALA A 1 17  ? -2.972  5.725   6.620   1.00 26.36  ? 18  ALA A CA  1 
ATOM   128  C C   . ALA A 1 17  ? -2.098  6.953   6.519   1.00 25.40  ? 18  ALA A C   1 
ATOM   129  O O   . ALA A 1 17  ? -0.914  6.845   6.315   1.00 25.18  ? 18  ALA A O   1 
ATOM   130  C CB  . ALA A 1 17  ? -3.793  5.530   5.343   1.00 24.83  ? 18  ALA A CB  1 
ATOM   131  N N   . ILE A 1 18  ? -2.673  8.113   6.763   1.00 26.64  ? 19  ILE A N   1 
ATOM   132  C CA  . ILE A 1 18  ? -1.963  9.371   6.920   1.00 31.47  ? 19  ILE A CA  1 
ATOM   133  C C   . ILE A 1 18  ? -1.922  9.752   8.413   1.00 31.31  ? 19  ILE A C   1 
ATOM   134  O O   . ILE A 1 18  ? -2.962  9.912   9.000   1.00 31.18  ? 19  ILE A O   1 
ATOM   135  C CB  . ILE A 1 18  ? -2.686  10.507  6.169   1.00 32.27  ? 19  ILE A CB  1 
ATOM   136  C CG1 . ILE A 1 18  ? -2.769  10.212  4.691   1.00 32.00  ? 19  ILE A CG1 1 
ATOM   137  C CG2 . ILE A 1 18  ? -1.938  11.794  6.292   1.00 29.97  ? 19  ILE A CG2 1 
ATOM   138  C CD1 . ILE A 1 18  ? -3.400  11.286  3.893   1.00 39.07  ? 19  ILE A CD1 1 
ATOM   139  N N   . PRO A 1 19  ? -0.790  9.821   9.070   1.00 27.70  ? 20  PRO A N   1 
ATOM   140  C CA  . PRO A 1 19  ? 0.582   9.921   8.655   1.00 29.63  ? 20  PRO A CA  1 
ATOM   141  C C   . PRO A 1 19  ? 1.422   8.668   8.871   1.00 28.77  ? 20  PRO A C   1 
ATOM   142  O O   . PRO A 1 19  ? 2.640   8.706   8.620   1.00 25.37  ? 20  PRO A O   1 
ATOM   143  C CB  . PRO A 1 19  ? 1.125   11.005  9.616   1.00 34.56  ? 20  PRO A CB  1 
ATOM   144  C CG  . PRO A 1 19  ? 0.477   10.612  10.912  1.00 31.99  ? 20  PRO A CG  1 
ATOM   145  C CD  . PRO A 1 19  ? -0.928  10.172  10.526  1.00 33.37  ? 20  PRO A CD  1 
ATOM   146  N N   . SER A 1 20  ? 0.800   7.568   9.351   1.00 27.66  ? 21  SER A N   1 
ATOM   147  C CA  . SER A 1 20  ? 1.560   6.329   9.616   1.00 29.37  ? 21  SER A CA  1 
ATOM   148  C C   . SER A 1 20  ? 2.205   5.651   8.406   1.00 25.89  ? 21  SER A C   1 
ATOM   149  O O   . SER A 1 20  ? 3.306   5.143   8.525   1.00 27.39  ? 21  SER A O   1 
ATOM   150  C CB  . SER A 1 20  ? 0.736   5.290   10.344  1.00 27.92  ? 21  SER A CB  1 
ATOM   151  O OG  . SER A 1 20  ? 0.245   5.877   11.528  1.00 30.14  ? 21  SER A OG  1 
ATOM   152  N N   . TYR A 1 21  ? 1.522   5.626   7.284   1.00 25.73  ? 22  TYR A N   1 
ATOM   153  C CA  . TYR A 1 21  ? 2.039   5.027   6.095   1.00 24.75  ? 22  TYR A CA  1 
ATOM   154  C C   . TYR A 1 21  ? 2.228   5.953   4.875   1.00 26.41  ? 22  TYR A C   1 
ATOM   155  O O   . TYR A 1 21  ? 2.733   5.518   3.896   1.00 29.68  ? 22  TYR A O   1 
ATOM   156  C CB  . TYR A 1 21  ? 1.148   3.876   5.713   1.00 22.14  ? 22  TYR A CB  1 
ATOM   157  C CG  . TYR A 1 21  ? 1.089   2.773   6.706   1.00 21.86  ? 22  TYR A CG  1 
ATOM   158  C CD1 . TYR A 1 21  ? 2.049   1.829   6.743   1.00 22.52  ? 22  TYR A CD1 1 
ATOM   159  C CD2 . TYR A 1 21  ? 0.055   2.665   7.604   1.00 20.48  ? 22  TYR A CD2 1 
ATOM   160  C CE1 . TYR A 1 21  ? 2.002   0.790   7.642   1.00 20.56  ? 22  TYR A CE1 1 
ATOM   161  C CE2 . TYR A 1 21  ? 0.012   1.643   8.521   1.00 19.05  ? 22  TYR A CE2 1 
ATOM   162  C CZ  . TYR A 1 21  ? 0.990   0.710   8.534   1.00 19.59  ? 22  TYR A CZ  1 
ATOM   163  O OH  . TYR A 1 21  ? 0.969   -0.325  9.391   1.00 22.39  ? 22  TYR A OH  1 
ATOM   164  N N   . SER A 1 22  ? 1.789   7.190   4.932   1.00 22.81  ? 23  SER A N   1 
ATOM   165  C CA  . SER A 1 22  ? 1.826   8.049   3.771   1.00 23.05  ? 23  SER A CA  1 
ATOM   166  C C   . SER A 1 22  ? 3.209   8.506   3.392   1.00 24.14  ? 23  SER A C   1 
ATOM   167  O O   . SER A 1 22  ? 3.435   8.910   2.304   1.00 22.76  ? 23  SER A O   1 
ATOM   168  C CB  . SER A 1 22  ? 0.895   9.214   3.887   1.00 22.54  ? 23  SER A CB  1 
ATOM   169  O OG  . SER A 1 22  ? 1.251   9.962   4.983   1.00 31.22  ? 23  SER A OG  1 
ATOM   170  N N   . SER A 1 23  ? 4.097   8.546   4.364   1.00 24.58  ? 24  SER A N   1 
ATOM   171  C CA  . SER A 1 23  ? 5.453   8.949   4.100   1.00 26.79  ? 24  SER A CA  1 
ATOM   172  C C   . SER A 1 23  ? 6.573   8.027   4.617   1.00 27.45  ? 24  SER A C   1 
ATOM   173  O O   . SER A 1 23  ? 7.623   8.498   4.922   1.00 31.84  ? 24  SER A O   1 
ATOM   174  C CB  . SER A 1 23  ? 5.672   10.382  4.536   1.00 25.15  ? 24  SER A CB  1 
ATOM   175  O OG  . SER A 1 23  ? 5.700   10.438  5.884   1.00 25.04  ? 24  SER A OG  1 
ATOM   176  N N   . TYR A 1 24  ? 6.292   6.739   4.724   1.00 23.65  ? 25  TYR A N   1 
ATOM   177  C CA  . TYR A 1 24  ? 7.121   5.822   5.425   1.00 24.29  ? 25  TYR A CA  1 
ATOM   178  C C   . TYR A 1 24  ? 8.181   5.230   4.523   1.00 25.40  ? 25  TYR A C   1 
ATOM   179  O O   . TYR A 1 24  ? 7.913   4.657   3.507   1.00 23.93  ? 25  TYR A O   1 
ATOM   180  C CB  . TYR A 1 24  ? 6.249   4.744   6.069   1.00 21.34  ? 25  TYR A CB  1 
ATOM   181  C CG  . TYR A 1 24  ? 6.887   3.705   6.942   1.00 20.42  ? 25  TYR A CG  1 
ATOM   182  C CD1 . TYR A 1 24  ? 7.636   2.682   6.418   1.00 21.09  ? 25  TYR A CD1 1 
ATOM   183  C CD2 . TYR A 1 24  ? 6.670   3.712   8.296   1.00 19.44  ? 25  TYR A CD2 1 
ATOM   184  C CE1 . TYR A 1 24  ? 8.169   1.712   7.236   1.00 22.87  ? 25  TYR A CE1 1 
ATOM   185  C CE2 . TYR A 1 24  ? 7.185   2.768   9.121   1.00 19.01  ? 25  TYR A CE2 1 
ATOM   186  C CZ  . TYR A 1 24  ? 7.952   1.785   8.627   1.00 20.26  ? 25  TYR A CZ  1 
ATOM   187  O OH  . TYR A 1 24  ? 8.460   0.872   9.457   1.00 22.09  ? 25  TYR A OH  1 
ATOM   188  N N   . GLY A 1 25  ? 9.403   5.387   4.933   1.00 24.89  ? 26  GLY A N   1 
ATOM   189  C CA  . GLY A 1 25  ? 10.454  4.733   4.204   1.00 28.90  ? 26  GLY A CA  1 
ATOM   190  C C   . GLY A 1 25  ? 10.718  5.257   2.788   1.00 27.39  ? 26  GLY A C   1 
ATOM   191  O O   . GLY A 1 25  ? 10.516  6.450   2.505   1.00 27.12  ? 26  GLY A O   1 
ATOM   192  N N   . CYS A 1 26  ? 11.245  4.367   1.938   1.00 24.43  ? 27  CYS A N   1 
ATOM   193  C CA  . CYS A 1 26  ? 11.585  4.701   0.583   1.00 24.42  ? 27  CYS A CA  1 
ATOM   194  C C   . CYS A 1 26  ? 10.488  4.391   -0.447  1.00 26.23  ? 27  CYS A C   1 
ATOM   195  O O   . CYS A 1 26  ? 10.595  4.831   -1.604  1.00 23.21  ? 27  CYS A O   1 
ATOM   196  C CB  . CYS A 1 26  ? 12.845  3.950   0.140   1.00 28.58  ? 27  CYS A CB  1 
ATOM   197  S SG  . CYS A 1 26  ? 14.354  4.452   0.992   1.00 24.81  ? 27  CYS A SG  1 
ATOM   198  N N   . TYR A 1 27  ? 9.430   3.670   -0.051  1.00 23.23  ? 28  TYR A N   1 
ATOM   199  C CA  . TYR A 1 27  ? 8.409   3.364   -1.043  1.00 25.37  ? 28  TYR A CA  1 
ATOM   200  C C   . TYR A 1 27  ? 6.966   3.744   -0.766  1.00 22.12  ? 28  TYR A C   1 
ATOM   201  O O   . TYR A 1 27  ? 6.194   3.783   -1.714  1.00 20.75  ? 28  TYR A O   1 
ATOM   202  C CB  . TYR A 1 27  ? 8.490   1.919   -1.491  1.00 19.44  ? 28  TYR A CB  1 
ATOM   203  C CG  . TYR A 1 27  ? 9.665   1.692   -2.394  1.00 21.42  ? 28  TYR A CG  1 
ATOM   204  C CD1 . TYR A 1 27  ? 10.894  1.394   -1.867  1.00 23.46  ? 28  TYR A CD1 1 
ATOM   205  C CD2 . TYR A 1 27  ? 9.537   1.798   -3.805  1.00 23.49  ? 28  TYR A CD2 1 
ATOM   206  C CE1 . TYR A 1 27  ? 12.010  1.182   -2.685  1.00 24.53  ? 28  TYR A CE1 1 
ATOM   207  C CE2 . TYR A 1 27  ? 10.640  1.635   -4.618  1.00 28.57  ? 28  TYR A CE2 1 
ATOM   208  C CZ  . TYR A 1 27  ? 11.871  1.289   -4.061  1.00 28.04  ? 28  TYR A CZ  1 
ATOM   209  O OH  . TYR A 1 27  ? 12.991  1.121   -4.890  1.00 33.76  ? 28  TYR A OH  1 
ATOM   210  N N   . CYS A 1 28  ? 6.623   4.016   0.470   1.00 19.60  ? 29  CYS A N   1 
ATOM   211  C CA  . CYS A 1 28  ? 5.230   4.281   0.800   1.00 22.32  ? 29  CYS A CA  1 
ATOM   212  C C   . CYS A 1 28  ? 4.836   5.679   0.323   1.00 26.04  ? 29  CYS A C   1 
ATOM   213  O O   . CYS A 1 28  ? 5.550   6.589   0.574   1.00 27.27  ? 29  CYS A O   1 
ATOM   214  C CB  . CYS A 1 28  ? 5.004   4.153   2.288   1.00 20.11  ? 29  CYS A CB  1 
ATOM   215  S SG  . CYS A 1 28  ? 5.400   2.543   2.905   1.00 19.28  ? 29  CYS A SG  1 
ATOM   216  N N   . GLY A 1 29  ? 3.679   5.809   -0.315  1.00 29.40  ? 30  GLY A N   1 
ATOM   217  C CA  . GLY A 1 29  ? 3.163   7.021   -0.962  1.00 30.44  ? 30  GLY A CA  1 
ATOM   218  C C   . GLY A 1 29  ? 3.897   7.669   -2.137  1.00 32.17  ? 30  GLY A C   1 
ATOM   219  O O   . GLY A 1 29  ? 4.402   7.011   -2.961  1.00 31.79  ? 30  GLY A O   1 
ATOM   220  N N   . TRP A 1 30  ? 4.061   8.979   -2.135  1.00 38.43  ? 31  TRP A N   1 
ATOM   221  C CA  . TRP A 1 30  ? 5.022   9.632   -3.073  1.00 48.40  ? 31  TRP A CA  1 
ATOM   222  C C   . TRP A 1 30  ? 6.363   8.877   -2.900  1.00 47.15  ? 31  TRP A C   1 
ATOM   223  O O   . TRP A 1 30  ? 6.644   8.435   -1.783  1.00 62.92  ? 31  TRP A O   1 
ATOM   224  C CB  . TRP A 1 30  ? 5.242   11.146  -2.682  1.00 48.79  ? 31  TRP A CB  1 
ATOM   225  C CG  . TRP A 1 30  ? 6.526   11.698  -3.255  1.00 44.81  ? 31  TRP A CG  1 
ATOM   226  C CD1 . TRP A 1 30  ? 6.671   12.469  -4.361  1.00 42.16  ? 31  TRP A CD1 1 
ATOM   227  C CD2 . TRP A 1 30  ? 7.859   11.346  -2.832  1.00 46.15  ? 31  TRP A CD2 1 
ATOM   228  N NE1 . TRP A 1 30  ? 7.982   12.661  -4.620  1.00 37.70  ? 31  TRP A NE1 1 
ATOM   229  C CE2 . TRP A 1 30  ? 8.737   11.994  -3.682  1.00 45.78  ? 31  TRP A CE2 1 
ATOM   230  C CE3 . TRP A 1 30  ? 8.381   10.581  -1.789  1.00 41.03  ? 31  TRP A CE3 1 
ATOM   231  C CZ2 . TRP A 1 30  ? 10.131  11.879  -3.537  1.00 45.60  ? 31  TRP A CZ2 1 
ATOM   232  C CZ3 . TRP A 1 30  ? 9.765   10.486  -1.657  1.00 42.21  ? 31  TRP A CZ3 1 
ATOM   233  C CH2 . TRP A 1 30  ? 10.603  11.129  -2.516  1.00 35.67  ? 31  TRP A CH2 1 
ATOM   234  N N   . GLY A 1 31  ? 7.124   8.618   -3.940  1.00 40.02  ? 32  GLY A N   1 
ATOM   235  C CA  . GLY A 1 31  ? 8.409   7.940   -3.751  1.00 47.16  ? 32  GLY A CA  1 
ATOM   236  C C   . GLY A 1 31  ? 8.553   6.695   -4.592  1.00 50.95  ? 32  GLY A C   1 
ATOM   237  O O   . GLY A 1 31  ? 7.950   6.523   -5.627  1.00 55.09  ? 32  GLY A O   1 
ATOM   238  N N   . GLY A 1 32  ? 9.370   5.792   -4.122  1.00 52.60  ? 33  GLY A N   1 
ATOM   239  C CA  . GLY A 1 32  ? 9.654   4.587   -4.817  1.00 41.92  ? 33  GLY A CA  1 
ATOM   240  C C   . GLY A 1 32  ? 10.947  4.640   -5.561  1.00 46.88  ? 33  GLY A C   1 
ATOM   241  O O   . GLY A 1 32  ? 10.962  4.744   -6.751  1.00 48.96  ? 33  GLY A O   1 
ATOM   242  N N   . LYS A 1 33  ? 12.020  4.482   -4.807  1.00 42.96  ? 34  LYS A N   1 
ATOM   243  C CA  . LYS A 1 33  ? 13.375  4.344   -5.293  1.00 38.64  ? 34  LYS A CA  1 
ATOM   244  C C   . LYS A 1 33  ? 14.205  3.739   -4.176  1.00 31.38  ? 34  LYS A C   1 
ATOM   245  O O   . LYS A 1 33  ? 13.839  3.794   -3.060  1.00 29.75  ? 34  LYS A O   1 
ATOM   246  C CB  . LYS A 1 33  ? 13.912  5.701   -5.703  1.00 42.92  ? 34  LYS A CB  1 
ATOM   247  C CG  . LYS A 1 33  ? 14.750  5.755   -6.956  1.00 47.53  ? 34  LYS A CG  1 
ATOM   248  C CD  . LYS A 1 33  ? 13.942  6.209   -8.159  1.00 54.29  ? 34  LYS A CD  1 
ATOM   249  C CE  . LYS A 1 33  ? 14.685  6.012   -9.461  1.00 54.39  ? 34  LYS A CE  1 
ATOM   250  N NZ  . LYS A 1 33  ? 14.719  4.595   -9.942  1.00 53.71  ? 34  LYS A NZ  1 
ATOM   251  N N   . GLY A 1 34  ? 15.338  3.158   -4.525  1.00 30.06  ? 35  GLY A N   1 
ATOM   252  C CA  . GLY A 1 34  ? 16.278  2.597   -3.556  1.00 29.50  ? 35  GLY A CA  1 
ATOM   253  C C   . GLY A 1 34  ? 15.839  1.291   -2.912  1.00 30.75  ? 35  GLY A C   1 
ATOM   254  O O   . GLY A 1 34  ? 14.895  0.647   -3.387  1.00 30.91  ? 35  GLY A O   1 
ATOM   255  N N   . THR A 1 35  ? 16.573  0.877   -1.882  1.00 31.62  ? 36  THR A N   1 
ATOM   256  C CA  . THR A 1 35  ? 16.367  -0.370  -1.143  1.00 29.74  ? 36  THR A CA  1 
ATOM   257  C C   . THR A 1 35  ? 15.354  -0.183  0.009   1.00 30.50  ? 36  THR A C   1 
ATOM   258  O O   . THR A 1 35  ? 15.557  0.656   0.875   1.00 27.74  ? 36  THR A O   1 
ATOM   259  C CB  . THR A 1 35  ? 17.676  -0.883  -0.521  1.00 33.92  ? 36  THR A CB  1 
ATOM   260  O OG1 . THR A 1 35  ? 18.674  -1.134  -1.531  1.00 33.12  ? 36  THR A OG1 1 
ATOM   261  C CG2 . THR A 1 35  ? 17.418  -2.182  0.246   1.00 32.46  ? 36  THR A CG2 1 
ATOM   262  N N   . PRO A 1 36  ? 14.309  -0.985  0.054   1.00 34.82  ? 37  PRO A N   1 
ATOM   263  C CA  . PRO A 1 36  ? 13.295  -0.819  1.089   1.00 30.49  ? 37  PRO A CA  1 
ATOM   264  C C   . PRO A 1 36  ? 13.903  -0.979  2.470   1.00 32.52  ? 37  PRO A C   1 
ATOM   265  O O   . PRO A 1 36  ? 14.758  -1.781  2.649   1.00 32.19  ? 37  PRO A O   1 
ATOM   266  C CB  . PRO A 1 36  ? 12.348  -1.949  0.815   1.00 30.74  ? 37  PRO A CB  1 
ATOM   267  C CG  . PRO A 1 36  ? 12.470  -2.185  -0.624  1.00 31.03  ? 37  PRO A CG  1 
ATOM   268  C CD  . PRO A 1 36  ? 13.896  -1.966  -0.957  1.00 30.29  ? 37  PRO A CD  1 
ATOM   269  N N   . LYS A 1 37  ? 13.493  -0.124  3.385   1.00 28.23  ? 38  LYS A N   1 
ATOM   270  C CA  . LYS A 1 37  ? 14.074  -0.062  4.719   1.00 26.43  ? 38  LYS A CA  1 
ATOM   271  C C   . LYS A 1 37  ? 13.804  -1.239  5.614   1.00 26.38  ? 38  LYS A C   1 
ATOM   272  O O   . LYS A 1 37  ? 14.612  -1.601  6.402   1.00 24.26  ? 38  LYS A O   1 
ATOM   273  C CB  . LYS A 1 37  ? 13.678  1.211   5.400   1.00 27.36  ? 38  LYS A CB  1 
ATOM   274  C CG  . LYS A 1 37  ? 14.048  2.448   4.654   1.00 29.63  ? 38  LYS A CG  1 
ATOM   275  C CD  . LYS A 1 37  ? 15.428  2.374   4.104   1.00 31.88  ? 38  LYS A CD  1 
ATOM   276  C CE  . LYS A 1 37  ? 16.450  2.440   5.193   1.00 35.31  ? 38  LYS A CE  1 
ATOM   277  N NZ  . LYS A 1 37  ? 17.822  2.361   4.665   1.00 39.22  ? 38  LYS A NZ  1 
ATOM   278  N N   . ASP A 1 38  ? 12.606  -1.767  5.507   1.00 22.14  ? 39  ASP A N   1 
ATOM   279  C CA  . ASP A 1 38  ? 12.158  -2.837  6.329   1.00 23.22  ? 39  ASP A CA  1 
ATOM   280  C C   . ASP A 1 38  ? 10.988  -3.546  5.654   1.00 20.47  ? 39  ASP A C   1 
ATOM   281  O O   . ASP A 1 38  ? 10.684  -3.276  4.550   1.00 20.36  ? 39  ASP A O   1 
ATOM   282  C CB  . ASP A 1 38  ? 11.846  -2.329  7.741   1.00 21.62  ? 39  ASP A CB  1 
ATOM   283  C CG  . ASP A 1 38  ? 10.556  -1.517  7.795   1.00 23.83  ? 39  ASP A CG  1 
ATOM   284  O OD1 . ASP A 1 38  ? 9.998   -1.211  6.743   1.00 19.50  ? 39  ASP A OD1 1 
ATOM   285  O OD2 . ASP A 1 38  ? 10.126  -1.203  8.889   1.00 22.33  ? 39  ASP A OD2 1 
ATOM   286  N N   . ALA A 1 39  ? 10.390  -4.493  6.339   1.00 22.03  ? 40  ALA A N   1 
ATOM   287  C CA  . ALA A 1 39  ? 9.301   -5.257  5.783   1.00 18.91  ? 40  ALA A CA  1 
ATOM   288  C C   . ALA A 1 39  ? 8.084   -4.397  5.420   1.00 19.71  ? 40  ALA A C   1 
ATOM   289  O O   . ALA A 1 39  ? 7.499   -4.572  4.385   1.00 17.89  ? 40  ALA A O   1 
ATOM   290  C CB  . ALA A 1 39  ? 8.909   -6.345  6.713   1.00 20.39  ? 40  ALA A CB  1 
ATOM   291  N N   . THR A 1 40  ? 7.732   -3.445  6.274   1.00 19.82  ? 41  THR A N   1 
ATOM   292  C CA  . THR A 1 40  ? 6.571   -2.553  5.955   1.00 20.19  ? 41  THR A CA  1 
ATOM   293  C C   . THR A 1 40  ? 6.815   -1.793  4.614   1.00 20.90  ? 41  THR A C   1 
ATOM   294  O O   . THR A 1 40  ? 5.905   -1.677  3.760   1.00 19.38  ? 41  THR A O   1 
ATOM   295  C CB  . THR A 1 40  ? 6.336   -1.545  7.067   1.00 19.24  ? 41  THR A CB  1 
ATOM   296  O OG1 . THR A 1 40  ? 5.767   -2.260  8.182   1.00 21.51  ? 41  THR A OG1 1 
ATOM   297  C CG2 . THR A 1 40  ? 5.335   -0.514  6.611   1.00 17.02  ? 41  THR A CG2 1 
ATOM   298  N N   . ASP A 1 41  ? 8.035   -1.298  4.455   1.00 18.60  ? 42  ASP A N   1 
ATOM   299  C CA  . ASP A 1 41  ? 8.432   -0.583  3.243   1.00 18.71  ? 42  ASP A CA  1 
ATOM   300  C C   . ASP A 1 41  ? 8.372   -1.518  2.061   1.00 18.52  ? 42  ASP A C   1 
ATOM   301  O O   . ASP A 1 41  ? 7.978   -1.124  0.966   1.00 17.30  ? 42  ASP A O   1 
ATOM   302  C CB  . ASP A 1 41  ? 9.832   -0.004  3.438   1.00 19.23  ? 42  ASP A CB  1 
ATOM   303  C CG  . ASP A 1 41  ? 10.105  1.170   2.571   1.00 20.65  ? 42  ASP A CG  1 
ATOM   304  O OD1 . ASP A 1 41  ? 9.154   1.668   1.917   1.00 21.14  ? 42  ASP A OD1 1 
ATOM   305  O OD2 . ASP A 1 41  ? 11.310  1.574   2.487   1.00 21.70  ? 42  ASP A OD2 1 
ATOM   306  N N   . ARG A 1 42  ? 8.736   -2.807  2.270   1.00 16.75  ? 43  ARG A N   1 
ATOM   307  C CA  . ARG A 1 42  ? 8.693   -3.788  1.158   1.00 16.91  ? 43  ARG A CA  1 
ATOM   308  C C   . ARG A 1 42  ? 7.283   -3.977  0.748   1.00 15.20  ? 43  ARG A C   1 
ATOM   309  O O   . ARG A 1 42  ? 6.978   -4.203  -0.428  1.00 15.16  ? 43  ARG A O   1 
ATOM   310  C CB  . ARG A 1 42  ? 9.372   -5.129  1.500   1.00 18.09  ? 43  ARG A CB  1 
ATOM   311  C CG  . ARG A 1 42  ? 10.899  -5.011  1.589   1.00 24.87  ? 43  ARG A CG  1 
ATOM   312  C CD  . ARG A 1 42  ? 11.649  -6.377  1.681   1.00 30.47  ? 43  ARG A CD  1 
ATOM   313  N NE  . ARG A 1 42  ? 11.528  -6.960  3.026   1.00 30.76  ? 43  ARG A NE  1 
ATOM   314  C CZ  . ARG A 1 42  ? 12.353  -6.728  4.033   1.00 34.09  ? 43  ARG A CZ  1 
ATOM   315  N NH1 . ARG A 1 42  ? 13.399  -5.944  3.870   1.00 34.48  ? 43  ARG A NH1 1 
ATOM   316  N NH2 . ARG A 1 42  ? 12.136  -7.300  5.214   1.00 36.09  ? 43  ARG A NH2 1 
ATOM   317  N N   . CYS A 1 43  ? 6.358   -3.780  1.702   1.00 15.98  ? 44  CYS A N   1 
ATOM   318  C CA  . CYS A 1 43  ? 4.925   -3.872  1.347   1.00 17.20  ? 44  CYS A CA  1 
ATOM   319  C C   . CYS A 1 43  ? 4.601   -2.773  0.329   1.00 15.96  ? 44  CYS A C   1 
ATOM   320  O O   . CYS A 1 43  ? 3.926   -2.984  -0.681  1.00 16.12  ? 44  CYS A O   1 
ATOM   321  C CB  . CYS A 1 43  ? 4.037   -3.720  2.560   1.00 17.46  ? 44  CYS A CB  1 
ATOM   322  S SG  . CYS A 1 43  ? 4.139   -4.982  3.855   1.00 18.46  ? 44  CYS A SG  1 
ATOM   323  N N   . CYS A 1 44  ? 5.107   -1.570  0.579   1.00 15.36  ? 45  CYS A N   1 
ATOM   324  C CA  . CYS A 1 44  ? 4.839   -0.438  -0.302  1.00 15.15  ? 45  CYS A CA  1 
ATOM   325  C C   . CYS A 1 44  ? 5.513   -0.622  -1.622  1.00 14.90  ? 45  CYS A C   1 
ATOM   326  O O   . CYS A 1 44  ? 4.959   -0.257  -2.632  1.00 14.99  ? 45  CYS A O   1 
ATOM   327  C CB  . CYS A 1 44  ? 5.274   0.908   0.372   1.00 18.34  ? 45  CYS A CB  1 
ATOM   328  S SG  . CYS A 1 44  ? 4.262   1.318   1.804   1.00 19.89  ? 45  CYS A SG  1 
ATOM   329  N N   . PHE A 1 45  ? 6.708   -1.250  -1.650  1.00 15.50  ? 46  PHE A N   1 
ATOM   330  C CA  . PHE A 1 45  ? 7.366   -1.495  -2.878  1.00 15.05  ? 46  PHE A CA  1 
ATOM   331  C C   . PHE A 1 45  ? 6.588   -2.411  -3.774  1.00 14.35  ? 46  PHE A C   1 
ATOM   332  O O   . PHE A 1 45  ? 6.471   -2.150  -4.998  1.00 14.77  ? 46  PHE A O   1 
ATOM   333  C CB  . PHE A 1 45  ? 8.789   -2.095  -2.612  1.00 19.02  ? 46  PHE A CB  1 
ATOM   334  C CG  . PHE A 1 45  ? 9.558   -2.373  -3.874  1.00 19.78  ? 46  PHE A CG  1 
ATOM   335  C CD1 . PHE A 1 45  ? 10.160  -1.332  -4.578  1.00 25.45  ? 46  PHE A CD1 1 
ATOM   336  C CD2 . PHE A 1 45  ? 9.625   -3.650  -4.423  1.00 23.79  ? 46  PHE A CD2 1 
ATOM   337  C CE1 . PHE A 1 45  ? 10.838  -1.552  -5.806  1.00 27.26  ? 46  PHE A CE1 1 
ATOM   338  C CE2 . PHE A 1 45  ? 10.320  -3.882  -5.639  1.00 25.32  ? 46  PHE A CE2 1 
ATOM   339  C CZ  . PHE A 1 45  ? 10.909  -2.840  -6.339  1.00 24.17  ? 46  PHE A CZ  1 
ATOM   340  N N   . VAL A 1 46  ? 6.013   -3.441  -3.200  1.00 15.02  ? 47  VAL A N   1 
ATOM   341  C CA  . VAL A 1 46  ? 5.208   -4.440  -3.961  1.00 14.35  ? 47  VAL A CA  1 
ATOM   342  C C   . VAL A 1 46  ? 3.928   -3.752  -4.440  1.00 14.43  ? 47  VAL A C   1 
ATOM   343  O O   . VAL A 1 46  ? 3.494   -3.933  -5.602  1.00 13.71  ? 47  VAL A O   1 
ATOM   344  C CB  . VAL A 1 46  ? 4.829   -5.688  -3.123  1.00 14.36  ? 47  VAL A CB  1 
ATOM   345  C CG1 . VAL A 1 46  ? 3.832   -6.520  -3.904  1.00 14.40  ? 47  VAL A CG1 1 
ATOM   346  C CG2 . VAL A 1 46  ? 6.037   -6.563  -2.828  1.00 15.33  ? 47  VAL A CG2 1 
ATOM   347  N N   . HIS A 1 47  ? 3.372   -2.957  -3.559  1.00 14.63  ? 48  HIS A N   1 
ATOM   348  C CA  . HIS A 1 47  ? 2.153   -2.194  -3.880  1.00 15.28  ? 48  HIS A CA  1 
ATOM   349  C C   . HIS A 1 47  ? 2.411   -1.248  -5.049  1.00 16.99  ? 48  HIS A C   1 
ATOM   350  O O   . HIS A 1 47  ? 1.601   -1.200  -6.032  1.00 15.02  ? 48  HIS A O   1 
ATOM   351  C CB  . HIS A 1 47  ? 1.720   -1.428  -2.679  1.00 15.85  ? 48  HIS A CB  1 
ATOM   352  C CG  . HIS A 1 47  ? 0.353   -0.758  -2.848  1.00 15.37  ? 48  HIS A CG  1 
ATOM   353  N ND1 . HIS A 1 47  ? 0.212   0.592   -2.894  1.00 16.79  ? 48  HIS A ND1 1 
ATOM   354  C CD2 . HIS A 1 47  ? -0.908  -1.297  -2.955  1.00 16.87  ? 48  HIS A CD2 1 
ATOM   355  C CE1 . HIS A 1 47  ? -1.109  0.914   -3.030  1.00 16.28  ? 48  HIS A CE1 1 
ATOM   356  N NE2 . HIS A 1 47  ? -1.803  -0.257  -3.090  1.00 17.51  ? 48  HIS A NE2 1 
ATOM   357  N N   . ASP A 1 48  ? 3.544   -0.560  -5.005  1.00 14.37  ? 49  ASP A N   1 
ATOM   358  C CA  . ASP A 1 48  ? 3.970   0.338   -6.059  1.00 17.56  ? 49  ASP A CA  1 
ATOM   359  C C   . ASP A 1 48  ? 4.120   -0.483  -7.358  1.00 17.17  ? 49  ASP A C   1 
ATOM   360  O O   . ASP A 1 48  ? 3.707   -0.018  -8.436  1.00 16.03  ? 49  ASP A O   1 
ATOM   361  C CB  . ASP A 1 48  ? 5.269   0.993   -5.740  1.00 16.24  ? 49  ASP A CB  1 
ATOM   362  C CG  . ASP A 1 48  ? 5.160   2.086   -4.632  1.00 17.64  ? 49  ASP A CG  1 
ATOM   363  O OD1 . ASP A 1 48  ? 4.015   2.523   -4.296  1.00 16.21  ? 49  ASP A OD1 1 
ATOM   364  O OD2 . ASP A 1 48  ? 6.185   2.537   -4.178  1.00 18.77  ? 49  ASP A OD2 1 
ATOM   365  N N   . CYS A 1 49  ? 4.679   -1.686  -7.252  1.00 17.29  ? 50  CYS A N   1 
ATOM   366  C CA  . CYS A 1 49  ? 4.832   -2.547  -8.452  1.00 18.20  ? 50  CYS A CA  1 
ATOM   367  C C   . CYS A 1 49  ? 3.504   -2.983  -8.970  1.00 16.53  ? 50  CYS A C   1 
ATOM   368  O O   . CYS A 1 49  ? 3.273   -3.006  -10.231 1.00 14.44  ? 50  CYS A O   1 
ATOM   369  C CB  . CYS A 1 49  ? 5.696   -3.800  -8.073  1.00 18.41  ? 50  CYS A CB  1 
ATOM   370  S SG  . CYS A 1 49  ? 7.436   -3.387  -7.786  1.00 18.56  ? 50  CYS A SG  1 
ATOM   371  N N   . CYS A 1 50  ? 2.590   -3.353  -8.044  1.00 17.19  ? 51  CYS A N   1 
ATOM   372  C CA  . CYS A 1 50  ? 1.251   -3.763  -8.376  1.00 17.17  ? 51  CYS A CA  1 
ATOM   373  C C   . CYS A 1 50  ? 0.483   -2.706  -9.151  1.00 16.46  ? 51  CYS A C   1 
ATOM   374  O O   . CYS A 1 50  ? -0.193  -3.010  -10.182 1.00 14.58  ? 51  CYS A O   1 
ATOM   375  C CB  . CYS A 1 50  ? 0.465   -4.100  -7.109  1.00 15.30  ? 51  CYS A CB  1 
ATOM   376  S SG  . CYS A 1 50  ? -0.943  -5.230  -7.320  1.00 14.14  ? 51  CYS A SG  1 
ATOM   377  N N   . TYR A 1 51  ? 0.613   -1.466  -8.731  1.00 15.15  ? 52  TYR A N   1 
ATOM   378  C CA  . TYR A 1 51  ? 0.003   -0.370  -9.478  1.00 15.32  ? 52  TYR A CA  1 
ATOM   379  C C   . TYR A 1 51  ? 0.690   -0.231  -10.843 1.00 16.07  ? 52  TYR A C   1 
ATOM   380  O O   . TYR A 1 51  ? 0.060   0.106   -11.835 1.00 16.91  ? 52  TYR A O   1 
ATOM   381  C CB  . TYR A 1 51  ? 0.158   0.932   -8.696  1.00 15.23  ? 52  TYR A CB  1 
ATOM   382  C CG  . TYR A 1 51  ? -0.903  1.194   -7.636  1.00 16.62  ? 52  TYR A CG  1 
ATOM   383  C CD1 . TYR A 1 51  ? -1.935  0.306   -7.433  1.00 15.49  ? 52  TYR A CD1 1 
ATOM   384  C CD2 . TYR A 1 51  ? -0.839  2.357   -6.831  1.00 14.84  ? 52  TYR A CD2 1 
ATOM   385  C CE1 . TYR A 1 51  ? -2.904  0.521   -6.442  1.00 16.81  ? 52  TYR A CE1 1 
ATOM   386  C CE2 . TYR A 1 51  ? -1.831  2.656   -5.891  1.00 16.38  ? 52  TYR A CE2 1 
ATOM   387  C CZ  . TYR A 1 51  ? -2.812  1.725   -5.624  1.00 17.20  ? 52  TYR A CZ  1 
ATOM   388  O OH  . TYR A 1 51  ? -3.815  2.015   -4.702  1.00 16.44  ? 52  TYR A OH  1 
ATOM   389  N N   . GLY A 1 52  ? 1.998   -0.453  -10.867 1.00 17.70  ? 53  GLY A N   1 
ATOM   390  C CA  . GLY A 1 52  ? 2.758   -0.338  -12.111 1.00 16.42  ? 53  GLY A CA  1 
ATOM   391  C C   . GLY A 1 52  ? 2.342   -1.376  -13.140 1.00 17.77  ? 53  GLY A C   1 
ATOM   392  O O   . GLY A 1 52  ? 2.509   -1.104  -14.333 1.00 20.06  ? 53  GLY A O   1 
ATOM   393  N N   . ASN A 1 53  ? 1.783   -2.501  -12.707 1.00 18.62  ? 54  ASN A N   1 
ATOM   394  C CA  . ASN A 1 53  ? 1.280   -3.531  -13.602 1.00 21.93  ? 54  ASN A CA  1 
ATOM   395  C C   . ASN A 1 53  ? 0.010   -3.076  -14.354 1.00 18.73  ? 54  ASN A C   1 
ATOM   396  O O   . ASN A 1 53  ? -0.388  -3.716  -15.270 1.00 20.05  ? 54  ASN A O   1 
ATOM   397  C CB  . ASN A 1 53  ? 0.899   -4.852  -12.904 1.00 24.00  ? 54  ASN A CB  1 
ATOM   398  C CG  . ASN A 1 53  ? 2.037   -5.591  -12.212 1.00 31.62  ? 54  ASN A CG  1 
ATOM   399  O OD1 . ASN A 1 53  ? 3.146   -5.653  -12.667 1.00 34.28  ? 54  ASN A OD1 1 
ATOM   400  N ND2 . ASN A 1 53  ? 1.705   -6.195  -11.107 1.00 27.78  ? 54  ASN A ND2 1 
ATOM   401  N N   . LEU A 1 54  ? -0.544  -1.947  -13.940 1.00 17.36  ? 55  LEU A N   1 
ATOM   402  C CA  . LEU A 1 54  ? -1.795  -1.367  -14.412 1.00 20.96  ? 55  LEU A CA  1 
ATOM   403  C C   . LEU A 1 54  ? -1.650  0.111   -14.886 1.00 22.65  ? 55  LEU A C   1 
ATOM   404  O O   . LEU A 1 54  ? -2.276  1.039   -14.433 1.00 21.26  ? 55  LEU A O   1 
ATOM   405  C CB  . LEU A 1 54  ? -2.841  -1.422  -13.318 1.00 20.28  ? 55  LEU A CB  1 
ATOM   406  C CG  . LEU A 1 54  ? -2.933  -2.663  -12.482 1.00 18.86  ? 55  LEU A CG  1 
ATOM   407  C CD1 . LEU A 1 54  ? -3.762  -2.377  -11.265 1.00 19.68  ? 55  LEU A CD1 1 
ATOM   408  C CD2 . LEU A 1 54  ? -3.577  -3.683  -13.331 1.00 20.78  ? 55  LEU A CD2 1 
ATOM   409  N N   . PRO A 1 55  ? -0.828  0.198   -16.014 1.00 22.45  ? 56  PRO A N   1 
ATOM   410  C CA  . PRO A 1 55  ? -0.580  1.551   -16.474 1.00 23.36  ? 56  PRO A CA  1 
ATOM   411  C C   . PRO A 1 55  ? -1.839  2.315   -16.917 1.00 25.83  ? 56  PRO A C   1 
ATOM   412  O O   . PRO A 1 55  ? -1.824  3.490   -16.733 1.00 28.32  ? 56  PRO A O   1 
ATOM   413  C CB  . PRO A 1 55  ? 0.346   1.355   -17.661 1.00 24.43  ? 56  PRO A CB  1 
ATOM   414  C CG  . PRO A 1 55  ? -0.114  0.122   -18.263 1.00 25.72  ? 56  PRO A CG  1 
ATOM   415  C CD  . PRO A 1 55  ? -0.196  -0.733  -17.071 1.00 25.29  ? 56  PRO A CD  1 
ATOM   416  N N   . ASP A 1 56  ? -2.830  1.686   -17.533 1.00 21.24  ? 59  ASP A N   1 
ATOM   417  C CA  . ASP A 1 56  ? -4.061  2.385   -17.897 1.00 19.65  ? 59  ASP A CA  1 
ATOM   418  C C   . ASP A 1 56  ? -5.206  2.361   -16.887 1.00 20.12  ? 59  ASP A C   1 
ATOM   419  O O   . ASP A 1 56  ? -6.354  2.433   -17.264 1.00 20.77  ? 59  ASP A O   1 
ATOM   420  C CB  . ASP A 1 56  ? -4.543  1.957   -19.275 1.00 23.79  ? 59  ASP A CB  1 
ATOM   421  C CG  . ASP A 1 56  ? -3.475  2.053   -20.281 1.00 28.72  ? 59  ASP A CG  1 
ATOM   422  O OD1 . ASP A 1 56  ? -2.762  3.020   -20.268 1.00 25.67  ? 59  ASP A OD1 1 
ATOM   423  O OD2 . ASP A 1 56  ? -3.325  1.137   -21.056 1.00 38.56  ? 59  ASP A OD2 1 
ATOM   424  N N   . CYS A 1 57  ? -4.796  2.224   -15.564 1.00 15.11  ? 61  CYS A N   1 
ATOM   425  C CA  . CYS A 1 57  ? -5.846  2.308   -14.544 1.00 16.94  ? 61  CYS A CA  1 
ATOM   426  C C   . CYS A 1 57  ? -5.463  3.460   -13.667 1.00 16.28  ? 61  CYS A C   1 
ATOM   427  O O   . CYS A 1 57  ? -4.271  3.851   -13.676 1.00 16.56  ? 61  CYS A O   1 
ATOM   428  C CB  . CYS A 1 57  ? -5.871  1.007   -13.714 1.00 14.26  ? 61  CYS A CB  1 
ATOM   429  S SG  . CYS A 1 57  ? -6.318  -0.519  -14.605 1.00 15.63  ? 61  CYS A SG  1 
ATOM   430  N N   . ASN A 1 58  ? -6.326  4.029   -12.839 1.00 12.96  ? 67  ASN A N   1 
ATOM   431  C CA  . ASN A 1 58  ? -6.093  5.154   -11.975 1.00 15.76  ? 67  ASN A CA  1 
ATOM   432  C C   . ASN A 1 58  ? -6.469  4.875   -10.550 1.00 15.47  ? 67  ASN A C   1 
ATOM   433  O O   . ASN A 1 58  ? -7.618  5.123   -10.124 1.00 18.95  ? 67  ASN A O   1 
ATOM   434  C CB  . ASN A 1 58  ? -6.785  6.466   -12.524 1.00 16.80  ? 67  ASN A CB  1 
ATOM   435  C CG  . ASN A 1 58  ? -6.461  6.688   -13.986 1.00 17.40  ? 67  ASN A CG  1 
ATOM   436  O OD1 . ASN A 1 58  ? -7.115  6.128   -14.889 1.00 21.38  ? 67  ASN A OD1 1 
ATOM   437  N ND2 . ASN A 1 58  ? -5.403  7.407   -14.238 1.00 18.37  ? 67  ASN A ND2 1 
ATOM   438  N N   . PRO A 1 59  ? -5.544  4.292   -9.812  1.00 17.32  ? 68  PRO A N   1 
ATOM   439  C CA  . PRO A 1 59  ? -5.822  3.829   -8.435  1.00 19.73  ? 68  PRO A CA  1 
ATOM   440  C C   . PRO A 1 59  ? -6.146  4.894   -7.415  1.00 20.52  ? 68  PRO A C   1 
ATOM   441  O O   . PRO A 1 59  ? -6.843  4.587   -6.420  1.00 19.86  ? 68  PRO A O   1 
ATOM   442  C CB  . PRO A 1 59  ? -4.576  3.063   -8.063  1.00 19.54  ? 68  PRO A CB  1 
ATOM   443  C CG  . PRO A 1 59  ? -3.524  3.537   -8.972  1.00 19.44  ? 68  PRO A CG  1 
ATOM   444  C CD  . PRO A 1 59  ? -4.233  3.805   -10.274 1.00 16.44  ? 68  PRO A CD  1 
ATOM   445  N N   . LYS A 1 60  ? -5.734  6.150   -7.646  1.00 21.46  ? 69  LYS A N   1 
ATOM   446  C CA  . LYS A 1 60  ? -6.060  7.220   -6.682  1.00 22.18  ? 69  LYS A CA  1 
ATOM   447  C C   . LYS A 1 60  ? -7.545  7.601   -6.736  1.00 24.77  ? 69  LYS A C   1 
ATOM   448  O O   . LYS A 1 60  ? -8.154  7.845   -5.695  1.00 29.68  ? 69  LYS A O   1 
ATOM   449  C CB  . LYS A 1 60  ? -5.197  8.476   -6.793  1.00 25.24  ? 69  LYS A CB  1 
ATOM   450  C CG  . LYS A 1 60  ? -3.746  8.263   -7.059  1.00 27.60  ? 69  LYS A CG  1 
ATOM   451  C CD  . LYS A 1 60  ? -3.041  7.312   -6.136  1.00 31.31  ? 69  LYS A CD  1 
ATOM   452  C CE  . LYS A 1 60  ? -1.565  7.154   -6.600  1.00 38.04  ? 69  LYS A CE  1 
ATOM   453  N NZ  . LYS A 1 60  ? -0.898  5.865   -6.197  1.00 31.55  ? 69  LYS A NZ  1 
ATOM   454  N N   . SER A 1 61  ? -8.120  7.569   -7.935  1.00 22.35  ? 70  SER A N   1 
ATOM   455  C CA  . SER A 1 61  ? -9.459  8.073   -8.093  1.00 25.17  ? 70  SER A CA  1 
ATOM   456  C C   . SER A 1 61  ? -10.489 7.003   -8.311  1.00 22.14  ? 70  SER A C   1 
ATOM   457  O O   . SER A 1 61  ? -11.692 7.249   -8.107  1.00 24.41  ? 70  SER A O   1 
ATOM   458  C CB  . SER A 1 61  ? -9.508  9.065   -9.263  1.00 24.42  ? 70  SER A CB  1 
ATOM   459  O OG  . SER A 1 61  ? -9.077  8.508   -10.498 1.00 25.20  ? 70  SER A OG  1 
ATOM   460  N N   . ASP A 1 62  ? -10.076 5.870   -8.883  1.00 18.99  ? 71  ASP A N   1 
ATOM   461  C CA  . ASP A 1 62  ? -11.056 4.837   -9.208  1.00 18.25  ? 71  ASP A CA  1 
ATOM   462  C C   . ASP A 1 62  ? -11.600 4.107   -7.933  1.00 18.00  ? 71  ASP A C   1 
ATOM   463  O O   . ASP A 1 62  ? -10.848 3.500   -7.192  1.00 18.63  ? 71  ASP A O   1 
ATOM   464  C CB  . ASP A 1 62  ? -10.472 3.869   -10.206 1.00 18.00  ? 71  ASP A CB  1 
ATOM   465  C CG  . ASP A 1 62  ? -11.522 3.093   -10.955 1.00 17.17  ? 71  ASP A CG  1 
ATOM   466  O OD1 . ASP A 1 62  ? -12.732 3.222   -10.675 1.00 21.11  ? 71  ASP A OD1 1 
ATOM   467  O OD2 . ASP A 1 62  ? -11.144 2.358   -11.893 1.00 15.92  ? 71  ASP A OD2 1 
ATOM   468  N N   . ARG A 1 63  ? -12.913 4.174   -7.714  1.00 18.34  ? 72  ARG A N   1 
ATOM   469  C CA  . ARG A 1 63  ? -13.536 3.525   -6.575  1.00 20.02  ? 72  ARG A CA  1 
ATOM   470  C C   . ARG A 1 63  ? -13.961 2.096   -6.857  1.00 20.53  ? 72  ARG A C   1 
ATOM   471  O O   . ARG A 1 63  ? -14.577 1.814   -7.907  1.00 19.91  ? 72  ARG A O   1 
ATOM   472  C CB  . ARG A 1 63  ? -14.758 4.322   -6.042  1.00 22.10  ? 72  ARG A CB  1 
ATOM   473  C CG  . ARG A 1 63  ? -14.340 5.762   -5.573  1.00 26.66  ? 72  ARG A CG  1 
ATOM   474  C CD  . ARG A 1 63  ? -15.511 6.433   -4.877  1.00 33.07  ? 72  ARG A CD  1 
ATOM   475  N NE  . ARG A 1 63  ? -15.184 7.676   -4.168  1.00 33.23  ? 72  ARG A NE  1 
ATOM   476  C CZ  . ARG A 1 63  ? -16.048 8.361   -3.391  1.00 35.46  ? 72  ARG A CZ  1 
ATOM   477  N NH1 . ARG A 1 63  ? -15.677 9.493   -2.803  1.00 38.31  ? 72  ARG A NH1 1 
ATOM   478  N NH2 . ARG A 1 63  ? -17.297 7.951   -3.225  1.00 38.52  ? 72  ARG A NH2 1 
ATOM   479  N N   . TYR A 1 64  ? -13.566 1.169   -5.988  1.00 21.13  ? 73  TYR A N   1 
ATOM   480  C CA  . TYR A 1 64  ? -13.997 -0.241  -6.135  1.00 19.81  ? 73  TYR A CA  1 
ATOM   481  C C   . TYR A 1 64  ? -14.876 -0.562  -4.933  1.00 22.69  ? 73  TYR A C   1 
ATOM   482  O O   . TYR A 1 64  ? -14.846 0.150   -3.921  1.00 22.80  ? 73  TYR A O   1 
ATOM   483  C CB  . TYR A 1 64  ? -12.774 -1.259  -6.251  1.00 18.89  ? 73  TYR A CB  1 
ATOM   484  C CG  . TYR A 1 64  ? -11.733 -1.038  -5.163  1.00 17.40  ? 73  TYR A CG  1 
ATOM   485  C CD1 . TYR A 1 64  ? -12.013 -1.429  -3.835  1.00 16.69  ? 73  TYR A CD1 1 
ATOM   486  C CD2 . TYR A 1 64  ? -10.537 -0.364  -5.408  1.00 18.47  ? 73  TYR A CD2 1 
ATOM   487  C CE1 . TYR A 1 64  ? -11.107 -1.204  -2.808  1.00 18.63  ? 73  TYR A CE1 1 
ATOM   488  C CE2 . TYR A 1 64  ? -9.608  -0.057  -4.356  1.00 16.77  ? 73  TYR A CE2 1 
ATOM   489  C CZ  . TYR A 1 64  ? -9.886  -0.522  -3.054  1.00 17.11  ? 73  TYR A CZ  1 
ATOM   490  O OH  . TYR A 1 64  ? -9.013  -0.164  -2.053  1.00 18.80  ? 73  TYR A OH  1 
ATOM   491  N N   . LYS A 1 65  ? -15.580 -1.687  -4.982  1.00 23.74  ? 74  LYS A N   1 
ATOM   492  C CA  . LYS A 1 65  ? -16.312 -2.190  -3.820  1.00 25.95  ? 74  LYS A CA  1 
ATOM   493  C C   . LYS A 1 65  ? -15.673 -3.491  -3.207  1.00 21.87  ? 74  LYS A C   1 
ATOM   494  O O   . LYS A 1 65  ? -15.232 -4.365  -3.913  1.00 21.38  ? 74  LYS A O   1 
ATOM   495  C CB  . LYS A 1 65  ? -17.761 -2.479  -4.207  1.00 33.50  ? 74  LYS A CB  1 
ATOM   496  C CG  . LYS A 1 65  ? -18.546 -1.217  -4.590  1.00 37.63  ? 74  LYS A CG  1 
ATOM   497  C CD  . LYS A 1 65  ? -18.663 -0.251  -3.400  1.00 44.56  ? 74  LYS A CD  1 
ATOM   498  C CE  . LYS A 1 65  ? -19.167 1.135   -3.882  1.00 60.44  ? 74  LYS A CE  1 
ATOM   499  N NZ  . LYS A 1 65  ? -19.208 2.228   -2.834  1.00 62.22  ? 74  LYS A NZ  1 
ATOM   500  N N   . TYR A 1 66  ? -15.667 -3.561  -1.886  1.00 19.32  ? 75  TYR A N   1 
ATOM   501  C CA  . TYR A 1 66  ? -15.242 -4.749  -1.228  1.00 22.71  ? 75  TYR A CA  1 
ATOM   502  C C   . TYR A 1 66  ? -16.104 -5.014  0.021   1.00 23.51  ? 75  TYR A C   1 
ATOM   503  O O   . TYR A 1 66  ? -16.810 -4.120  0.520   1.00 25.28  ? 75  TYR A O   1 
ATOM   504  C CB  . TYR A 1 66  ? -13.784 -4.697  -0.889  1.00 19.42  ? 75  TYR A CB  1 
ATOM   505  C CG  . TYR A 1 66  ? -13.403 -3.774  0.284   1.00 20.46  ? 75  TYR A CG  1 
ATOM   506  C CD1 . TYR A 1 66  ? -13.236 -2.372  0.108   1.00 18.92  ? 75  TYR A CD1 1 
ATOM   507  C CD2 . TYR A 1 66  ? -13.221 -4.290  1.563   1.00 18.20  ? 75  TYR A CD2 1 
ATOM   508  C CE1 . TYR A 1 66  ? -12.856 -1.575  1.170   1.00 18.69  ? 75  TYR A CE1 1 
ATOM   509  C CE2 . TYR A 1 66  ? -12.855 -3.494  2.638   1.00 18.72  ? 75  TYR A CE2 1 
ATOM   510  C CZ  . TYR A 1 66  ? -12.683 -2.130  2.453   1.00 20.95  ? 75  TYR A CZ  1 
ATOM   511  O OH  . TYR A 1 66  ? -12.280 -1.326  3.509   1.00 20.96  ? 75  TYR A OH  1 
ATOM   512  N N   . LYS A 1 67  ? -16.063 -6.252  0.469   1.00 24.57  ? 76  LYS A N   1 
ATOM   513  C CA  . LYS A 1 67  ? -16.804 -6.723  1.612   1.00 24.07  ? 76  LYS A CA  1 
ATOM   514  C C   . LYS A 1 67  ? -15.892 -7.470  2.539   1.00 26.55  ? 76  LYS A C   1 
ATOM   515  O O   . LYS A 1 67  ? -14.760 -7.656  2.267   1.00 24.06  ? 76  LYS A O   1 
ATOM   516  C CB  . LYS A 1 67  ? -17.962 -7.636  1.218   1.00 25.99  ? 76  LYS A CB  1 
ATOM   517  C CG  . LYS A 1 67  ? -17.606 -8.909  0.538   1.00 23.62  ? 76  LYS A CG  1 
ATOM   518  C CD  . LYS A 1 67  ? -18.874 -9.649  0.231   1.00 26.14  ? 76  LYS A CD  1 
ATOM   519  C CE  . LYS A 1 67  ? -18.709 -10.616 -0.909  1.00 33.35  ? 76  LYS A CE  1 
ATOM   520  N NZ  . LYS A 1 67  ? -19.821 -11.566 -1.102  1.00 32.46  ? 76  LYS A NZ  1 
ATOM   521  N N   . ARG A 1 68  ? -16.443 -7.829  3.688   1.00 29.31  ? 77  ARG A N   1 
ATOM   522  C CA  . ARG A 1 68  ? -15.795 -8.704  4.645   1.00 31.12  ? 77  ARG A CA  1 
ATOM   523  C C   . ARG A 1 68  ? -16.579 -10.041 4.751   1.00 36.05  ? 77  ARG A C   1 
ATOM   524  O O   . ARG A 1 68  ? -17.751 -10.025 5.000   1.00 36.50  ? 77  ARG A O   1 
ATOM   525  C CB  . ARG A 1 68  ? -15.719 -8.000  5.981   1.00 28.90  ? 77  ARG A CB  1 
ATOM   526  C CG  . ARG A 1 68  ? -14.865 -6.748  5.994   1.00 28.90  ? 77  ARG A CG  1 
ATOM   527  C CD  . ARG A 1 68  ? -13.427 -7.029  6.365   1.00 26.29  ? 77  ARG A CD  1 
ATOM   528  N NE  . ARG A 1 68  ? -12.527 -5.900  6.347   1.00 24.39  ? 77  ARG A NE  1 
ATOM   529  C CZ  . ARG A 1 68  ? -11.214 -5.975  6.538   1.00 23.45  ? 77  ARG A CZ  1 
ATOM   530  N NH1 . ARG A 1 68  ? -10.671 -7.112  6.817   1.00 25.07  ? 77  ARG A NH1 1 
ATOM   531  N NH2 . ARG A 1 68  ? -10.449 -4.912  6.492   1.00 22.80  ? 77  ARG A NH2 1 
ATOM   532  N N   . VAL A 1 69  ? -15.909 -11.171 4.531   1.00 38.84  ? 78  VAL A N   1 
ATOM   533  C CA  . VAL A 1 69  ? -16.521 -12.509 4.588   1.00 42.54  ? 78  VAL A CA  1 
ATOM   534  C C   . VAL A 1 69  ? -16.169 -13.381 5.808   1.00 52.24  ? 78  VAL A C   1 
ATOM   535  O O   . VAL A 1 69  ? -16.865 -14.315 6.075   1.00 66.16  ? 78  VAL A O   1 
ATOM   536  C CB  . VAL A 1 69  ? -16.406 -13.305 3.262   1.00 36.65  ? 78  VAL A CB  1 
ATOM   537  C CG1 . VAL A 1 69  ? -16.810 -14.756 3.405   1.00 32.65  ? 78  VAL A CG1 1 
ATOM   538  C CG2 . VAL A 1 69  ? -17.292 -12.732 2.206   1.00 35.56  ? 78  VAL A CG2 1 
ATOM   539  N N   . ASN A 1 70  ? -15.069 -13.153 6.474   1.00 51.66  ? 79  ASN A N   1 
ATOM   540  C CA  . ASN A 1 70  ? -14.853 -13.730 7.774   1.00 52.51  ? 79  ASN A CA  1 
ATOM   541  C C   . ASN A 1 70  ? -13.945 -12.771 8.466   1.00 50.98  ? 79  ASN A C   1 
ATOM   542  O O   . ASN A 1 70  ? -12.998 -13.161 9.092   1.00 56.45  ? 79  ASN A O   1 
ATOM   543  C CB  . ASN A 1 70  ? -14.209 -15.108 7.657   1.00 59.20  ? 79  ASN A CB  1 
ATOM   544  C CG  . ASN A 1 70  ? -15.177 -16.258 7.897   1.00 67.68  ? 79  ASN A CG  1 
ATOM   545  O OD1 . ASN A 1 70  ? -15.633 -16.909 6.968   1.00 72.01  ? 79  ASN A OD1 1 
ATOM   546  N ND2 . ASN A 1 70  ? -15.438 -16.551 9.148   1.00 69.71  ? 79  ASN A ND2 1 
ATOM   547  N N   . GLY A 1 71  ? -14.186 -11.496 8.274   1.00 45.80  ? 80  GLY A N   1 
ATOM   548  C CA  . GLY A 1 71  ? -13.234 -10.490 8.655   1.00 41.67  ? 80  GLY A CA  1 
ATOM   549  C C   . GLY A 1 71  ? -12.218 -10.382 7.553   1.00 36.08  ? 80  GLY A C   1 
ATOM   550  O O   . GLY A 1 71  ? -11.398 -9.521  7.547   1.00 39.05  ? 80  GLY A O   1 
ATOM   551  N N   . ALA A 1 72  ? -12.327 -11.285 6.607   1.00 30.65  ? 81  ALA A N   1 
ATOM   552  C CA  . ALA A 1 72  ? -11.466 -11.333 5.406   1.00 29.65  ? 81  ALA A CA  1 
ATOM   553  C C   . ALA A 1 72  ? -11.953 -10.326 4.343   1.00 24.87  ? 81  ALA A C   1 
ATOM   554  O O   . ALA A 1 72  ? -13.113 -10.289 4.060   1.00 26.50  ? 81  ALA A O   1 
ATOM   555  C CB  . ALA A 1 72  ? -11.402 -12.744 4.834   1.00 25.78  ? 81  ALA A CB  1 
ATOM   556  N N   . ILE A 1 73  ? -11.032 -9.547  3.777   1.00 21.89  ? 82  ILE A N   1 
ATOM   557  C CA  . ILE A 1 73  ? -11.379 -8.626  2.642   1.00 19.71  ? 82  ILE A CA  1 
ATOM   558  C C   . ILE A 1 73  ? -11.713 -9.430  1.415   1.00 19.14  ? 82  ILE A C   1 
ATOM   559  O O   . ILE A 1 73  ? -10.987 -10.352 1.019   1.00 20.19  ? 82  ILE A O   1 
ATOM   560  C CB  . ILE A 1 73  ? -10.192 -7.702  2.311   1.00 18.91  ? 82  ILE A CB  1 
ATOM   561  C CG1 . ILE A 1 73  ? -9.817  -6.857  3.573   1.00 21.51  ? 82  ILE A CG1 1 
ATOM   562  C CG2 . ILE A 1 73  ? -10.531 -6.769  1.142   1.00 18.06  ? 82  ILE A CG2 1 
ATOM   563  C CD1 . ILE A 1 73  ? -8.399  -6.236  3.492   1.00 21.72  ? 82  ILE A CD1 1 
ATOM   564  N N   . VAL A 1 74  ? -12.830 -9.107  0.804   1.00 18.93  ? 83  VAL A N   1 
ATOM   565  C CA  . VAL A 1 74  ? -13.181 -9.828  -0.443  1.00 19.15  ? 83  VAL A CA  1 
ATOM   566  C C   . VAL A 1 74  ? -13.584 -8.824  -1.512  1.00 19.70  ? 83  VAL A C   1 
ATOM   567  O O   . VAL A 1 74  ? -14.603 -8.102  -1.384  1.00 19.51  ? 83  VAL A O   1 
ATOM   568  C CB  . VAL A 1 74  ? -14.308 -10.855 -0.207  1.00 18.09  ? 83  VAL A CB  1 
ATOM   569  C CG1 . VAL A 1 74  ? -14.675 -11.543 -1.514  1.00 21.13  ? 83  VAL A CG1 1 
ATOM   570  C CG2 . VAL A 1 74  ? -13.906 -11.875 0.863   1.00 18.17  ? 83  VAL A CG2 1 
ATOM   571  N N   . CYS A 1 75  ? -12.750 -8.744  -2.548  1.00 20.12  ? 84  CYS A N   1 
ATOM   572  C CA  . CYS A 1 75  ? -12.979 -7.767  -3.616  1.00 20.73  ? 84  CYS A CA  1 
ATOM   573  C C   . CYS A 1 75  ? -14.234 -8.137  -4.439  1.00 22.20  ? 84  CYS A C   1 
ATOM   574  O O   . CYS A 1 75  ? -14.361 -9.252  -4.840  1.00 22.29  ? 84  CYS A O   1 
ATOM   575  C CB  . CYS A 1 75  ? -11.692 -7.667  -4.500  1.00 19.45  ? 84  CYS A CB  1 
ATOM   576  S SG  . CYS A 1 75  ? -10.359 -6.823  -3.618  1.00 16.82  ? 84  CYS A SG  1 
ATOM   577  N N   . GLU A 1 76  ? -15.176 -7.197  -4.643  1.00 22.37  ? 85  GLU A N   1 
ATOM   578  C CA  . GLU A 1 76  ? -16.398 -7.516  -5.385  1.00 23.77  ? 85  GLU A CA  1 
ATOM   579  C C   . GLU A 1 76  ? -16.291 -7.065  -6.841  1.00 21.64  ? 85  GLU A C   1 
ATOM   580  O O   . GLU A 1 76  ? -15.434 -6.276  -7.166  1.00 21.46  ? 85  GLU A O   1 
ATOM   581  C CB  . GLU A 1 76  ? -17.627 -6.821  -4.741  1.00 26.46  ? 85  GLU A CB  1 
ATOM   582  C CG  . GLU A 1 76  ? -17.910 -7.388  -3.363  1.00 30.40  ? 85  GLU A CG  1 
ATOM   583  C CD  . GLU A 1 76  ? -18.817 -6.523  -2.524  1.00 30.63  ? 85  GLU A CD  1 
ATOM   584  O OE1 . GLU A 1 76  ? -18.438 -5.380  -2.223  1.00 32.59  ? 85  GLU A OE1 1 
ATOM   585  O OE2 . GLU A 1 76  ? -19.911 -7.010  -2.139  1.00 31.30  ? 85  GLU A OE2 1 
ATOM   586  N N   . LYS A 1 77  ? -17.189 -7.571  -7.672  1.00 20.22  ? 86  LYS A N   1 
ATOM   587  C CA  . LYS A 1 77  ? -17.118 -7.349  -9.117  1.00 21.58  ? 86  LYS A CA  1 
ATOM   588  C C   . LYS A 1 77  ? -17.319 -5.914  -9.510  1.00 17.70  ? 86  LYS A C   1 
ATOM   589  O O   . LYS A 1 77  ? -18.264 -5.256  -9.132  1.00 20.53  ? 86  LYS A O   1 
ATOM   590  C CB  . LYS A 1 77  ? -18.108 -8.282  -9.817  1.00 22.62  ? 86  LYS A CB  1 
ATOM   591  C CG  . LYS A 1 77  ? -17.810 -8.420  -11.296 1.00 33.02  ? 86  LYS A CG  1 
ATOM   592  C CD  . LYS A 1 77  ? -18.850 -9.282  -11.974 1.00 34.00  ? 86  LYS A CD  1 
ATOM   593  C CE  . LYS A 1 77  ? -19.932 -8.383  -12.502 1.00 38.22  ? 86  LYS A CE  1 
ATOM   594  N NZ  . LYS A 1 77  ? -19.528 -7.787  -13.814 1.00 49.22  ? 86  LYS A NZ  1 
ATOM   595  N N   . GLY A 1 78  ? -16.359 -5.304  -10.341 1.00 17.41  ? 88  GLY A N   1 
ATOM   596  C CA  . GLY A 1 78  ? -16.615 -3.980  -10.919 1.00 17.93  ? 88  GLY A CA  1 
ATOM   597  C C   . GLY A 1 78  ? -15.967 -4.033  -12.244 1.00 15.48  ? 88  GLY A C   1 
ATOM   598  O O   . GLY A 1 78  ? -16.076 -5.065  -12.920 1.00 20.30  ? 88  GLY A O   1 
ATOM   599  N N   . THR A 1 79  ? -15.275 -2.963  -12.641 1.00 16.91  ? 89  THR A N   1 
ATOM   600  C CA  . THR A 1 79  ? -14.525 -2.975  -13.929 1.00 14.90  ? 89  THR A CA  1 
ATOM   601  C C   . THR A 1 79  ? -13.263 -3.762  -13.711 1.00 16.83  ? 89  THR A C   1 
ATOM   602  O O   . THR A 1 79  ? -12.910 -4.036  -12.521 1.00 17.33  ? 89  THR A O   1 
ATOM   603  C CB  . THR A 1 79  ? -14.135 -1.547  -14.377 1.00 14.26  ? 89  THR A CB  1 
ATOM   604  O OG1 . THR A 1 79  ? -13.185 -0.999  -13.463 1.00 13.45  ? 89  THR A OG1 1 
ATOM   605  C CG2 . THR A 1 79  ? -15.384 -0.597  -14.362 1.00 16.45  ? 89  THR A CG2 1 
ATOM   606  N N   . SER A 1 80  ? -12.567 -4.109  -14.770 1.00 17.37  ? 90  SER A N   1 
ATOM   607  C CA  . SER A 1 80  ? -11.319 -4.901  -14.610 1.00 16.68  ? 90  SER A CA  1 
ATOM   608  C C   . SER A 1 80  ? -10.254 -4.124  -13.911 1.00 15.46  ? 90  SER A C   1 
ATOM   609  O O   . SER A 1 80  ? -9.473  -4.676  -13.191 1.00 17.46  ? 90  SER A O   1 
ATOM   610  C CB  . SER A 1 80  ? -10.889 -5.523  -15.881 1.00 20.08  ? 90  SER A CB  1 
ATOM   611  O OG  . SER A 1 80  ? -10.759 -4.526  -16.834 1.00 26.19  ? 90  SER A OG  1 
ATOM   612  N N   . CYS A 1 81  ? -10.207 -2.799  -14.129 1.00 15.26  ? 91  CYS A N   1 
ATOM   613  C CA  . CYS A 1 81  ? -9.297  -1.940  -13.428 1.00 15.24  ? 91  CYS A CA  1 
ATOM   614  C C   . CYS A 1 81  ? -9.628  -1.902  -11.939 1.00 14.82  ? 91  CYS A C   1 
ATOM   615  O O   . CYS A 1 81  ? -8.767  -2.032  -11.071 1.00 15.63  ? 91  CYS A O   1 
ATOM   616  C CB  . CYS A 1 81  ? -9.350  -0.482  -13.975 1.00 16.65  ? 91  CYS A CB  1 
ATOM   617  S SG  . CYS A 1 81  ? -8.179  -0.079  -15.336 1.00 16.47  ? 91  CYS A SG  1 
ATOM   618  N N   . GLU A 1 82  ? -10.906 -1.754  -11.632 1.00 15.35  ? 92  GLU A N   1 
ATOM   619  C CA  . GLU A 1 82  ? -11.335 -1.667  -10.220 1.00 15.36  ? 92  GLU A CA  1 
ATOM   620  C C   . GLU A 1 82  ? -11.035 -2.988  -9.500  1.00 15.91  ? 92  GLU A C   1 
ATOM   621  O O   . GLU A 1 82  ? -10.693 -2.970  -8.352  1.00 17.12  ? 92  GLU A O   1 
ATOM   622  C CB  . GLU A 1 82  ? -12.821 -1.290  -10.119 1.00 16.89  ? 92  GLU A CB  1 
ATOM   623  C CG  . GLU A 1 82  ? -13.061 0.095   -10.673 1.00 16.26  ? 92  GLU A CG  1 
ATOM   624  C CD  . GLU A 1 82  ? -14.535 0.478   -10.901 1.00 16.58  ? 92  GLU A CD  1 
ATOM   625  O OE1 . GLU A 1 82  ? -15.430 -0.378  -10.843 1.00 15.31  ? 92  GLU A OE1 1 
ATOM   626  O OE2 . GLU A 1 82  ? -14.737 1.658   -11.229 1.00 18.80  ? 92  GLU A OE2 1 
ATOM   627  N N   . ASN A 1 83  ? -11.248 -4.099  -10.173 1.00 14.55  ? 93  ASN A N   1 
ATOM   628  C CA  . ASN A 1 83  ? -10.998 -5.404  -9.571  1.00 16.66  ? 93  ASN A CA  1 
ATOM   629  C C   . ASN A 1 83  ? -9.508  -5.507  -9.256  1.00 15.03  ? 93  ASN A C   1 
ATOM   630  O O   . ASN A 1 83  ? -9.107  -5.888  -8.104  1.00 15.81  ? 93  ASN A O   1 
ATOM   631  C CB  . ASN A 1 83  ? -11.426 -6.550  -10.548 1.00 19.77  ? 93  ASN A CB  1 
ATOM   632  C CG  . ASN A 1 83  ? -12.941 -6.597  -10.832 1.00 22.30  ? 93  ASN A CG  1 
ATOM   633  O OD1 . ASN A 1 83  ? -13.718 -6.014  -10.136 1.00 22.38  ? 93  ASN A OD1 1 
ATOM   634  N ND2 . ASN A 1 83  ? -13.335 -7.297  -11.929 1.00 23.14  ? 93  ASN A ND2 1 
ATOM   635  N N   . ARG A 1 84  ? -8.679  -5.104  -10.190 1.00 14.39  ? 94  ARG A N   1 
ATOM   636  C CA  . ARG A 1 84  ? -7.205  -5.246  -10.082 1.00 15.27  ? 94  ARG A CA  1 
ATOM   637  C C   . ARG A 1 84  ? -6.624  -4.288  -9.076  1.00 15.80  ? 94  ARG A C   1 
ATOM   638  O O   . ARG A 1 84  ? -5.746  -4.619  -8.329  1.00 16.43  ? 94  ARG A O   1 
ATOM   639  C CB  . ARG A 1 84  ? -6.493  -5.061  -11.407 1.00 15.75  ? 94  ARG A CB  1 
ATOM   640  C CG  . ARG A 1 84  ? -6.789  -6.249  -12.365 1.00 18.94  ? 94  ARG A CG  1 
ATOM   641  C CD  . ARG A 1 84  ? -6.485  -5.955  -13.818 1.00 22.48  ? 94  ARG A CD  1 
ATOM   642  N NE  . ARG A 1 84  ? -5.153  -6.444  -14.162 1.00 31.08  ? 94  ARG A NE  1 
ATOM   643  C CZ  . ARG A 1 84  ? -4.552  -6.253  -15.350 1.00 37.47  ? 94  ARG A CZ  1 
ATOM   644  N NH1 . ARG A 1 84  ? -5.180  -5.513  -16.304 1.00 39.96  ? 94  ARG A NH1 1 
ATOM   645  N NH2 . ARG A 1 84  ? -3.328  -6.746  -15.569 1.00 28.64  ? 94  ARG A NH2 1 
ATOM   646  N N   . ILE A 1 85  ? -7.221  -3.103  -8.988  1.00 15.38  ? 95  ILE A N   1 
ATOM   647  C CA  . ILE A 1 85  ? -6.760  -2.117  -7.989  1.00 13.24  ? 95  ILE A CA  1 
ATOM   648  C C   . ILE A 1 85  ? -7.077  -2.647  -6.584  1.00 12.46  ? 95  ILE A C   1 
ATOM   649  O O   . ILE A 1 85  ? -6.263  -2.561  -5.696  1.00 13.13  ? 95  ILE A O   1 
ATOM   650  C CB  . ILE A 1 85  ? -7.435  -0.724  -8.207  1.00 13.77  ? 95  ILE A CB  1 
ATOM   651  C CG1 . ILE A 1 85  ? -6.942  -0.132  -9.543  1.00 15.21  ? 95  ILE A CG1 1 
ATOM   652  C CG2 . ILE A 1 85  ? -7.053  0.216   -7.076  1.00 14.20  ? 95  ILE A CG2 1 
ATOM   653  C CD1 . ILE A 1 85  ? -7.722  1.096   -9.873  1.00 17.18  ? 95  ILE A CD1 1 
ATOM   654  N N   . CYS A 1 86  ? -8.273  -3.178  -6.428  1.00 12.95  ? 96  CYS A N   1 
ATOM   655  C CA  . CYS A 1 86  ? -8.714  -3.714  -5.138  1.00 14.00  ? 96  CYS A CA  1 
ATOM   656  C C   . CYS A 1 86  ? -7.738  -4.816  -4.654  1.00 14.26  ? 96  CYS A C   1 
ATOM   657  O O   . CYS A 1 86  ? -7.325  -4.823  -3.474  1.00 14.70  ? 96  CYS A O   1 
ATOM   658  C CB  . CYS A 1 86  ? -10.136 -4.288  -5.250  1.00 14.00  ? 96  CYS A CB  1 
ATOM   659  S SG  . CYS A 1 86  ? -10.841 -4.841  -3.651  1.00 16.40  ? 96  CYS A SG  1 
ATOM   660  N N   . GLU A 1 87  ? -7.427  -5.746  -5.541  1.00 15.00  ? 97  GLU A N   1 
ATOM   661  C CA  . GLU A 1 87  ? -6.509  -6.870  -5.138  1.00 15.88  ? 97  GLU A CA  1 
ATOM   662  C C   . GLU A 1 87  ? -5.145  -6.301  -4.735  1.00 16.20  ? 97  GLU A C   1 
ATOM   663  O O   . GLU A 1 87  ? -4.514  -6.818  -3.847  1.00 16.35  ? 97  GLU A O   1 
ATOM   664  C CB  . GLU A 1 87  ? -6.333  -7.842  -6.298  1.00 17.99  ? 97  GLU A CB  1 
ATOM   665  C CG  . GLU A 1 87  ? -7.616  -8.667  -6.545  1.00 18.22  ? 97  GLU A CG  1 
ATOM   666  C CD  . GLU A 1 87  ? -7.992  -9.576  -5.361  1.00 19.25  ? 97  GLU A CD  1 
ATOM   667  O OE1 . GLU A 1 87  ? -7.121  -10.153 -4.727  1.00 21.44  ? 97  GLU A OE1 1 
ATOM   668  O OE2 . GLU A 1 87  ? -9.186  -9.717  -5.087  1.00 20.85  ? 97  GLU A OE2 1 
ATOM   669  N N   . CYS A 1 88  ? -4.698  -5.215  -5.404  1.00 12.84  ? 98  CYS A N   1 
ATOM   670  C CA  . CYS A 1 88  ? -3.409  -4.578  -5.010  1.00 12.25  ? 98  CYS A CA  1 
ATOM   671  C C   . CYS A 1 88  ? -3.455  -3.988  -3.621  1.00 12.90  ? 98  CYS A C   1 
ATOM   672  O O   . CYS A 1 88  ? -2.578  -4.169  -2.796  1.00 12.60  ? 98  CYS A O   1 
ATOM   673  C CB  . CYS A 1 88  ? -2.943  -3.455  -5.937  1.00 13.81  ? 98  CYS A CB  1 
ATOM   674  S SG  . CYS A 1 88  ? -2.505  -3.963  -7.645  1.00 13.45  ? 98  CYS A SG  1 
ATOM   675  N N   . ASP A 1 89  ? -4.577  -3.274  -3.353  1.00 13.41  ? 99  ASP A N   1 
ATOM   676  C CA  . ASP A 1 89  ? -4.740  -2.555  -2.089  1.00 12.65  ? 99  ASP A CA  1 
ATOM   677  C C   . ASP A 1 89  ? -4.982  -3.580  -0.992  1.00 12.95  ? 99  ASP A C   1 
ATOM   678  O O   . ASP A 1 89  ? -4.445  -3.425  0.166   1.00 14.03  ? 99  ASP A O   1 
ATOM   679  C CB  . ASP A 1 89  ? -5.984  -1.629  -2.173  1.00 12.87  ? 99  ASP A CB  1 
ATOM   680  C CG  . ASP A 1 89  ? -5.728  -0.382  -2.966  1.00 13.29  ? 99  ASP A CG  1 
ATOM   681  O OD1 . ASP A 1 89  ? -4.635  -0.199  -3.465  1.00 14.56  ? 99  ASP A OD1 1 
ATOM   682  O OD2 . ASP A 1 89  ? -6.656  0.457   -3.074  1.00 14.63  ? 99  ASP A OD2 1 
ATOM   683  N N   . LYS A 1 90  ? -5.780  -4.605  -1.280  1.00 13.85  ? 100 LYS A N   1 
ATOM   684  C CA  . LYS A 1 90  ? -6.026  -5.693  -0.286  1.00 15.27  ? 100 LYS A CA  1 
ATOM   685  C C   . LYS A 1 90  ? -4.702  -6.339  0.150   1.00 14.38  ? 100 LYS A C   1 
ATOM   686  O O   . LYS A 1 90  ? -4.474  -6.541  1.377   1.00 14.82  ? 100 LYS A O   1 
ATOM   687  C CB  . LYS A 1 90  ? -6.899  -6.800  -0.932  1.00 15.90  ? 100 LYS A CB  1 
ATOM   688  C CG  . LYS A 1 90  ? -7.028  -8.030  -0.054  1.00 15.06  ? 100 LYS A CG  1 
ATOM   689  C CD  . LYS A 1 90  ? -7.849  -9.113  -0.788  1.00 16.62  ? 100 LYS A CD  1 
ATOM   690  C CE  . LYS A 1 90  ? -7.863  -10.367 0.023   1.00 18.34  ? 100 LYS A CE  1 
ATOM   691  N NZ  . LYS A 1 90  ? -8.613  -11.455 -0.708  1.00 18.31  ? 100 LYS A NZ  1 
ATOM   692  N N   . ALA A 1 91  ? -3.810  -6.591  -0.803  1.00 14.58  ? 101 ALA A N   1 
ATOM   693  C CA  . ALA A 1 91  ? -2.523  -7.241  -0.436  1.00 13.66  ? 101 ALA A CA  1 
ATOM   694  C C   . ALA A 1 91  ? -1.693  -6.326  0.475   1.00 15.40  ? 101 ALA A C   1 
ATOM   695  O O   . ALA A 1 91  ? -1.145  -6.762  1.442   1.00 16.91  ? 101 ALA A O   1 
ATOM   696  C CB  . ALA A 1 91  ? -1.723  -7.585  -1.708  1.00 14.22  ? 101 ALA A CB  1 
ATOM   697  N N   . ALA A 1 92  ? -1.659  -5.014  0.138   1.00 14.34  ? 102 ALA A N   1 
ATOM   698  C CA  . ALA A 1 92  ? -0.908  -4.037  0.920   1.00 15.40  ? 102 ALA A CA  1 
ATOM   699  C C   . ALA A 1 92  ? -1.393  -3.929  2.332   1.00 15.45  ? 102 ALA A C   1 
ATOM   700  O O   . ALA A 1 92  ? -0.586  -3.906  3.246   1.00 15.99  ? 102 ALA A O   1 
ATOM   701  C CB  . ALA A 1 92  ? -0.968  -2.666  0.244   1.00 16.34  ? 102 ALA A CB  1 
ATOM   702  N N   . ALA A 1 93  ? -2.720  -3.840  2.530   1.00 16.12  ? 103 ALA A N   1 
ATOM   703  C CA  . ALA A 1 93  ? -3.287  -3.738  3.883   1.00 17.27  ? 103 ALA A CA  1 
ATOM   704  C C   . ALA A 1 93  ? -2.937  -4.966  4.694   1.00 16.44  ? 103 ALA A C   1 
ATOM   705  O O   . ALA A 1 93  ? -2.495  -4.848  5.839   1.00 16.88  ? 103 ALA A O   1 
ATOM   706  C CB  . ALA A 1 93  ? -4.824  -3.555  3.831   1.00 13.73  ? 103 ALA A CB  1 
ATOM   707  N N   . ILE A 1 94  ? -3.135  -6.123  4.121   1.00 15.12  ? 104 ILE A N   1 
ATOM   708  C CA  . ILE A 1 94  ? -2.774  -7.372  4.783   1.00 16.36  ? 104 ILE A CA  1 
ATOM   709  C C   . ILE A 1 94  ? -1.275  -7.447  5.102   1.00 15.49  ? 104 ILE A C   1 
ATOM   710  O O   . ILE A 1 94  ? -0.895  -7.880  6.145   1.00 16.19  ? 104 ILE A O   1 
ATOM   711  C CB  . ILE A 1 94  ? -3.171  -8.555  3.889   1.00 16.13  ? 104 ILE A CB  1 
ATOM   712  C CG1 . ILE A 1 94  ? -4.665  -8.657  3.830   1.00 19.25  ? 104 ILE A CG1 1 
ATOM   713  C CG2 . ILE A 1 94  ? -2.535  -9.871  4.299   1.00 18.56  ? 104 ILE A CG2 1 
ATOM   714  C CD1 . ILE A 1 94  ? -5.139  -9.540  2.701   1.00 29.58  ? 104 ILE A CD1 1 
ATOM   715  N N   . CYS A 1 95  ? -0.483  -7.036  4.150   1.00 15.66  ? 105 CYS A N   1 
ATOM   716  C CA  . CYS A 1 95  ? 0.995   -6.990  4.326   1.00 17.04  ? 105 CYS A CA  1 
ATOM   717  C C   . CYS A 1 95  ? 1.288   -6.084  5.546   1.00 17.65  ? 105 CYS A C   1 
ATOM   718  O O   . CYS A 1 95  ? 2.108   -6.439  6.431   1.00 16.75  ? 105 CYS A O   1 
ATOM   719  C CB  . CYS A 1 95  ? 1.628   -6.337  3.085   1.00 14.35  ? 105 CYS A CB  1 
ATOM   720  S SG  . CYS A 1 95  ? 3.452   -6.624  2.938   1.00 17.36  ? 105 CYS A SG  1 
ATOM   721  N N   . PHE A 1 96  ? 0.635   -4.912  5.583   1.00 16.16  ? 106 PHE A N   1 
ATOM   722  C CA  . PHE A 1 96  ? 0.944   -3.992  6.717   1.00 17.28  ? 106 PHE A CA  1 
ATOM   723  C C   . PHE A 1 96  ? 0.588   -4.726  8.027   1.00 18.23  ? 106 PHE A C   1 
ATOM   724  O O   . PHE A 1 96  ? 1.351   -4.689  8.956   1.00 19.37  ? 106 PHE A O   1 
ATOM   725  C CB  . PHE A 1 96  ? 0.130   -2.664  6.596   1.00 16.79  ? 106 PHE A CB  1 
ATOM   726  C CG  . PHE A 1 96  ? 0.568   -1.747  5.474   1.00 17.32  ? 106 PHE A CG  1 
ATOM   727  C CD1 . PHE A 1 96  ? 1.910   -1.741  5.022   1.00 15.41  ? 106 PHE A CD1 1 
ATOM   728  C CD2 . PHE A 1 96  ? -0.329  -0.866  4.900   1.00 15.57  ? 106 PHE A CD2 1 
ATOM   729  C CE1 . PHE A 1 96  ? 2.300   -0.858  4.012   1.00 16.05  ? 106 PHE A CE1 1 
ATOM   730  C CE2 . PHE A 1 96  ? 0.050   0.014   3.877   1.00 15.50  ? 106 PHE A CE2 1 
ATOM   731  C CZ  . PHE A 1 96  ? 1.355   0.000   3.433   1.00 14.80  ? 106 PHE A CZ  1 
ATOM   732  N N   . ARG A 1 97  ? -0.616  -5.293  8.087   1.00 20.10  ? 107 ARG A N   1 
ATOM   733  C CA  . ARG A 1 97  ? -1.080  -6.057  9.225   1.00 20.30  ? 107 ARG A CA  1 
ATOM   734  C C   . ARG A 1 97  ? -0.059  -7.087  9.672   1.00 23.10  ? 107 ARG A C   1 
ATOM   735  O O   . ARG A 1 97  ? 0.284   -7.158  10.908  1.00 23.97  ? 107 ARG A O   1 
ATOM   736  C CB  . ARG A 1 97  ? -2.403  -6.766  8.959   1.00 20.76  ? 107 ARG A CB  1 
ATOM   737  C CG  . ARG A 1 97  ? -2.827  -7.680  10.063  1.00 22.90  ? 107 ARG A CG  1 
ATOM   738  C CD  . ARG A 1 97  ? -3.288  -6.882  11.269  1.00 23.73  ? 107 ARG A CD  1 
ATOM   739  N NE  . ARG A 1 97  ? -3.682  -7.774  12.382  1.00 29.20  ? 107 ARG A NE  1 
ATOM   740  C CZ  . ARG A 1 97  ? -2.861  -8.191  13.332  1.00 31.02  ? 107 ARG A CZ  1 
ATOM   741  N NH1 . ARG A 1 97  ? -3.315  -8.956  14.293  1.00 27.34  ? 107 ARG A NH1 1 
ATOM   742  N NH2 . ARG A 1 97  ? -1.571  -7.848  13.290  1.00 32.08  ? 107 ARG A NH2 1 
ATOM   743  N N   . GLN A 1 98  ? 0.406   -7.863  8.704   1.00 19.04  ? 108 GLN A N   1 
ATOM   744  C CA  . GLN A 1 98  ? 1.408   -8.916  8.944   1.00 21.84  ? 108 GLN A CA  1 
ATOM   745  C C   . GLN A 1 98  ? 2.727   -8.455  9.552   1.00 20.87  ? 108 GLN A C   1 
ATOM   746  O O   . GLN A 1 98  ? 3.424   -9.230  10.263  1.00 24.40  ? 108 GLN A O   1 
ATOM   747  C CB  . GLN A 1 98  ? 1.643   -9.739  7.690   1.00 21.80  ? 108 GLN A CB  1 
ATOM   748  C CG  . GLN A 1 98  ? 2.490   -11.019 7.906   1.00 25.75  ? 108 GLN A CG  1 
ATOM   749  C CD  . GLN A 1 98  ? 2.229   -12.084 6.818   1.00 28.89  ? 108 GLN A CD  1 
ATOM   750  O OE1 . GLN A 1 98  ? 2.078   -13.271 7.092   1.00 32.22  ? 108 GLN A OE1 1 
ATOM   751  N NE2 . GLN A 1 98  ? 2.115   -11.650 5.608   1.00 26.40  ? 108 GLN A NE2 1 
ATOM   752  N N   . ASN A 1 99  ? 3.087   -7.209  9.328   1.00 20.04  ? 109 ASN A N   1 
ATOM   753  C CA  . ASN A 1 99  ? 4.377   -6.690  9.754   1.00 19.47  ? 109 ASN A CA  1 
ATOM   754  C C   . ASN A 1 99  ? 4.302   -5.573  10.822  1.00 21.40  ? 109 ASN A C   1 
ATOM   755  O O   . ASN A 1 99  ? 5.261   -4.860  11.033  1.00 19.78  ? 109 ASN A O   1 
ATOM   756  C CB  . ASN A 1 99  ? 5.091   -6.245  8.521   1.00 20.00  ? 109 ASN A CB  1 
ATOM   757  C CG  . ASN A 1 99  ? 5.454   -7.386  7.649   1.00 21.01  ? 109 ASN A CG  1 
ATOM   758  O OD1 . ASN A 1 99  ? 6.309   -8.212  8.012   1.00 18.82  ? 109 ASN A OD1 1 
ATOM   759  N ND2 . ASN A 1 99  ? 4.815   -7.497  6.507   1.00 19.39  ? 109 ASN A ND2 1 
ATOM   760  N N   . LEU A 1 100 ? 3.132   -5.366  11.453  1.00 22.34  ? 110 LEU A N   1 
ATOM   761  C CA  . LEU A 1 100 ? 3.017   -4.374  12.501  1.00 22.12  ? 110 LEU A CA  1 
ATOM   762  C C   . LEU A 1 100 ? 4.072   -4.641  13.603  1.00 24.47  ? 110 LEU A C   1 
ATOM   763  O O   . LEU A 1 100 ? 4.543   -3.737  14.303  1.00 25.73  ? 110 LEU A O   1 
ATOM   764  C CB  . LEU A 1 100 ? 1.621   -4.452  13.120  1.00 22.91  ? 110 LEU A CB  1 
ATOM   765  C CG  . LEU A 1 100 ? 0.447   -3.818  12.346  1.00 22.07  ? 110 LEU A CG  1 
ATOM   766  C CD1 . LEU A 1 100 ? -0.875  -4.046  13.083  1.00 20.86  ? 110 LEU A CD1 1 
ATOM   767  C CD2 . LEU A 1 100 ? 0.640   -2.328  12.102  1.00 24.73  ? 110 LEU A CD2 1 
ATOM   768  N N   . ASN A 1 101 ? 4.488   -5.895  13.706  1.00 29.46  ? 111 ASN A N   1 
ATOM   769  C CA  . ASN A 1 101 ? 5.486   -6.271  14.732  1.00 31.83  ? 111 ASN A CA  1 
ATOM   770  C C   . ASN A 1 101 ? 6.868   -5.657  14.527  1.00 31.70  ? 111 ASN A C   1 
ATOM   771  O O   . ASN A 1 101 ? 7.715   -5.707  15.438  1.00 32.22  ? 111 ASN A O   1 
ATOM   772  C CB  . ASN A 1 101 ? 5.605   -7.795  14.821  1.00 32.07  ? 111 ASN A CB  1 
ATOM   773  C CG  . ASN A 1 101 ? 6.184   -8.425  13.544  1.00 39.03  ? 111 ASN A CG  1 
ATOM   774  O OD1 . ASN A 1 101 ? 6.622   -9.581  13.572  1.00 43.72  ? 111 ASN A OD1 1 
ATOM   775  N ND2 . ASN A 1 101 ? 6.177   -7.695  12.431  1.00 36.27  ? 111 ASN A ND2 1 
ATOM   776  N N   . THR A 1 102 ? 7.125   -5.092  13.343  1.00 27.30  ? 112 THR A N   1 
ATOM   777  C CA  . THR A 1 102 ? 8.433   -4.493  13.057  1.00 24.79  ? 112 THR A CA  1 
ATOM   778  C C   . THR A 1 102 ? 8.280   -3.054  12.575  1.00 25.03  ? 112 THR A C   1 
ATOM   779  O O   . THR A 1 102 ? 9.249   -2.407  12.221  1.00 25.70  ? 112 THR A O   1 
ATOM   780  C CB  . THR A 1 102 ? 9.250   -5.297  12.070  1.00 26.22  ? 112 THR A CB  1 
ATOM   781  O OG1 . THR A 1 102 ? 8.511   -5.504  10.861  1.00 24.97  ? 112 THR A OG1 1 
ATOM   782  C CG2 . THR A 1 102 ? 9.658   -6.656  12.628  1.00 23.73  ? 112 THR A CG2 1 
ATOM   783  N N   . TYR A 1 103 ? 7.050   -2.535  12.592  1.00 23.26  ? 113 TYR A N   1 
ATOM   784  C CA  . TYR A 1 103 ? 6.832   -1.176  12.217  1.00 23.13  ? 113 TYR A CA  1 
ATOM   785  C C   . TYR A 1 103 ? 7.692   -0.244  13.110  1.00 26.24  ? 113 TYR A C   1 
ATOM   786  O O   . TYR A 1 103 ? 7.648   -0.363  14.351  1.00 26.03  ? 113 TYR A O   1 
ATOM   787  C CB  . TYR A 1 103 ? 5.301   -0.810  12.334  1.00 24.62  ? 113 TYR A CB  1 
ATOM   788  C CG  . TYR A 1 103 ? 4.969   0.659   11.951  1.00 25.75  ? 113 TYR A CG  1 
ATOM   789  C CD1 . TYR A 1 103 ? 5.351   1.742   12.796  1.00 25.77  ? 113 TYR A CD1 1 
ATOM   790  C CD2 . TYR A 1 103 ? 4.307   0.961   10.767  1.00 25.97  ? 113 TYR A CD2 1 
ATOM   791  C CE1 . TYR A 1 103 ? 5.133   3.055   12.454  1.00 24.09  ? 113 TYR A CE1 1 
ATOM   792  C CE2 . TYR A 1 103 ? 4.070   2.293   10.410  1.00 26.36  ? 113 TYR A CE2 1 
ATOM   793  C CZ  . TYR A 1 103 ? 4.491   3.346   11.273  1.00 28.06  ? 113 TYR A CZ  1 
ATOM   794  O OH  . TYR A 1 103 ? 4.294   4.675   10.916  1.00 23.78  ? 113 TYR A OH  1 
ATOM   795  N N   . SER A 1 104 ? 8.411   0.718   12.494  1.00 25.80  ? 114 SER A N   1 
ATOM   796  C CA  . SER A 1 104 ? 9.176   1.697   13.220  1.00 27.61  ? 114 SER A CA  1 
ATOM   797  C C   . SER A 1 104 ? 8.855   3.133   12.837  1.00 29.80  ? 114 SER A C   1 
ATOM   798  O O   . SER A 1 104 ? 8.903   3.506   11.661  1.00 29.71  ? 114 SER A O   1 
ATOM   799  C CB  . SER A 1 104 ? 10.660  1.431   13.043  1.00 32.64  ? 114 SER A CB  1 
ATOM   800  O OG  . SER A 1 104 ? 10.927  0.052   13.305  1.00 41.04  ? 114 SER A OG  1 
ATOM   801  N N   . LYS A 1 105 ? 8.558   3.964   13.859  1.00 34.58  ? 115 LYS A N   1 
ATOM   802  C CA  . LYS A 1 105 ? 8.261   5.399   13.650  1.00 32.67  ? 115 LYS A CA  1 
ATOM   803  C C   . LYS A 1 105 ? 9.484   6.162   13.103  1.00 28.66  ? 115 LYS A C   1 
ATOM   804  O O   . LYS A 1 105 ? 9.349   7.222   12.500  1.00 31.61  ? 115 LYS A O   1 
ATOM   805  C CB  . LYS A 1 105 ? 7.766   6.079   14.934  1.00 37.49  ? 115 LYS A CB  1 
ATOM   806  C CG  . LYS A 1 105 ? 6.423   5.605   15.408  1.00 41.82  ? 115 LYS A CG  1 
ATOM   807  C CD  . LYS A 1 105 ? 6.136   6.130   16.806  1.00 47.42  ? 115 LYS A CD  1 
ATOM   808  C CE  . LYS A 1 105 ? 4.694   5.778   17.212  1.00 45.43  ? 115 LYS A CE  1 
ATOM   809  N NZ  . LYS A 1 105 ? 4.477   6.166   18.665  1.00 46.30  ? 115 LYS A NZ  1 
ATOM   810  N N   . LYS A 1 106 ? 10.671  5.602   13.291  1.00 29.81  ? 116 LYS A N   1 
ATOM   811  C CA  . LYS A 1 106 ? 11.861  6.211   12.755  1.00 28.15  ? 116 LYS A CA  1 
ATOM   812  C C   . LYS A 1 106 ? 11.882  6.306   11.233  1.00 28.60  ? 116 LYS A C   1 
ATOM   813  O O   . LYS A 1 106 ? 12.637  7.067   10.672  1.00 28.26  ? 116 LYS A O   1 
ATOM   814  C CB  . LYS A 1 106 ? 13.112  5.507   13.282  1.00 31.68  ? 116 LYS A CB  1 
ATOM   815  C CG  . LYS A 1 106 ? 13.380  4.130   12.728  1.00 35.64  ? 116 LYS A CG  1 
ATOM   816  C CD  . LYS A 1 106 ? 14.797  3.680   13.011  1.00 41.13  ? 116 LYS A CD  1 
ATOM   817  C CE  . LYS A 1 106 ? 14.829  2.150   13.003  1.00 46.73  ? 116 LYS A CE  1 
ATOM   818  N NZ  . LYS A 1 106 ? 16.078  1.656   13.655  1.00 52.55  ? 116 LYS A NZ  1 
ATOM   819  N N   . TYR A 1 107 ? 11.082  5.461   10.568  1.00 26.89  ? 117 TYR A N   1 
ATOM   820  C CA  . TYR A 1 107 ? 10.981  5.522   9.125   1.00 27.36  ? 117 TYR A CA  1 
ATOM   821  C C   . TYR A 1 107 ? 9.876   6.451   8.600   1.00 27.09  ? 117 TYR A C   1 
ATOM   822  O O   . TYR A 1 107 ? 9.642   6.539   7.371   1.00 28.29  ? 117 TYR A O   1 
ATOM   823  C CB  . TYR A 1 107 ? 10.806  4.136   8.575   1.00 27.60  ? 117 TYR A CB  1 
ATOM   824  C CG  . TYR A 1 107 ? 12.025  3.240   8.800   1.00 27.06  ? 117 TYR A CG  1 
ATOM   825  C CD1 . TYR A 1 107 ? 13.294  3.630   8.327   1.00 26.77  ? 117 TYR A CD1 1 
ATOM   826  C CD2 . TYR A 1 107 ? 11.899  1.999   9.459   1.00 25.62  ? 117 TYR A CD2 1 
ATOM   827  C CE1 . TYR A 1 107 ? 14.405  2.807   8.529   1.00 28.27  ? 117 TYR A CE1 1 
ATOM   828  C CE2 . TYR A 1 107 ? 13.007  1.184   9.675   1.00 25.84  ? 117 TYR A CE2 1 
ATOM   829  C CZ  . TYR A 1 107 ? 14.228  1.574   9.188   1.00 26.21  ? 117 TYR A CZ  1 
ATOM   830  O OH  . TYR A 1 107 ? 15.300  0.767   9.356   1.00 31.16  ? 117 TYR A OH  1 
ATOM   831  N N   . MET A 1 108 ? 9.196   7.135   9.518   1.00 25.59  ? 118 MET A N   1 
ATOM   832  C CA  . MET A 1 108 ? 8.161   8.110   9.135   1.00 25.59  ? 118 MET A CA  1 
ATOM   833  C C   . MET A 1 108 ? 8.899   9.357   8.607   1.00 28.80  ? 118 MET A C   1 
ATOM   834  O O   . MET A 1 108 ? 9.856   9.817   9.243   1.00 30.45  ? 118 MET A O   1 
ATOM   835  C CB  . MET A 1 108 ? 7.352   8.466   10.378  1.00 27.70  ? 118 MET A CB  1 
ATOM   836  C CG  . MET A 1 108 ? 6.260   7.451   10.737  1.00 28.75  ? 118 MET A CG  1 
ATOM   837  S SD  . MET A 1 108 ? 5.199   7.998   12.118  1.00 33.76  ? 118 MET A SD  1 
ATOM   838  C CE  . MET A 1 108 ? 4.279   9.284   11.335  1.00 27.41  ? 118 MET A CE  1 
ATOM   839  N N   . LEU A 1 109 ? 8.437   9.902   7.482   1.00 27.55  ? 119 LEU A N   1 
ATOM   840  C CA  . LEU A 1 109 ? 8.964   11.106  6.877   1.00 24.15  ? 119 LEU A CA  1 
ATOM   841  C C   . LEU A 1 109 ? 10.415  10.856  6.517   1.00 25.93  ? 119 LEU A C   1 
ATOM   842  O O   . LEU A 1 109 ? 11.255  11.771  6.623   1.00 30.59  ? 119 LEU A O   1 
ATOM   843  C CB  . LEU A 1 109 ? 8.814   12.321  7.803   1.00 25.23  ? 119 LEU A CB  1 
ATOM   844  C CG  . LEU A 1 109 ? 7.426   12.813  8.251   1.00 22.14  ? 119 LEU A CG  1 
ATOM   845  C CD1 . LEU A 1 109 ? 7.542   13.873  9.328   1.00 18.90  ? 119 LEU A CD1 1 
ATOM   846  C CD2 . LEU A 1 109 ? 6.728   13.441  7.093   1.00 21.71  ? 119 LEU A CD2 1 
ATOM   847  N N   . TYR A 1 110 ? 10.729  9.631   6.080   1.00 24.14  ? 120 TYR A N   1 
ATOM   848  C CA  . TYR A 1 110 ? 12.135  9.308   5.683   1.00 23.04  ? 120 TYR A CA  1 
ATOM   849  C C   . TYR A 1 110 ? 12.683  10.162  4.595   1.00 23.30  ? 120 TYR A C   1 
ATOM   850  O O   . TYR A 1 110 ? 11.965  10.523  3.672   1.00 26.36  ? 120 TYR A O   1 
ATOM   851  C CB  . TYR A 1 110 ? 12.228  7.857   5.243   1.00 25.87  ? 120 TYR A CB  1 
ATOM   852  C CG  . TYR A 1 110 ? 13.609  7.264   5.365   1.00 26.48  ? 120 TYR A CG  1 
ATOM   853  C CD1 . TYR A 1 110 ? 14.203  7.070   6.616   1.00 26.29  ? 120 TYR A CD1 1 
ATOM   854  C CD2 . TYR A 1 110 ? 14.285  6.808   4.234   1.00 25.78  ? 120 TYR A CD2 1 
ATOM   855  C CE1 . TYR A 1 110 ? 15.475  6.530   6.707   1.00 29.92  ? 120 TYR A CE1 1 
ATOM   856  C CE2 . TYR A 1 110 ? 15.541  6.261   4.337   1.00 27.00  ? 120 TYR A CE2 1 
ATOM   857  C CZ  . TYR A 1 110 ? 16.113  6.099   5.583   1.00 31.23  ? 120 TYR A CZ  1 
ATOM   858  O OH  . TYR A 1 110 ? 17.352  5.525   5.748   1.00 34.13  ? 120 TYR A OH  1 
ATOM   859  N N   . PRO A 1 111 ? 13.958  10.599  4.708   1.00 24.20  ? 121 PRO A N   1 
ATOM   860  C CA  . PRO A 1 111 ? 14.639  11.407  3.705   1.00 26.16  ? 121 PRO A CA  1 
ATOM   861  C C   . PRO A 1 111 ? 14.855  10.717  2.340   1.00 24.27  ? 121 PRO A C   1 
ATOM   862  O O   . PRO A 1 111 ? 15.346  9.605   2.296   1.00 28.15  ? 121 PRO A O   1 
ATOM   863  C CB  . PRO A 1 111 ? 15.994  11.712  4.372   1.00 23.16  ? 121 PRO A CB  1 
ATOM   864  C CG  . PRO A 1 111 ? 15.669  11.749  5.787   1.00 28.05  ? 121 PRO A CG  1 
ATOM   865  C CD  . PRO A 1 111 ? 14.761  10.536  5.932   1.00 25.86  ? 121 PRO A CD  1 
ATOM   866  N N   . ASP A 1 112 ? 14.478  11.407  1.269   1.00 26.24  ? 122 ASP A N   1 
ATOM   867  C CA  . ASP A 1 112 ? 14.586  10.895  -0.106  1.00 28.52  ? 122 ASP A CA  1 
ATOM   868  C C   . ASP A 1 112 ? 16.022  10.467  -0.512  1.00 33.02  ? 122 ASP A C   1 
ATOM   869  O O   . ASP A 1 112 ? 16.274  9.362   -1.088  1.00 30.46  ? 122 ASP A O   1 
ATOM   870  C CB  . ASP A 1 112 ? 14.117  11.931  -1.116  1.00 26.03  ? 122 ASP A CB  1 
ATOM   871  C CG  . ASP A 1 112 ? 14.501  11.532  -2.546  1.00 32.13  ? 122 ASP A CG  1 
ATOM   872  O OD1 . ASP A 1 112 ? 15.722  11.515  -2.852  1.00 33.28  ? 122 ASP A OD1 1 
ATOM   873  O OD2 . ASP A 1 112 ? 13.588  11.157  -3.341  1.00 31.08  ? 122 ASP A OD2 1 
ATOM   874  N N   . PHE A 1 113 ? 17.151  11.345  -0.107  1.00 26.27  ? 124 PHE A N   1 
ATOM   875  C CA  . PHE A 1 113 ? 18.521  11.061  -0.528  1.00 27.84  ? 124 PHE A CA  1 
ATOM   876  C C   . PHE A 1 113 ? 19.036  9.743   0.079   1.00 29.91  ? 124 PHE A C   1 
ATOM   877  O O   . PHE A 1 113 ? 20.001  9.112   -0.444  1.00 32.69  ? 124 PHE A O   1 
ATOM   878  C CB  . PHE A 1 113 ? 19.454  12.276  -0.176  1.00 30.12  ? 124 PHE A CB  1 
ATOM   879  C CG  . PHE A 1 113 ? 19.907  12.295  1.249   1.00 29.69  ? 124 PHE A CG  1 
ATOM   880  C CD1 . PHE A 1 113 ? 18.998  12.354  2.293   1.00 31.92  ? 124 PHE A CD1 1 
ATOM   881  C CD2 . PHE A 1 113 ? 21.260  12.217  1.566   1.00 33.34  ? 124 PHE A CD2 1 
ATOM   882  C CE1 . PHE A 1 113 ? 19.407  12.333  3.631   1.00 29.43  ? 124 PHE A CE1 1 
ATOM   883  C CE2 . PHE A 1 113 ? 21.688  12.209  2.907   1.00 30.41  ? 124 PHE A CE2 1 
ATOM   884  C CZ  . PHE A 1 113 ? 20.758  12.252  3.931   1.00 32.69  ? 124 PHE A CZ  1 
ATOM   885  N N   . LEU A 1 114 ? 18.402  9.288   1.158   1.00 29.17  ? 125 LEU A N   1 
ATOM   886  C CA  . LEU A 1 114 ? 18.863  8.044   1.805   1.00 27.22  ? 125 LEU A CA  1 
ATOM   887  C C   . LEU A 1 114 ? 18.271  6.791   1.127   1.00 29.73  ? 125 LEU A C   1 
ATOM   888  O O   . LEU A 1 114 ? 18.360  5.661   1.660   1.00 32.26  ? 125 LEU A O   1 
ATOM   889  C CB  . LEU A 1 114 ? 18.516  8.010   3.285   1.00 27.52  ? 125 LEU A CB  1 
ATOM   890  C CG  . LEU A 1 114 ? 19.469  8.725   4.233   1.00 29.93  ? 125 LEU A CG  1 
ATOM   891  C CD1 . LEU A 1 114 ? 18.977  8.507   5.658   1.00 35.24  ? 125 LEU A CD1 1 
ATOM   892  C CD2 . LEU A 1 114 ? 20.905  8.242   4.113   1.00 28.54  ? 125 LEU A CD2 1 
ATOM   893  N N   . CYS A 1 115 ? 17.658  6.981   -0.023  1.00 27.53  ? 126 CYS A N   1 
ATOM   894  C CA  . CYS A 1 115 ? 16.996  5.847   -0.709  1.00 29.77  ? 126 CYS A CA  1 
ATOM   895  C C   . CYS A 1 115 ? 17.779  5.534   -1.921  1.00 32.41  ? 126 CYS A C   1 
ATOM   896  O O   . CYS A 1 115 ? 17.572  6.141   -2.961  1.00 29.50  ? 126 CYS A O   1 
ATOM   897  C CB  . CYS A 1 115 ? 15.583  6.247   -1.108  1.00 28.28  ? 126 CYS A CB  1 
ATOM   898  S SG  . CYS A 1 115 ? 14.519  6.372   0.337   1.00 26.03  ? 126 CYS A SG  1 
ATOM   899  N N   . LYS A 1 116 ? 18.692  4.592   -1.749  1.00 41.85  ? 127 LYS A N   1 
ATOM   900  C CA  . LYS A 1 116 ? 19.636  4.226   -2.798  1.00 54.23  ? 127 LYS A CA  1 
ATOM   901  C C   . LYS A 1 116 ? 19.785  2.705   -2.787  1.00 59.91  ? 127 LYS A C   1 
ATOM   902  O O   . LYS A 1 116 ? 19.748  2.053   -1.707  1.00 55.04  ? 127 LYS A O   1 
ATOM   903  C CB  . LYS A 1 116 ? 21.010  4.879   -2.597  1.00 54.28  ? 127 LYS A CB  1 
ATOM   904  C CG  . LYS A 1 116 ? 21.045  6.402   -2.537  1.00 55.73  ? 127 LYS A CG  1 
ATOM   905  C CD  . LYS A 1 116 ? 22.085  6.803   -1.503  1.00 64.79  ? 127 LYS A CD  1 
ATOM   906  C CE  . LYS A 1 116 ? 21.842  6.051   -0.182  1.00 60.94  ? 127 LYS A CE  1 
ATOM   907  N NZ  . LYS A 1 116 ? 23.088  5.635   0.501   1.00 58.17  ? 127 LYS A NZ  1 
ATOM   908  N N   . GLY A 1 117 ? 19.935  2.171   -4.002  1.00 56.59  ? 128 GLY A N   1 
ATOM   909  C CA  . GLY A 1 117 ? 19.937  0.737   -4.257  1.00 59.37  ? 128 GLY A CA  1 
ATOM   910  C C   . GLY A 1 117 ? 18.876  0.540   -5.339  1.00 66.86  ? 128 GLY A C   1 
ATOM   911  O O   . GLY A 1 117 ? 17.738  0.955   -5.150  1.00 75.06  ? 128 GLY A O   1 
ATOM   912  N N   . GLU A 1 118 ? 19.239  -0.039  -6.491  1.00 74.65  ? 129 GLU A N   1 
ATOM   913  C CA  . GLU A 1 118 ? 18.231  -0.406  -7.513  1.00 76.64  ? 129 GLU A CA  1 
ATOM   914  C C   . GLU A 1 118 ? 17.518  -1.698  -7.111  1.00 77.28  ? 129 GLU A C   1 
ATOM   915  O O   . GLU A 1 118 ? 18.140  -2.647  -6.552  1.00 81.13  ? 129 GLU A O   1 
ATOM   916  C CB  . GLU A 1 118 ? 18.810  -0.542  -8.935  1.00 82.79  ? 129 GLU A CB  1 
ATOM   917  C CG  . GLU A 1 118 ? 19.336  -1.934  -9.311  1.00 87.80  ? 129 GLU A CG  1 
ATOM   918  C CD  . GLU A 1 118 ? 19.605  -2.093  -10.808 1.00 100.28 ? 129 GLU A CD  1 
ATOM   919  O OE1 . GLU A 1 118 ? 19.131  -3.095  -11.403 1.00 89.36  ? 129 GLU A OE1 1 
ATOM   920  O OE2 . GLU A 1 118 ? 20.289  -1.213  -11.397 1.00 102.90 ? 129 GLU A OE2 1 
ATOM   921  N N   . LEU A 1 119 ? 16.213  -1.730  -7.376  1.00 58.76  ? 130 LEU A N   1 
ATOM   922  C CA  . LEU A 1 119 ? 15.478  -2.909  -7.107  1.00 48.88  ? 130 LEU A CA  1 
ATOM   923  C C   . LEU A 1 119 ? 14.382  -2.933  -8.129  1.00 48.16  ? 130 LEU A C   1 
ATOM   924  O O   . LEU A 1 119 ? 13.487  -2.091  -8.117  1.00 49.35  ? 130 LEU A O   1 
ATOM   925  C CB  . LEU A 1 119 ? 14.983  -2.966  -5.658  1.00 49.03  ? 130 LEU A CB  1 
ATOM   926  C CG  . LEU A 1 119 ? 14.378  -4.330  -5.307  1.00 52.92  ? 130 LEU A CG  1 
ATOM   927  C CD1 . LEU A 1 119 ? 15.482  -5.363  -5.176  1.00 58.34  ? 130 LEU A CD1 1 
ATOM   928  C CD2 . LEU A 1 119 ? 13.512  -4.313  -4.050  1.00 55.45  ? 130 LEU A CD2 1 
ATOM   929  N N   . LYS A 1 120 ? 14.397  -3.934  -8.984  1.00 39.84  ? 131 LYS A N   1 
ATOM   930  C CA  . LYS A 1 120 ? 13.325  -4.149  -9.944  1.00 41.18  ? 131 LYS A CA  1 
ATOM   931  C C   . LYS A 1 120 ? 12.132  -4.922  -9.411  1.00 32.67  ? 131 LYS A C   1 
ATOM   932  O O   . LYS A 1 120 ? 12.282  -5.687  -8.511  1.00 26.50  ? 131 LYS A O   1 
ATOM   933  C CB  . LYS A 1 120 ? 13.852  -4.869  -11.168 1.00 43.15  ? 131 LYS A CB  1 
ATOM   934  C CG  . LYS A 1 120 ? 14.747  -4.039  -12.041 1.00 46.33  ? 131 LYS A CG  1 
ATOM   935  C CD  . LYS A 1 120 ? 15.151  -4.841  -13.249 1.00 50.29  ? 131 LYS A CD  1 
ATOM   936  C CE  . LYS A 1 120 ? 16.534  -4.462  -13.759 1.00 51.11  ? 131 LYS A CE  1 
ATOM   937  N NZ  . LYS A 1 120 ? 16.709  -4.810  -15.174 1.00 40.09  ? 131 LYS A NZ  1 
ATOM   938  N N   . CYS A 1 121 ? 10.960  -4.714  -10.010 1.00 21.03  ? 133 CYS A N   1 
ATOM   939  C CA  . CYS A 1 121 ? 9.744   -5.326  -9.513  1.00 24.29  ? 133 CYS A CA  1 
ATOM   940  C C   . CYS A 1 121 ? 9.680   -6.874  -9.549  1.00 28.61  ? 133 CYS A C   1 
ATOM   941  O O   . CYS A 1 121 ? 10.078  -7.424  -10.520 1.00 29.00  ? 133 CYS A O   1 
ATOM   942  C CB  . CYS A 1 121 ? 8.538   -4.751  -10.194 1.00 21.99  ? 133 CYS A CB  1 
ATOM   943  S SG  . CYS A 1 121 ? 8.181   -3.076  -9.706  1.00 22.23  ? 133 CYS A SG  1 
HETATM 944  C C2  . PZZ B 2 .   ? -2.505  9.955   1.077   1.00 48.61  ? 201 PZZ A C2  1 
HETATM 945  C C3  . PZZ B 2 .   ? -3.748  9.334   1.440   1.00 45.02  ? 201 PZZ A C3  1 
HETATM 946  N N1  . PZZ B 2 .   ? -1.500  8.979   1.063   1.00 50.91  ? 201 PZZ A N1  1 
HETATM 947  C C4  . PZZ B 2 .   ? -4.320  6.886   2.003   1.00 44.95  ? 201 PZZ A C4  1 
HETATM 948  C C5  . PZZ B 2 .   ? -3.755  5.620   2.110   1.00 42.41  ? 201 PZZ A C5  1 
HETATM 949  C C6  . PZZ B 2 .   ? -2.394  5.359   1.919   1.00 36.94  ? 201 PZZ A C6  1 
HETATM 950  C C7  . PZZ B 2 .   ? -1.489  6.340   1.571   1.00 43.12  ? 201 PZZ A C7  1 
HETATM 951  C C8  . PZZ B 2 .   ? -3.453  7.911   1.655   1.00 41.83  ? 201 PZZ A C8  1 
HETATM 952  C C9  . PZZ B 2 .   ? -2.007  7.731   1.422   1.00 45.90  ? 201 PZZ A C9  1 
HETATM 953  C C10 . PZZ B 2 .   ? -5.179  9.815   1.649   1.00 44.18  ? 201 PZZ A C10 1 
HETATM 954  N N11 . PZZ B 2 .   ? -5.669  10.982  0.905   1.00 45.58  ? 201 PZZ A N11 1 
HETATM 955  C C12 . PZZ B 2 .   ? -7.078  11.115  1.318   1.00 46.05  ? 201 PZZ A C12 1 
HETATM 956  C C13 . PZZ B 2 .   ? -4.986  12.276  1.165   1.00 49.37  ? 201 PZZ A C13 1 
HETATM 957  C C14 . PZZ B 2 .   ? -0.020  5.989   1.309   1.00 41.56  ? 201 PZZ A C14 1 
HETATM 958  C C15 . PZZ B 2 .   ? 0.385   4.562   1.732   1.00 36.19  ? 201 PZZ A C15 1 
HETATM 959  C C16 . PZZ B 2 .   ? 0.665   3.626   0.539   1.00 39.29  ? 201 PZZ A C16 1 
HETATM 960  O O17 . PZZ B 2 .   ? 1.642   4.096   -0.468  1.00 35.09  ? 201 PZZ A O17 1 
HETATM 961  O O   . HOH C 3 .   ? 1.721   -4.778  -0.775  1.00 17.97  ? 301 HOH A O   1 
HETATM 962  O O   . HOH C 3 .   ? -10.709 -9.728  -7.602  1.00 33.24  ? 302 HOH A O   1 
HETATM 963  O O   . HOH C 3 .   ? 15.041  -3.417  8.410   1.00 40.24  ? 303 HOH A O   1 
HETATM 964  O O   . HOH C 3 .   ? -13.648 9.615   -6.685  1.00 39.01  ? 304 HOH A O   1 
HETATM 965  O O   . HOH C 3 .   ? 0.145   -4.910  -3.286  1.00 14.63  ? 305 HOH A O   1 
HETATM 966  O O   . HOH C 3 .   ? -6.713  -9.726  7.643   1.00 35.37  ? 306 HOH A O   1 
HETATM 967  O O   . HOH C 3 .   ? -4.994  -9.420  -3.009  1.00 16.29  ? 307 HOH A O   1 
HETATM 968  O O   . HOH C 3 .   ? -13.896 -3.562  -17.375 1.00 18.80  ? 308 HOH A O   1 
HETATM 969  O O   . HOH C 3 .   ? 7.945   3.653   -6.641  1.00 27.68  ? 309 HOH A O   1 
HETATM 970  O O   . HOH C 3 .   ? -7.991  -4.141  -18.814 1.00 46.74  ? 310 HOH A O   1 
HETATM 971  O O   . HOH C 3 .   ? -12.439 1.623   -13.991 1.00 16.56  ? 311 HOH A O   1 
HETATM 972  O O   . HOH C 3 .   ? 5.457   6.013   -4.993  1.00 29.27  ? 312 HOH A O   1 
HETATM 973  O O   . HOH C 3 .   ? 11.173  -5.657  8.950   1.00 27.73  ? 313 HOH A O   1 
HETATM 974  O O   . HOH C 3 .   ? 11.713  8.733   1.257   1.00 24.61  ? 314 HOH A O   1 
HETATM 975  O O   . HOH C 3 .   ? -11.198 -1.680  -16.502 1.00 14.24  ? 315 HOH A O   1 
HETATM 976  O O   . HOH C 3 .   ? -11.358 -6.016  -19.517 1.00 21.65  ? 316 HOH A O   1 
HETATM 977  O O   . HOH C 3 .   ? -19.932 -3.554  -1.344  1.00 31.60  ? 317 HOH A O   1 
HETATM 978  O O   . HOH C 3 .   ? -6.590  5.651   7.329   1.00 28.97  ? 318 HOH A O   1 
HETATM 979  O O   . HOH C 3 .   ? 3.681   2.752   -9.107  1.00 21.29  ? 319 HOH A O   1 
HETATM 980  O O   . HOH C 3 .   ? -2.163  -8.100  -4.893  1.00 13.94  ? 320 HOH A O   1 
HETATM 981  O O   . HOH C 3 .   ? -19.488 -11.166 -4.321  1.00 43.35  ? 321 HOH A O   1 
HETATM 982  O O   . HOH C 3 .   ? 16.768  9.579   -4.491  1.00 33.63  ? 322 HOH A O   1 
HETATM 983  O O   . HOH C 3 .   ? 3.756   -13.179 9.944   1.00 40.11  ? 323 HOH A O   1 
HETATM 984  O O   . HOH C 3 .   ? -8.837  2.801   -13.119 1.00 16.09  ? 324 HOH A O   1 
HETATM 985  O O   . HOH C 3 .   ? -10.513 -10.628 -2.946  1.00 23.72  ? 325 HOH A O   1 
HETATM 986  O O   . HOH C 3 .   ? 6.917   -7.213  3.334   1.00 26.82  ? 326 HOH A O   1 
HETATM 987  O O   . HOH C 3 .   ? 17.511  2.706   -7.638  1.00 47.48  ? 327 HOH A O   1 
HETATM 988  O O   . HOH C 3 .   ? 0.445   -7.518  -4.388  1.00 14.85  ? 328 HOH A O   1 
HETATM 989  O O   . HOH C 3 .   ? -1.823  6.412   13.241  1.00 26.52  ? 329 HOH A O   1 
HETATM 990  O O   . HOH C 3 .   ? 2.495   1.811   -2.018  1.00 19.49  ? 330 HOH A O   1 
HETATM 991  O O   . HOH C 3 .   ? -11.097 -13.350 -2.436  1.00 42.81  ? 331 HOH A O   1 
HETATM 992  O O   . HOH C 3 .   ? -20.453 -10.371 -14.781 1.00 39.23  ? 332 HOH A O   1 
HETATM 993  O O   . HOH C 3 .   ? 8.330   -3.262  9.163   1.00 25.51  ? 333 HOH A O   1 
HETATM 994  O O   . HOH C 3 .   ? -3.394  -1.197  -17.411 1.00 28.62  ? 334 HOH A O   1 
HETATM 995  O O   . HOH C 3 .   ? -17.163 -6.261  -15.013 1.00 30.11  ? 335 HOH A O   1 
HETATM 996  O O   . HOH C 3 .   ? -15.221 5.064   -9.591  1.00 24.78  ? 336 HOH A O   1 
HETATM 997  O O   . HOH C 3 .   ? -2.152  2.030   -12.041 1.00 21.40  ? 337 HOH A O   1 
HETATM 998  O O   . HOH C 3 .   ? 18.785  2.043   8.134   1.00 30.54  ? 338 HOH A O   1 
HETATM 999  O O   . HOH C 3 .   ? -3.804  7.251   -9.859  1.00 21.35  ? 339 HOH A O   1 
HETATM 1000 O O   . HOH C 3 .   ? 11.708  -1.693  11.139  1.00 24.51  ? 340 HOH A O   1 
HETATM 1001 O O   . HOH C 3 .   ? 12.876  -4.502  10.868  1.00 35.98  ? 341 HOH A O   1 
HETATM 1002 O O   . HOH C 3 .   ? -16.791 -1.137  2.479   1.00 55.96  ? 342 HOH A O   1 
HETATM 1003 O O   . HOH C 3 .   ? -19.394 -13.401 7.608   1.00 52.56  ? 343 HOH A O   1 
HETATM 1004 O O   . HOH C 3 .   ? -15.341 -3.365  -7.828  1.00 32.66  ? 344 HOH A O   1 
HETATM 1005 O O   . HOH C 3 .   ? -7.163  2.508   -4.698  1.00 15.86  ? 345 HOH A O   1 
HETATM 1006 O O   . HOH C 3 .   ? -22.195 0.424   -2.402  1.00 47.67  ? 346 HOH A O   1 
HETATM 1007 O O   . HOH C 3 .   ? -9.426  6.830   7.168   1.00 36.84  ? 347 HOH A O   1 
HETATM 1008 O O   . HOH C 3 .   ? -4.371  -6.676  -9.273  1.00 24.33  ? 348 HOH A O   1 
HETATM 1009 O O   . HOH C 3 .   ? -17.841 5.707   -7.380  1.00 28.60  ? 349 HOH A O   1 
HETATM 1010 O O   . HOH C 3 .   ? 2.950   -2.106  9.153   1.00 22.06  ? 350 HOH A O   1 
HETATM 1011 O O   . HOH C 3 .   ? 2.441   5.241   13.573  1.00 34.64  ? 351 HOH A O   1 
HETATM 1012 O O   . HOH C 3 .   ? -7.464  2.786   16.100  1.00 37.08  ? 352 HOH A O   1 
HETATM 1013 O O   . HOH C 3 .   ? 3.921   -13.331 4.390   1.00 38.13  ? 353 HOH A O   1 
HETATM 1014 O O   . HOH C 3 .   ? -8.861  -8.918  -9.887  1.00 32.29  ? 354 HOH A O   1 
HETATM 1015 O O   . HOH C 3 .   ? -4.171  -6.551  -19.383 1.00 42.86  ? 355 HOH A O   1 
HETATM 1016 O O   . HOH C 3 .   ? -5.485  8.324   6.597   1.00 29.69  ? 356 HOH A O   1 
HETATM 1017 O O   . HOH C 3 .   ? -6.298  -1.663  -18.415 1.00 28.82  ? 357 HOH A O   1 
HETATM 1018 O O   . HOH C 3 .   ? 19.180  -5.706  -11.726 1.00 54.06  ? 358 HOH A O   1 
HETATM 1019 O O   . HOH C 3 .   ? 5.169   -3.460  -12.141 1.00 31.56  ? 359 HOH A O   1 
HETATM 1020 O O   . HOH C 3 .   ? 17.327  -1.327  6.242   1.00 38.32  ? 360 HOH A O   1 
HETATM 1021 O O   . HOH C 3 .   ? 9.189   5.949   -8.780  1.00 45.84  ? 361 HOH A O   1 
HETATM 1022 O O   . HOH C 3 .   ? -6.040  -9.217  -9.678  1.00 32.31  ? 362 HOH A O   1 
HETATM 1023 O O   . HOH C 3 .   ? -9.385  7.295   4.120   1.00 27.53  ? 363 HOH A O   1 
HETATM 1024 O O   . HOH C 3 .   ? -4.691  4.485   -4.128  1.00 22.59  ? 364 HOH A O   1 
HETATM 1025 O O   . HOH C 3 .   ? -21.834 2.436   -0.620  1.00 67.50  ? 365 HOH A O   1 
HETATM 1026 O O   . HOH C 3 .   ? 2.346   4.890   -5.005  1.00 31.04  ? 366 HOH A O   1 
HETATM 1027 O O   . HOH C 3 .   ? -17.055 -0.997  -0.440  1.00 37.72  ? 367 HOH A O   1 
HETATM 1028 O O   . HOH C 3 .   ? -0.598  4.820   -19.727 1.00 56.80  ? 368 HOH A O   1 
HETATM 1029 O O   . HOH C 3 .   ? -11.075 -8.485  -13.779 1.00 40.38  ? 369 HOH A O   1 
HETATM 1030 O O   . HOH C 3 .   ? 22.762  8.809   1.142   1.00 51.92  ? 370 HOH A O   1 
HETATM 1031 O O   . HOH C 3 .   ? 6.650   -0.596  -11.678 1.00 33.93  ? 371 HOH A O   1 
HETATM 1032 O O   . HOH C 3 .   ? -10.128 -16.492 0.142   1.00 54.03  ? 372 HOH A O   1 
HETATM 1033 O O   . HOH C 3 .   ? 10.606  -2.764  -12.824 1.00 48.20  ? 373 HOH A O   1 
HETATM 1034 O O   . HOH C 3 .   ? -1.676  5.032   -13.594 1.00 37.19  ? 374 HOH A O   1 
HETATM 1035 O O   . HOH C 3 .   ? 7.593   -10.513 7.804   1.00 44.16  ? 375 HOH A O   1 
HETATM 1036 O O   . HOH C 3 .   ? 18.032  -0.500  3.271   1.00 37.42  ? 376 HOH A O   1 
HETATM 1037 O O   . HOH C 3 .   ? -16.162 4.385   1.842   1.00 64.84  ? 377 HOH A O   1 
HETATM 1038 O O   . HOH C 3 .   ? 7.015   1.209   -9.171  1.00 47.52  ? 378 HOH A O   1 
HETATM 1039 O O   . HOH C 3 .   ? 5.236   -9.124  4.500   1.00 28.37  ? 379 HOH A O   1 
HETATM 1040 O O   . HOH C 3 .   ? 7.514   7.329   19.280  1.00 42.52  ? 380 HOH A O   1 
HETATM 1041 O O   . HOH C 3 .   ? -1.141  4.762   15.719  1.00 45.02  ? 381 HOH A O   1 
HETATM 1042 O O   . HOH C 3 .   ? 3.573   -5.502  -16.074 1.00 72.75  ? 382 HOH A O   1 
HETATM 1043 O O   . HOH C 3 .   ? 14.743  -4.327  1.881   1.00 38.39  ? 383 HOH A O   1 
HETATM 1044 O O   . HOH C 3 .   ? -0.765  -8.349  16.422  1.00 31.54  ? 384 HOH A O   1 
HETATM 1045 O O   . HOH C 3 .   ? -13.238 -12.377 -5.498  1.00 47.77  ? 385 HOH A O   1 
HETATM 1046 O O   . HOH C 3 .   ? -19.182 -7.077  4.533   1.00 41.53  ? 386 HOH A O   1 
HETATM 1047 O O   . HOH C 3 .   ? -21.677 -11.893 1.626   1.00 34.78  ? 387 HOH A O   1 
HETATM 1048 O O   . HOH C 3 .   ? -15.776 -8.666  -13.866 1.00 35.89  ? 388 HOH A O   1 
HETATM 1049 O O   . HOH C 3 .   ? -14.714 -3.882  6.446   1.00 40.41  ? 389 HOH A O   1 
HETATM 1050 O O   . HOH C 3 .   ? -8.669  -14.428 -4.301  1.00 52.18  ? 390 HOH A O   1 
HETATM 1051 O O   . HOH C 3 .   ? 5.175   2.354   -12.796 1.00 56.41  ? 391 HOH A O   1 
HETATM 1052 O O   . HOH C 3 .   ? 17.223  13.767  -2.884  1.00 25.69  ? 392 HOH A O   1 
HETATM 1053 O O   . HOH C 3 .   ? -4.755  -8.932  -16.858 1.00 57.99  ? 393 HOH A O   1 
HETATM 1054 O O   . HOH C 3 .   ? -17.109 1.435   -7.937  1.00 42.98  ? 394 HOH A O   1 
HETATM 1055 O O   . HOH C 3 .   ? -17.749 2.521   4.083   1.00 59.37  ? 395 HOH A O   1 
HETATM 1056 O O   . HOH C 3 .   ? 8.466   7.223   0.556   1.00 33.63  ? 396 HOH A O   1 
HETATM 1057 O O   . HOH C 3 .   ? 15.917  -6.347  -7.896  1.00 41.16  ? 397 HOH A O   1 
HETATM 1058 O O   . HOH C 3 .   ? -13.018 -4.855  -6.761  1.00 35.84  ? 398 HOH A O   1 
HETATM 1059 O O   . HOH C 3 .   ? 6.261   -2.423  15.858  1.00 39.82  ? 399 HOH A O   1 
HETATM 1060 O O   . HOH C 3 .   ? -18.706 1.669   0.412   1.00 53.01  ? 400 HOH A O   1 
HETATM 1061 O O   . HOH C 3 .   ? -9.932  8.746   -2.769  1.00 40.03  ? 401 HOH A O   1 
HETATM 1062 O O   . HOH C 3 .   ? -22.331 -1.821  -0.948  1.00 50.41  ? 402 HOH A O   1 
HETATM 1063 O O   . HOH C 3 .   ? -1.192  -5.418  -10.933 1.00 38.18  ? 403 HOH A O   1 
HETATM 1064 O O   . HOH C 3 .   ? 11.719  7.106   -10.545 1.00 49.37  ? 404 HOH A O   1 
HETATM 1065 O O   . HOH C 3 .   ? 13.925  0.743   16.146  1.00 60.95  ? 405 HOH A O   1 
HETATM 1066 O O   . HOH C 3 .   ? 11.062  -10.477 5.416   1.00 59.41  ? 406 HOH A O   1 
HETATM 1067 O O   . HOH C 3 .   ? -16.799 -11.163 7.994   1.00 46.00  ? 407 HOH A O   1 
HETATM 1068 O O   . HOH C 3 .   ? -2.505  -8.368  -7.708  1.00 13.93  ? 408 HOH A O   1 
HETATM 1069 O O   . HOH C 3 .   ? 2.034   -7.429  -7.003  1.00 16.75  ? 409 HOH A O   1 
HETATM 1070 O O   . HOH C 3 .   ? 1.262   3.819   -13.461 1.00 34.73  ? 410 HOH A O   1 
HETATM 1071 O O   . HOH C 3 .   ? 19.723  13.719  -3.930  1.00 34.41  ? 411 HOH A O   1 
HETATM 1072 O O   . HOH C 3 .   ? -6.191  0.573   17.897  1.00 39.24  ? 412 HOH A O   1 
HETATM 1073 O O   . HOH C 3 .   ? -8.898  -13.685 -7.118  1.00 72.75  ? 413 HOH A O   1 
HETATM 1074 O O   . HOH C 3 .   ? -9.706  -13.492 1.191   1.00 70.64  ? 414 HOH A O   1 
HETATM 1075 O O   . HOH C 3 .   ? -16.028 -8.100  9.297   1.00 43.15  ? 415 HOH A O   1 
HETATM 1076 O O   . HOH C 3 .   ? -19.508 4.719   5.219   1.00 44.64  ? 416 HOH A O   1 
HETATM 1077 O O   . HOH C 3 .   ? 19.896  10.124  -4.184  1.00 52.78  ? 417 HOH A O   1 
HETATM 1078 O O   . HOH C 3 .   ? -20.036 -0.128  3.075   1.00 46.82  ? 418 HOH A O   1 
HETATM 1079 O O   . HOH C 3 .   ? -12.900 -17.483 5.003   1.00 44.24  ? 419 HOH A O   1 
HETATM 1080 O O   . HOH C 3 .   ? 23.056  8.792   -6.200  1.00 37.96  ? 420 HOH A O   1 
HETATM 1081 O O   . HOH C 3 .   ? 22.629  11.034  -2.576  1.00 59.06  ? 421 HOH A O   1 
HETATM 1082 O O   . HOH C 3 .   ? 23.228  12.136  -7.006  1.00 58.50  ? 422 HOH A O   1 
HETATM 1083 O O   . HOH C 3 .   ? -17.487 11.473  -1.391  1.00 50.02  ? 423 HOH A O   1 
HETATM 1084 O O   . HOH C 3 .   ? -15.036 3.025   -13.913 1.00 19.20  ? 424 HOH A O   1 
HETATM 1085 O O   . HOH C 3 .   ? -12.639 9.075   -2.842  1.00 40.61  ? 425 HOH A O   1 
HETATM 1086 O O   . HOH C 3 .   ? 18.864  5.335   7.853   1.00 48.73  ? 426 HOH A O   1 
HETATM 1087 O O   . HOH C 3 .   ? 19.436  4.135   -5.818  1.00 37.09  ? 427 HOH A O   1 
HETATM 1088 O O   . HOH C 3 .   ? 5.793   -11.127 11.147  1.00 38.57  ? 428 HOH A O   1 
HETATM 1089 O O   . HOH C 3 .   ? 14.879  -5.858  6.671   1.00 36.30  ? 429 HOH A O   1 
HETATM 1090 O O   . HOH C 3 .   ? 2.504   -9.933  3.557   1.00 19.61  ? 430 HOH A O   1 
HETATM 1091 O O   . HOH C 3 .   ? -13.449 -8.391  -7.789  1.00 42.94  ? 431 HOH A O   1 
HETATM 1092 O O   . HOH C 3 .   ? 10.400  -6.543  -13.041 1.00 36.16  ? 432 HOH A O   1 
HETATM 1093 O O   . HOH C 3 .   ? 12.888  -8.096  8.055   1.00 47.03  ? 433 HOH A O   1 
HETATM 1094 O O   . HOH C 3 .   ? 20.139  7.209   -6.914  1.00 50.27  ? 434 HOH A O   1 
HETATM 1095 O O   . HOH C 3 .   ? 7.620   -6.836  -14.389 1.00 49.32  ? 435 HOH A O   1 
HETATM 1096 O O   . HOH C 3 .   ? 3.264   8.861   18.603  1.00 50.23  ? 436 HOH A O   1 
HETATM 1097 O O   . HOH C 3 .   ? -14.525 -6.468  -17.129 1.00 84.61  ? 437 HOH A O   1 
HETATM 1098 O O   . HOH C 3 .   ? -16.002 -2.214  4.646   1.00 54.38  ? 438 HOH A O   1 
HETATM 1099 O O   . HOH C 3 .   ? -7.574  -3.452  -16.428 1.00 35.66  ? 439 HOH A O   1 
HETATM 1100 O O   . HOH C 3 .   ? -20.611 -3.552  1.176   1.00 58.92  ? 440 HOH A O   1 
HETATM 1101 O O   . HOH C 3 .   ? 7.801   -7.960  10.240  1.00 73.01  ? 441 HOH A O   1 
HETATM 1102 O O   . HOH C 3 .   ? -19.302 9.074   -0.865  1.00 65.97  ? 442 HOH A O   1 
HETATM 1103 O O   . HOH C 3 .   ? 6.152   -9.004  -15.782 1.00 57.44  ? 443 HOH A O   1 
HETATM 1104 O O   . HOH C 3 .   ? -3.276  7.376   -12.432 1.00 43.58  ? 444 HOH A O   1 
HETATM 1105 O O   . HOH C 3 .   ? 17.325  -3.710  9.966   1.00 69.10  ? 445 HOH A O   1 
HETATM 1106 O O   . HOH C 3 .   ? 4.850   8.840   15.897  1.00 52.50  ? 446 HOH A O   1 
HETATM 1107 O O   . HOH C 3 .   ? -20.657 -9.370  6.243   1.00 48.67  ? 447 HOH A O   1 
HETATM 1108 O O   . HOH C 3 .   ? 17.827  -0.238  12.347  1.00 45.07  ? 448 HOH A O   1 
HETATM 1109 O O   . HOH C 3 .   ? 3.219   5.507   21.059  1.00 75.51  ? 449 HOH A O   1 
HETATM 1110 O O   . HOH C 3 .   ? 1.073   3.840   19.439  1.00 45.05  ? 450 HOH A O   1 
HETATM 1111 O O   . HOH C 3 .   ? 2.775   10.526  14.498  1.00 38.31  ? 451 HOH A O   1 
HETATM 1112 O O   . HOH C 3 .   ? 5.233   7.383   22.456  1.00 68.48  ? 452 HOH A O   1 
HETATM 1113 O O   . HOH C 3 .   ? -0.431  3.954   -2.840  1.00 32.06  ? 453 HOH A O   1 
# 
